data_2DM1
#
_entry.id   2DM1
#
_entity_poly.entity_id   1
_entity_poly.type   'polypeptide(L)'
_entity_poly.pdbx_seq_one_letter_code
;GSSGSSGGTAVARYNFAARDMRELSLREGDVVRIYSRIGGDQGWWKGETNGRIGWFPSTYVEEEGIQSGPSSG
;
_entity_poly.pdbx_strand_id   A
#
# COMPACT_ATOMS: atom_id res chain seq x y z
N GLY A 1 3.10 -18.22 10.13
CA GLY A 1 3.72 -17.43 9.08
C GLY A 1 4.12 -16.04 9.56
N SER A 2 3.25 -15.07 9.33
CA SER A 2 3.51 -13.69 9.74
C SER A 2 4.86 -13.22 9.21
N SER A 3 5.14 -13.53 7.96
CA SER A 3 6.41 -13.15 7.34
C SER A 3 6.17 -12.27 6.12
N GLY A 4 7.12 -11.37 5.85
CA GLY A 4 6.99 -10.48 4.71
C GLY A 4 8.32 -9.96 4.24
N SER A 5 8.33 -9.34 3.06
CA SER A 5 9.56 -8.80 2.48
C SER A 5 9.30 -7.44 1.84
N SER A 6 10.37 -6.78 1.40
CA SER A 6 10.26 -5.47 0.77
C SER A 6 10.09 -5.62 -0.74
N GLY A 7 9.41 -4.65 -1.36
CA GLY A 7 9.19 -4.69 -2.78
C GLY A 7 7.73 -4.53 -3.16
N GLY A 8 7.29 -3.29 -3.31
CA GLY A 8 5.91 -3.03 -3.65
C GLY A 8 5.03 -2.79 -2.43
N THR A 9 5.56 -2.03 -1.47
CA THR A 9 4.82 -1.73 -0.25
C THR A 9 4.66 -0.23 -0.06
N ALA A 10 3.52 0.16 0.50
CA ALA A 10 3.24 1.58 0.74
C ALA A 10 2.93 1.83 2.22
N VAL A 11 3.33 2.99 2.71
CA VAL A 11 3.10 3.36 4.10
C VAL A 11 2.14 4.55 4.21
N ALA A 12 1.01 4.33 4.86
CA ALA A 12 0.01 5.39 5.02
C ALA A 12 0.59 6.56 5.81
N ARG A 13 0.93 7.63 5.10
CA ARG A 13 1.48 8.82 5.73
C ARG A 13 0.40 9.66 6.37
N TYR A 14 -0.86 9.26 6.18
CA TYR A 14 -2.00 9.98 6.73
C TYR A 14 -3.13 9.02 7.10
N ASN A 15 -3.72 9.24 8.28
CA ASN A 15 -4.82 8.39 8.75
C ASN A 15 -6.00 8.46 7.80
N PHE A 16 -6.55 7.31 7.44
CA PHE A 16 -7.70 7.24 6.54
C PHE A 16 -8.68 6.18 7.01
N ALA A 17 -9.90 6.62 7.34
CA ALA A 17 -10.93 5.70 7.80
C ALA A 17 -11.82 5.24 6.64
N ALA A 18 -11.88 3.93 6.44
CA ALA A 18 -12.68 3.35 5.37
C ALA A 18 -14.17 3.54 5.64
N ARG A 19 -14.89 4.07 4.63
CA ARG A 19 -16.32 4.29 4.76
C ARG A 19 -17.11 3.08 4.29
N ASP A 20 -16.68 2.50 3.18
CA ASP A 20 -17.35 1.33 2.62
C ASP A 20 -16.64 0.05 3.04
N MET A 21 -17.42 -0.98 3.35
CA MET A 21 -16.87 -2.27 3.76
C MET A 21 -15.83 -2.76 2.75
N ARG A 22 -15.93 -2.27 1.52
CA ARG A 22 -15.00 -2.66 0.46
C ARG A 22 -13.64 -2.01 0.66
N GLU A 23 -13.65 -0.74 1.06
CA GLU A 23 -12.41 0.00 1.28
C GLU A 23 -11.62 -0.60 2.45
N LEU A 24 -10.37 -0.19 2.57
CA LEU A 24 -9.51 -0.68 3.65
C LEU A 24 -9.04 0.46 4.54
N SER A 25 -9.21 0.30 5.84
CA SER A 25 -8.80 1.33 6.81
C SER A 25 -7.28 1.45 6.86
N LEU A 26 -6.79 2.68 6.87
CA LEU A 26 -5.36 2.94 6.93
C LEU A 26 -4.99 3.72 8.18
N ARG A 27 -3.91 3.29 8.84
CA ARG A 27 -3.45 3.95 10.05
C ARG A 27 -2.02 4.46 9.89
N GLU A 28 -1.76 5.66 10.41
CA GLU A 28 -0.43 6.26 10.31
C GLU A 28 0.65 5.25 10.72
N GLY A 29 1.38 4.75 9.73
CA GLY A 29 2.44 3.79 10.01
C GLY A 29 2.02 2.36 9.70
N ASP A 30 0.98 2.22 8.88
CA ASP A 30 0.48 0.91 8.49
C ASP A 30 0.95 0.53 7.10
N VAL A 31 1.81 -0.47 7.01
CA VAL A 31 2.34 -0.93 5.74
C VAL A 31 1.28 -1.71 4.95
N VAL A 32 1.29 -1.53 3.63
CA VAL A 32 0.33 -2.22 2.77
C VAL A 32 1.01 -2.77 1.52
N ARG A 33 0.76 -4.04 1.21
CA ARG A 33 1.34 -4.67 0.04
C ARG A 33 0.51 -4.39 -1.20
N ILE A 34 1.18 -4.27 -2.34
CA ILE A 34 0.50 -4.00 -3.60
C ILE A 34 0.32 -5.28 -4.41
N TYR A 35 -0.89 -5.82 -4.39
CA TYR A 35 -1.20 -7.05 -5.12
C TYR A 35 -1.54 -6.75 -6.57
N SER A 36 -2.54 -5.90 -6.77
CA SER A 36 -2.98 -5.53 -8.12
C SER A 36 -2.95 -4.01 -8.30
N ARG A 37 -2.37 -3.57 -9.41
CA ARG A 37 -2.28 -2.14 -9.70
C ARG A 37 -3.56 -1.65 -10.37
N ILE A 38 -4.16 -2.49 -11.20
CA ILE A 38 -5.38 -2.13 -11.89
C ILE A 38 -6.42 -3.25 -11.78
N GLY A 39 -7.70 -2.86 -11.72
CA GLY A 39 -8.76 -3.83 -11.61
C GLY A 39 -10.13 -3.18 -11.50
N GLY A 40 -10.23 -2.15 -10.68
CA GLY A 40 -11.50 -1.45 -10.50
C GLY A 40 -11.42 0.01 -10.91
N ASP A 41 -10.95 0.85 -9.99
CA ASP A 41 -10.82 2.27 -10.24
C ASP A 41 -9.35 2.68 -10.33
N GLN A 42 -9.06 3.59 -11.25
CA GLN A 42 -7.68 4.06 -11.44
C GLN A 42 -7.15 4.70 -10.15
N GLY A 43 -5.88 4.44 -9.85
CA GLY A 43 -5.28 4.98 -8.65
C GLY A 43 -5.35 4.02 -7.48
N TRP A 44 -6.56 3.62 -7.11
CA TRP A 44 -6.76 2.70 -5.99
C TRP A 44 -5.99 1.41 -6.21
N TRP A 45 -5.44 0.86 -5.13
CA TRP A 45 -4.67 -0.38 -5.21
C TRP A 45 -5.20 -1.41 -4.21
N LYS A 46 -5.02 -2.68 -4.53
CA LYS A 46 -5.48 -3.76 -3.65
C LYS A 46 -4.32 -4.36 -2.87
N GLY A 47 -4.35 -4.18 -1.55
CA GLY A 47 -3.29 -4.71 -0.71
C GLY A 47 -3.83 -5.52 0.46
N GLU A 48 -3.06 -5.58 1.53
CA GLU A 48 -3.47 -6.33 2.72
C GLU A 48 -2.56 -6.00 3.91
N THR A 49 -3.18 -5.79 5.07
CA THR A 49 -2.44 -5.46 6.28
C THR A 49 -3.29 -5.64 7.52
N ASN A 50 -2.67 -6.07 8.62
CA ASN A 50 -3.38 -6.27 9.87
C ASN A 50 -4.52 -7.27 9.69
N GLY A 51 -4.36 -8.18 8.73
CA GLY A 51 -5.37 -9.19 8.47
C GLY A 51 -6.62 -8.59 7.85
N ARG A 52 -6.46 -7.52 7.08
CA ARG A 52 -7.58 -6.88 6.43
C ARG A 52 -7.32 -6.69 4.94
N ILE A 53 -8.34 -6.95 4.12
CA ILE A 53 -8.22 -6.81 2.68
C ILE A 53 -9.33 -5.93 2.11
N GLY A 54 -8.98 -5.07 1.17
CA GLY A 54 -9.97 -4.19 0.56
C GLY A 54 -9.35 -3.22 -0.43
N TRP A 55 -10.02 -2.10 -0.65
CA TRP A 55 -9.53 -1.09 -1.59
C TRP A 55 -9.04 0.15 -0.85
N PHE A 56 -7.77 0.51 -1.06
CA PHE A 56 -7.18 1.67 -0.41
C PHE A 56 -6.49 2.57 -1.43
N PRO A 57 -6.57 3.89 -1.21
CA PRO A 57 -5.95 4.88 -2.10
C PRO A 57 -4.43 4.86 -2.01
N SER A 58 -3.78 5.19 -3.13
CA SER A 58 -2.33 5.21 -3.18
C SER A 58 -1.78 6.61 -2.89
N THR A 59 -2.68 7.60 -2.92
CA THR A 59 -2.29 8.98 -2.66
C THR A 59 -2.11 9.23 -1.17
N TYR A 60 -2.77 8.41 -0.36
CA TYR A 60 -2.69 8.55 1.10
C TYR A 60 -1.49 7.79 1.64
N VAL A 61 -0.86 6.99 0.79
CA VAL A 61 0.32 6.21 1.18
C VAL A 61 1.55 6.68 0.43
N GLU A 62 2.71 6.17 0.83
CA GLU A 62 3.96 6.52 0.19
C GLU A 62 4.74 5.28 -0.21
N GLU A 63 4.86 5.07 -1.52
CA GLU A 63 5.57 3.90 -2.05
C GLU A 63 7.02 3.89 -1.56
N GLU A 64 7.33 2.98 -0.65
CA GLU A 64 8.68 2.86 -0.11
C GLU A 64 9.65 2.35 -1.17
N GLY A 65 10.76 3.06 -1.35
CA GLY A 65 11.75 2.67 -2.33
C GLY A 65 13.06 2.28 -1.69
N ILE A 66 14.16 2.64 -2.35
CA ILE A 66 15.49 2.33 -1.85
C ILE A 66 15.57 2.56 -0.34
N GLN A 67 16.25 1.64 0.36
CA GLN A 67 16.40 1.74 1.81
C GLN A 67 17.87 1.63 2.21
N SER A 68 18.34 2.62 2.94
CA SER A 68 19.73 2.64 3.40
C SER A 68 20.00 1.50 4.39
N GLY A 69 21.04 0.72 4.12
CA GLY A 69 21.37 -0.38 4.99
C GLY A 69 22.54 -0.06 5.91
N PRO A 70 23.76 -0.38 5.47
CA PRO A 70 24.98 -0.13 6.25
C PRO A 70 25.30 1.34 6.35
N SER A 71 24.69 2.02 7.32
CA SER A 71 24.91 3.45 7.53
C SER A 71 25.41 3.72 8.94
N SER A 72 26.70 4.06 9.05
CA SER A 72 27.30 4.35 10.34
C SER A 72 27.36 5.85 10.60
N GLY A 73 27.58 6.23 11.86
CA GLY A 73 27.66 7.64 12.21
C GLY A 73 28.90 8.32 11.64
N GLY A 1 17.91 -10.80 -6.11
CA GLY A 1 18.70 -11.28 -7.23
C GLY A 1 19.13 -10.15 -8.16
N SER A 2 19.82 -10.50 -9.23
CA SER A 2 20.29 -9.51 -10.20
C SER A 2 19.17 -9.12 -11.16
N SER A 3 18.68 -10.10 -11.92
CA SER A 3 17.62 -9.86 -12.88
C SER A 3 16.29 -9.63 -12.18
N GLY A 4 15.72 -8.44 -12.36
CA GLY A 4 14.45 -8.10 -11.73
C GLY A 4 14.63 -7.33 -10.44
N SER A 5 13.63 -6.54 -10.09
CA SER A 5 13.68 -5.73 -8.88
C SER A 5 12.58 -6.16 -7.91
N SER A 6 12.95 -6.35 -6.64
CA SER A 6 12.00 -6.76 -5.61
C SER A 6 11.56 -5.56 -4.78
N GLY A 7 10.30 -5.18 -4.92
CA GLY A 7 9.77 -4.05 -4.17
C GLY A 7 8.33 -3.74 -4.54
N GLY A 8 7.44 -3.84 -3.55
CA GLY A 8 6.04 -3.56 -3.80
C GLY A 8 5.26 -3.32 -2.52
N THR A 9 5.78 -2.43 -1.67
CA THR A 9 5.14 -2.11 -0.41
C THR A 9 5.03 -0.60 -0.21
N ALA A 10 3.90 -0.17 0.34
CA ALA A 10 3.68 1.26 0.58
C ALA A 10 3.38 1.52 2.06
N VAL A 11 3.58 2.77 2.48
CA VAL A 11 3.34 3.15 3.87
C VAL A 11 2.30 4.26 3.96
N ALA A 12 1.32 4.08 4.84
CA ALA A 12 0.27 5.07 5.02
C ALA A 12 0.81 6.32 5.71
N ARG A 13 0.90 7.42 4.98
CA ARG A 13 1.39 8.68 5.53
C ARG A 13 0.28 9.42 6.27
N TYR A 14 -0.94 8.90 6.17
CA TYR A 14 -2.08 9.53 6.83
C TYR A 14 -3.15 8.49 7.15
N ASN A 15 -3.89 8.71 8.22
CA ASN A 15 -4.95 7.80 8.64
C ASN A 15 -6.16 7.92 7.71
N PHE A 16 -6.70 6.78 7.30
CA PHE A 16 -7.86 6.76 6.41
C PHE A 16 -9.01 5.98 7.04
N ALA A 17 -10.24 6.31 6.64
CA ALA A 17 -11.41 5.64 7.17
C ALA A 17 -12.19 4.95 6.05
N ALA A 18 -12.06 3.63 5.98
CA ALA A 18 -12.74 2.85 4.95
C ALA A 18 -14.25 3.09 5.00
N ARG A 19 -14.75 3.86 4.04
CA ARG A 19 -16.18 4.16 3.97
C ARG A 19 -17.02 2.92 4.23
N ASP A 20 -16.57 1.80 3.69
CA ASP A 20 -17.28 0.53 3.86
C ASP A 20 -16.32 -0.64 3.77
N MET A 21 -16.82 -1.84 4.10
CA MET A 21 -15.99 -3.05 4.06
C MET A 21 -15.08 -3.04 2.83
N ARG A 22 -15.67 -2.87 1.66
CA ARG A 22 -14.90 -2.84 0.41
C ARG A 22 -13.59 -2.10 0.61
N GLU A 23 -13.67 -0.84 1.01
CA GLU A 23 -12.48 -0.02 1.22
C GLU A 23 -11.62 -0.60 2.35
N LEU A 24 -10.40 -0.10 2.45
CA LEU A 24 -9.47 -0.57 3.49
C LEU A 24 -8.93 0.59 4.30
N SER A 25 -9.20 0.59 5.60
CA SER A 25 -8.74 1.66 6.49
C SER A 25 -7.22 1.58 6.68
N LEU A 26 -6.59 2.74 6.82
CA LEU A 26 -5.15 2.81 7.01
C LEU A 26 -4.80 3.64 8.25
N ARG A 27 -3.76 3.22 8.95
CA ARG A 27 -3.32 3.92 10.16
C ARG A 27 -1.89 4.43 9.99
N GLU A 28 -1.67 5.68 10.38
CA GLU A 28 -0.34 6.28 10.28
C GLU A 28 0.74 5.28 10.67
N GLY A 29 1.43 4.75 9.67
CA GLY A 29 2.49 3.78 9.93
C GLY A 29 2.09 2.37 9.51
N ASP A 30 0.96 2.25 8.84
CA ASP A 30 0.47 0.95 8.39
C ASP A 30 1.06 0.60 7.02
N VAL A 31 1.80 -0.49 6.96
CA VAL A 31 2.42 -0.94 5.71
C VAL A 31 1.46 -1.80 4.90
N VAL A 32 1.18 -1.37 3.68
CA VAL A 32 0.28 -2.11 2.79
C VAL A 32 1.04 -2.79 1.67
N ARG A 33 0.61 -3.99 1.30
CA ARG A 33 1.26 -4.74 0.24
C ARG A 33 0.45 -4.65 -1.05
N ILE A 34 0.93 -3.82 -1.98
CA ILE A 34 0.26 -3.64 -3.26
C ILE A 34 0.23 -4.94 -4.06
N TYR A 35 -0.94 -5.56 -4.12
CA TYR A 35 -1.09 -6.82 -4.86
C TYR A 35 -1.54 -6.56 -6.29
N SER A 36 -2.62 -5.80 -6.44
CA SER A 36 -3.15 -5.47 -7.76
C SER A 36 -3.09 -3.97 -8.02
N ARG A 37 -2.86 -3.60 -9.28
CA ARG A 37 -2.77 -2.20 -9.66
C ARG A 37 -4.01 -1.77 -10.45
N ILE A 38 -4.42 -2.61 -11.39
CA ILE A 38 -5.60 -2.32 -12.21
C ILE A 38 -6.87 -2.42 -11.39
N GLY A 39 -7.86 -1.60 -11.74
CA GLY A 39 -9.12 -1.62 -11.03
C GLY A 39 -9.17 -0.60 -9.90
N GLY A 40 -10.33 0.02 -9.71
CA GLY A 40 -10.48 1.01 -8.66
C GLY A 40 -11.09 2.30 -9.16
N ASP A 41 -10.57 3.42 -8.67
CA ASP A 41 -11.06 4.73 -9.07
C ASP A 41 -9.96 5.55 -9.73
N GLN A 42 -9.22 4.93 -10.65
CA GLN A 42 -8.14 5.61 -11.34
C GLN A 42 -7.11 6.15 -10.35
N GLY A 43 -7.03 5.52 -9.18
CA GLY A 43 -6.08 5.95 -8.17
C GLY A 43 -6.19 5.15 -6.90
N TRP A 44 -6.51 3.87 -7.03
CA TRP A 44 -6.65 2.99 -5.87
C TRP A 44 -5.98 1.65 -6.12
N TRP A 45 -5.56 0.98 -5.04
CA TRP A 45 -4.91 -0.32 -5.15
C TRP A 45 -5.47 -1.29 -4.13
N LYS A 46 -5.23 -2.58 -4.36
CA LYS A 46 -5.72 -3.61 -3.44
C LYS A 46 -4.55 -4.28 -2.71
N GLY A 47 -4.48 -4.07 -1.40
CA GLY A 47 -3.42 -4.65 -0.61
C GLY A 47 -3.94 -5.32 0.66
N GLU A 48 -3.06 -5.46 1.64
CA GLU A 48 -3.43 -6.08 2.92
C GLU A 48 -2.50 -5.63 4.03
N THR A 49 -3.07 -5.42 5.22
CA THR A 49 -2.29 -4.99 6.37
C THR A 49 -3.08 -5.15 7.67
N ASN A 50 -2.39 -5.41 8.76
CA ASN A 50 -3.02 -5.59 10.06
C ASN A 50 -4.22 -6.54 9.95
N GLY A 51 -4.15 -7.45 8.99
CA GLY A 51 -5.22 -8.41 8.80
C GLY A 51 -6.45 -7.78 8.17
N ARG A 52 -6.24 -6.77 7.33
CA ARG A 52 -7.33 -6.08 6.66
C ARG A 52 -7.09 -6.00 5.16
N ILE A 53 -8.06 -6.45 4.39
CA ILE A 53 -7.95 -6.43 2.93
C ILE A 53 -9.11 -5.66 2.30
N GLY A 54 -8.79 -4.83 1.32
CA GLY A 54 -9.82 -4.05 0.65
C GLY A 54 -9.24 -3.04 -0.32
N TRP A 55 -10.02 -2.01 -0.64
CA TRP A 55 -9.58 -0.97 -1.57
C TRP A 55 -9.12 0.27 -0.82
N PHE A 56 -7.85 0.63 -1.00
CA PHE A 56 -7.28 1.80 -0.34
C PHE A 56 -6.63 2.74 -1.35
N PRO A 57 -6.73 4.04 -1.09
CA PRO A 57 -6.15 5.07 -1.98
C PRO A 57 -4.63 5.08 -1.92
N SER A 58 -4.01 5.34 -3.06
CA SER A 58 -2.55 5.38 -3.15
C SER A 58 -2.02 6.75 -2.73
N THR A 59 -2.88 7.77 -2.80
CA THR A 59 -2.50 9.12 -2.43
C THR A 59 -2.26 9.23 -0.93
N TYR A 60 -2.87 8.33 -0.17
CA TYR A 60 -2.72 8.32 1.29
C TYR A 60 -1.44 7.60 1.70
N VAL A 61 -0.90 6.79 0.78
CA VAL A 61 0.32 6.04 1.06
C VAL A 61 1.43 6.45 0.10
N GLU A 62 2.67 6.08 0.44
CA GLU A 62 3.82 6.40 -0.39
C GLU A 62 4.65 5.16 -0.69
N GLU A 63 5.03 5.00 -1.95
CA GLU A 63 5.83 3.84 -2.36
C GLU A 63 7.31 4.08 -2.08
N GLU A 64 7.83 3.42 -1.04
CA GLU A 64 9.22 3.56 -0.67
C GLU A 64 10.00 2.28 -0.99
N GLY A 65 11.26 2.45 -1.37
CA GLY A 65 12.09 1.30 -1.69
C GLY A 65 13.01 0.90 -0.56
N ILE A 66 12.41 0.55 0.58
CA ILE A 66 13.17 0.14 1.76
C ILE A 66 13.32 -1.36 1.81
N GLN A 67 14.53 -1.83 2.14
CA GLN A 67 14.81 -3.25 2.23
C GLN A 67 14.68 -3.74 3.67
N SER A 68 14.56 -5.05 3.84
CA SER A 68 14.43 -5.65 5.16
C SER A 68 15.76 -6.24 5.63
N GLY A 69 16.27 -7.20 4.86
CA GLY A 69 17.53 -7.83 5.21
C GLY A 69 17.64 -9.25 4.68
N PRO A 70 17.27 -10.23 5.51
CA PRO A 70 17.33 -11.65 5.13
C PRO A 70 16.27 -12.00 4.09
N SER A 71 16.68 -11.98 2.82
CA SER A 71 15.76 -12.30 1.72
C SER A 71 16.18 -13.60 1.04
N SER A 72 15.22 -14.23 0.37
CA SER A 72 15.49 -15.49 -0.32
C SER A 72 16.81 -15.42 -1.09
N GLY A 73 17.63 -16.46 -0.94
CA GLY A 73 18.91 -16.50 -1.62
C GLY A 73 19.90 -17.41 -0.93
N GLY A 1 16.97 -15.25 3.36
CA GLY A 1 17.48 -16.15 2.34
C GLY A 1 17.19 -15.68 0.93
N SER A 2 16.78 -16.61 0.07
CA SER A 2 16.47 -16.27 -1.31
C SER A 2 14.97 -16.03 -1.49
N SER A 3 14.58 -14.76 -1.49
CA SER A 3 13.18 -14.39 -1.63
C SER A 3 12.67 -14.76 -3.03
N GLY A 4 13.49 -14.49 -4.04
CA GLY A 4 13.11 -14.79 -5.41
C GLY A 4 12.21 -13.73 -6.00
N SER A 5 11.26 -13.24 -5.20
CA SER A 5 10.34 -12.22 -5.66
C SER A 5 9.70 -11.48 -4.48
N SER A 6 9.88 -10.16 -4.45
CA SER A 6 9.33 -9.35 -3.37
C SER A 6 9.26 -7.87 -3.79
N GLY A 7 8.47 -7.10 -3.05
CA GLY A 7 8.34 -5.69 -3.36
C GLY A 7 6.89 -5.27 -3.51
N GLY A 8 6.68 -4.06 -4.02
CA GLY A 8 5.32 -3.56 -4.21
C GLY A 8 4.61 -3.32 -2.89
N THR A 9 5.16 -2.41 -2.09
CA THR A 9 4.57 -2.08 -0.79
C THR A 9 4.52 -0.57 -0.58
N ALA A 10 3.57 -0.14 0.24
CA ALA A 10 3.41 1.28 0.54
C ALA A 10 3.27 1.52 2.04
N VAL A 11 3.46 2.78 2.45
CA VAL A 11 3.36 3.13 3.86
C VAL A 11 2.32 4.22 4.08
N ALA A 12 1.47 4.02 5.08
CA ALA A 12 0.42 4.99 5.40
C ALA A 12 1.01 6.31 5.87
N ARG A 13 0.78 7.37 5.10
CA ARG A 13 1.29 8.68 5.43
C ARG A 13 0.28 9.46 6.26
N TYR A 14 -0.99 9.08 6.16
CA TYR A 14 -2.05 9.74 6.91
C TYR A 14 -3.19 8.76 7.22
N ASN A 15 -3.80 8.94 8.39
CA ASN A 15 -4.90 8.08 8.81
C ASN A 15 -6.07 8.17 7.83
N PHE A 16 -6.73 7.04 7.61
CA PHE A 16 -7.87 7.00 6.70
C PHE A 16 -8.84 5.88 7.08
N ALA A 17 -10.11 6.23 7.24
CA ALA A 17 -11.13 5.25 7.62
C ALA A 17 -11.93 4.80 6.40
N ALA A 18 -11.97 3.50 6.16
CA ALA A 18 -12.71 2.95 5.04
C ALA A 18 -14.19 3.32 5.10
N ARG A 19 -14.73 3.76 3.97
CA ARG A 19 -16.14 4.15 3.90
C ARG A 19 -17.04 2.94 3.94
N ASP A 20 -16.67 1.90 3.19
CA ASP A 20 -17.46 0.67 3.15
C ASP A 20 -16.57 -0.55 3.32
N MET A 21 -17.18 -1.69 3.64
CA MET A 21 -16.45 -2.92 3.85
C MET A 21 -15.51 -3.19 2.67
N ARG A 22 -15.80 -2.57 1.54
CA ARG A 22 -14.99 -2.74 0.34
C ARG A 22 -13.63 -2.05 0.50
N GLU A 23 -13.66 -0.81 0.97
CA GLU A 23 -12.43 -0.04 1.17
C GLU A 23 -11.63 -0.59 2.33
N LEU A 24 -10.36 -0.21 2.40
CA LEU A 24 -9.48 -0.67 3.47
C LEU A 24 -8.95 0.51 4.29
N SER A 25 -9.02 0.38 5.60
CA SER A 25 -8.55 1.44 6.50
C SER A 25 -7.03 1.55 6.46
N LEU A 26 -6.51 2.72 6.84
CA LEU A 26 -5.08 2.95 6.85
C LEU A 26 -4.67 3.81 8.03
N ARG A 27 -3.59 3.42 8.71
CA ARG A 27 -3.10 4.16 9.86
C ARG A 27 -1.66 4.61 9.65
N GLU A 28 -1.32 5.76 10.21
CA GLU A 28 0.03 6.30 10.08
C GLU A 28 1.08 5.24 10.44
N GLY A 29 1.69 4.66 9.41
CA GLY A 29 2.70 3.65 9.63
C GLY A 29 2.31 2.31 9.03
N ASP A 30 1.02 2.00 9.07
CA ASP A 30 0.52 0.74 8.52
C ASP A 30 1.11 0.47 7.14
N VAL A 31 1.86 -0.63 7.04
CA VAL A 31 2.49 -1.01 5.78
C VAL A 31 1.59 -1.93 4.97
N VAL A 32 1.07 -1.42 3.86
CA VAL A 32 0.20 -2.20 2.99
C VAL A 32 0.98 -2.82 1.83
N ARG A 33 0.56 -4.02 1.42
CA ARG A 33 1.22 -4.73 0.34
C ARG A 33 0.42 -4.59 -0.96
N ILE A 34 0.90 -3.76 -1.87
CA ILE A 34 0.22 -3.54 -3.14
C ILE A 34 0.15 -4.83 -3.95
N TYR A 35 -1.01 -5.47 -3.94
CA TYR A 35 -1.21 -6.72 -4.67
C TYR A 35 -1.52 -6.45 -6.14
N SER A 36 -2.54 -5.63 -6.38
CA SER A 36 -2.94 -5.28 -7.73
C SER A 36 -3.13 -3.78 -7.89
N ARG A 37 -2.78 -3.25 -9.06
CA ARG A 37 -2.91 -1.83 -9.34
C ARG A 37 -4.23 -1.52 -10.03
N ILE A 38 -4.60 -2.38 -10.99
CA ILE A 38 -5.84 -2.19 -11.73
C ILE A 38 -7.04 -2.54 -10.87
N GLY A 39 -8.23 -2.22 -11.38
CA GLY A 39 -9.46 -2.51 -10.64
C GLY A 39 -10.30 -1.27 -10.40
N GLY A 40 -10.19 -0.70 -9.21
CA GLY A 40 -10.94 0.49 -8.88
C GLY A 40 -10.52 1.70 -9.69
N ASP A 41 -11.11 2.85 -9.39
CA ASP A 41 -10.78 4.08 -10.10
C ASP A 41 -9.27 4.24 -10.26
N GLN A 42 -8.85 4.95 -11.30
CA GLN A 42 -7.44 5.16 -11.56
C GLN A 42 -6.72 5.68 -10.33
N GLY A 43 -5.97 4.81 -9.67
CA GLY A 43 -5.25 5.19 -8.47
C GLY A 43 -5.47 4.23 -7.32
N TRP A 44 -6.72 3.82 -7.13
CA TRP A 44 -7.06 2.90 -6.06
C TRP A 44 -6.44 1.53 -6.29
N TRP A 45 -5.77 1.00 -5.27
CA TRP A 45 -5.13 -0.30 -5.36
C TRP A 45 -5.75 -1.29 -4.39
N LYS A 46 -5.20 -2.49 -4.33
CA LYS A 46 -5.69 -3.53 -3.43
C LYS A 46 -4.53 -4.20 -2.68
N GLY A 47 -4.54 -4.07 -1.36
CA GLY A 47 -3.50 -4.67 -0.55
C GLY A 47 -4.04 -5.30 0.71
N GLU A 48 -3.17 -5.50 1.70
CA GLU A 48 -3.56 -6.10 2.96
C GLU A 48 -2.63 -5.69 4.09
N THR A 49 -3.19 -5.50 5.28
CA THR A 49 -2.41 -5.09 6.44
C THR A 49 -3.22 -5.21 7.73
N ASN A 50 -2.54 -5.50 8.83
CA ASN A 50 -3.20 -5.65 10.12
C ASN A 50 -4.41 -6.57 10.01
N GLY A 51 -4.33 -7.54 9.10
CA GLY A 51 -5.43 -8.47 8.92
C GLY A 51 -6.64 -7.82 8.28
N ARG A 52 -6.40 -6.79 7.47
CA ARG A 52 -7.48 -6.08 6.80
C ARG A 52 -7.25 -6.02 5.30
N ILE A 53 -8.23 -6.49 4.53
CA ILE A 53 -8.12 -6.48 3.08
C ILE A 53 -9.21 -5.62 2.45
N GLY A 54 -8.91 -5.07 1.27
CA GLY A 54 -9.88 -4.23 0.58
C GLY A 54 -9.23 -3.26 -0.37
N TRP A 55 -9.97 -2.24 -0.78
CA TRP A 55 -9.46 -1.23 -1.70
C TRP A 55 -9.00 0.01 -0.95
N PHE A 56 -7.72 0.36 -1.12
CA PHE A 56 -7.16 1.52 -0.46
C PHE A 56 -6.53 2.48 -1.47
N PRO A 57 -6.62 3.79 -1.20
CA PRO A 57 -6.06 4.82 -2.07
C PRO A 57 -4.54 4.83 -2.07
N SER A 58 -3.95 5.56 -3.02
CA SER A 58 -2.50 5.64 -3.12
C SER A 58 -2.00 7.01 -2.67
N THR A 59 -2.89 8.00 -2.69
CA THR A 59 -2.54 9.35 -2.28
C THR A 59 -2.35 9.44 -0.77
N TYR A 60 -2.98 8.52 -0.04
CA TYR A 60 -2.88 8.50 1.41
C TYR A 60 -1.65 7.72 1.86
N VAL A 61 -1.12 6.88 0.97
CA VAL A 61 0.05 6.09 1.27
C VAL A 61 1.21 6.42 0.32
N GLU A 62 2.41 6.02 0.70
CA GLU A 62 3.60 6.27 -0.12
C GLU A 62 4.23 4.97 -0.58
N GLU A 63 4.48 4.87 -1.88
CA GLU A 63 5.08 3.67 -2.46
C GLU A 63 6.57 3.61 -2.14
N GLU A 64 6.95 2.70 -1.24
CA GLU A 64 8.33 2.54 -0.85
C GLU A 64 9.21 2.21 -2.05
N GLY A 65 10.52 2.37 -1.89
CA GLY A 65 11.44 2.08 -2.97
C GLY A 65 12.78 2.78 -2.80
N ILE A 66 13.80 2.28 -3.49
CA ILE A 66 15.13 2.85 -3.41
C ILE A 66 15.11 4.35 -3.70
N GLN A 67 15.93 5.11 -2.99
CA GLN A 67 16.01 6.55 -3.18
C GLN A 67 17.32 6.95 -3.85
N SER A 68 17.34 8.14 -4.44
CA SER A 68 18.54 8.64 -5.12
C SER A 68 18.76 10.11 -4.81
N GLY A 69 20.02 10.49 -4.70
CA GLY A 69 20.35 11.89 -4.41
C GLY A 69 21.45 12.02 -3.38
N PRO A 70 21.52 13.19 -2.72
CA PRO A 70 22.53 13.46 -1.70
C PRO A 70 22.31 12.66 -0.43
N SER A 71 23.32 11.89 -0.02
CA SER A 71 23.23 11.06 1.17
C SER A 71 23.55 11.88 2.41
N SER A 72 24.73 12.48 2.43
CA SER A 72 25.16 13.30 3.57
C SER A 72 25.25 14.77 3.18
N GLY A 73 24.97 15.64 4.15
CA GLY A 73 25.03 17.07 3.89
C GLY A 73 24.04 17.84 4.75
N GLY A 1 12.30 -17.97 1.92
CA GLY A 1 11.41 -17.69 0.80
C GLY A 1 11.18 -16.20 0.63
N SER A 2 9.95 -15.77 0.88
CA SER A 2 9.59 -14.36 0.74
C SER A 2 9.74 -13.91 -0.71
N SER A 3 9.30 -14.75 -1.63
CA SER A 3 9.40 -14.43 -3.06
C SER A 3 8.02 -14.07 -3.62
N GLY A 4 7.26 -13.28 -2.86
CA GLY A 4 5.94 -12.88 -3.29
C GLY A 4 5.96 -11.54 -4.03
N SER A 5 5.99 -10.46 -3.27
CA SER A 5 6.00 -9.12 -3.85
C SER A 5 7.14 -8.28 -3.28
N SER A 6 8.29 -8.32 -3.94
CA SER A 6 9.46 -7.58 -3.49
C SER A 6 9.46 -6.17 -4.08
N GLY A 7 9.82 -5.19 -3.25
CA GLY A 7 9.85 -3.81 -3.70
C GLY A 7 8.50 -3.33 -4.21
N GLY A 8 7.44 -3.70 -3.50
CA GLY A 8 6.11 -3.30 -3.90
C GLY A 8 5.19 -3.06 -2.73
N THR A 9 5.62 -2.21 -1.81
CA THR A 9 4.83 -1.89 -0.62
C THR A 9 4.85 -0.40 -0.32
N ALA A 10 3.78 0.09 0.29
CA ALA A 10 3.69 1.50 0.64
C ALA A 10 3.39 1.69 2.12
N VAL A 11 3.55 2.91 2.60
CA VAL A 11 3.30 3.22 4.01
C VAL A 11 2.30 4.37 4.15
N ALA A 12 1.27 4.14 4.95
CA ALA A 12 0.24 5.16 5.18
C ALA A 12 0.84 6.43 5.76
N ARG A 13 0.91 7.47 4.92
CA ARG A 13 1.47 8.75 5.35
C ARG A 13 0.41 9.58 6.09
N TYR A 14 -0.82 9.08 6.10
CA TYR A 14 -1.91 9.78 6.76
C TYR A 14 -2.98 8.80 7.24
N ASN A 15 -3.75 9.21 8.24
CA ASN A 15 -4.80 8.37 8.78
C ASN A 15 -6.01 8.34 7.86
N PHE A 16 -6.32 7.14 7.35
CA PHE A 16 -7.44 6.98 6.43
C PHE A 16 -8.39 5.89 6.94
N ALA A 17 -9.68 6.13 6.80
CA ALA A 17 -10.69 5.17 7.24
C ALA A 17 -11.49 4.64 6.06
N ALA A 18 -11.82 3.35 6.10
CA ALA A 18 -12.60 2.72 5.04
C ALA A 18 -14.07 3.10 5.13
N ARG A 19 -14.46 4.09 4.34
CA ARG A 19 -15.85 4.55 4.33
C ARG A 19 -16.81 3.37 4.20
N ASP A 20 -16.46 2.41 3.35
CA ASP A 20 -17.29 1.24 3.14
C ASP A 20 -16.56 -0.03 3.56
N MET A 21 -17.19 -1.17 3.32
CA MET A 21 -16.59 -2.46 3.68
C MET A 21 -15.56 -2.88 2.65
N ARG A 22 -15.82 -2.57 1.39
CA ARG A 22 -14.91 -2.92 0.31
C ARG A 22 -13.62 -2.11 0.38
N GLU A 23 -13.60 -1.13 1.29
CA GLU A 23 -12.43 -0.27 1.46
C GLU A 23 -11.53 -0.82 2.57
N LEU A 24 -10.29 -0.33 2.58
CA LEU A 24 -9.32 -0.76 3.58
C LEU A 24 -8.84 0.41 4.43
N SER A 25 -9.07 0.34 5.73
CA SER A 25 -8.67 1.40 6.64
C SER A 25 -7.15 1.41 6.82
N LEU A 26 -6.57 2.61 6.80
CA LEU A 26 -5.13 2.76 6.96
C LEU A 26 -4.80 3.64 8.17
N ARG A 27 -3.77 3.25 8.92
CA ARG A 27 -3.36 3.99 10.09
C ARG A 27 -1.93 4.52 9.94
N GLU A 28 -1.71 5.76 10.36
CA GLU A 28 -0.40 6.37 10.26
C GLU A 28 0.71 5.36 10.58
N GLY A 29 1.39 4.89 9.52
CA GLY A 29 2.45 3.93 9.71
C GLY A 29 2.02 2.52 9.38
N ASP A 30 0.91 2.39 8.65
CA ASP A 30 0.39 1.08 8.26
C ASP A 30 0.96 0.64 6.92
N VAL A 31 1.73 -0.44 6.94
CA VAL A 31 2.34 -0.97 5.73
C VAL A 31 1.34 -1.81 4.94
N VAL A 32 1.17 -1.46 3.66
CA VAL A 32 0.25 -2.18 2.79
C VAL A 32 0.99 -2.90 1.68
N ARG A 33 0.47 -4.06 1.28
CA ARG A 33 1.08 -4.84 0.22
C ARG A 33 0.32 -4.70 -1.09
N ILE A 34 0.88 -3.92 -2.02
CA ILE A 34 0.25 -3.69 -3.31
C ILE A 34 0.16 -4.99 -4.11
N TYR A 35 -1.03 -5.59 -4.11
CA TYR A 35 -1.26 -6.83 -4.84
C TYR A 35 -1.51 -6.56 -6.31
N SER A 36 -2.37 -5.58 -6.60
CA SER A 36 -2.69 -5.23 -7.97
C SER A 36 -2.58 -3.73 -8.19
N ARG A 37 -1.54 -3.31 -8.91
CA ARG A 37 -1.32 -1.90 -9.19
C ARG A 37 -2.40 -1.35 -10.11
N ILE A 38 -2.96 -2.22 -10.95
CA ILE A 38 -4.01 -1.82 -11.88
C ILE A 38 -5.36 -2.38 -11.45
N GLY A 39 -6.37 -1.50 -11.37
CA GLY A 39 -7.69 -1.93 -10.98
C GLY A 39 -8.78 -1.03 -11.53
N GLY A 40 -9.65 -0.55 -10.66
CA GLY A 40 -10.74 0.31 -11.09
C GLY A 40 -10.33 1.78 -11.10
N ASP A 41 -10.64 2.48 -10.02
CA ASP A 41 -10.30 3.90 -9.91
C ASP A 41 -8.95 4.18 -10.54
N GLN A 42 -8.79 5.39 -11.07
CA GLN A 42 -7.53 5.79 -11.70
C GLN A 42 -6.54 6.32 -10.66
N GLY A 43 -6.41 5.59 -9.56
CA GLY A 43 -5.50 6.00 -8.51
C GLY A 43 -5.69 5.21 -7.23
N TRP A 44 -6.10 3.95 -7.38
CA TRP A 44 -6.33 3.08 -6.22
C TRP A 44 -5.59 1.76 -6.39
N TRP A 45 -5.35 1.07 -5.27
CA TRP A 45 -4.66 -0.22 -5.30
C TRP A 45 -5.27 -1.18 -4.31
N LYS A 46 -5.02 -2.47 -4.50
CA LYS A 46 -5.55 -3.50 -3.61
C LYS A 46 -4.45 -4.08 -2.72
N GLY A 47 -4.57 -3.89 -1.42
CA GLY A 47 -3.57 -4.40 -0.49
C GLY A 47 -4.20 -5.09 0.70
N GLU A 48 -3.43 -5.23 1.77
CA GLU A 48 -3.91 -5.89 2.99
C GLU A 48 -3.00 -5.58 4.16
N THR A 49 -3.60 -5.43 5.35
CA THR A 49 -2.85 -5.13 6.55
C THR A 49 -3.72 -5.28 7.80
N ASN A 50 -3.11 -5.74 8.88
CA ASN A 50 -3.82 -5.93 10.14
C ASN A 50 -5.05 -6.82 9.93
N GLY A 51 -4.94 -7.76 9.00
CA GLY A 51 -6.05 -8.65 8.72
C GLY A 51 -7.22 -7.94 8.05
N ARG A 52 -6.90 -6.99 7.19
CA ARG A 52 -7.94 -6.23 6.48
C ARG A 52 -7.61 -6.12 4.99
N ILE A 53 -8.50 -6.67 4.16
CA ILE A 53 -8.30 -6.63 2.71
C ILE A 53 -9.38 -5.79 2.03
N GLY A 54 -9.00 -5.08 0.98
CA GLY A 54 -9.94 -4.26 0.26
C GLY A 54 -9.26 -3.22 -0.62
N TRP A 55 -9.97 -2.13 -0.89
CA TRP A 55 -9.42 -1.06 -1.73
C TRP A 55 -8.91 0.09 -0.87
N PHE A 56 -7.70 0.54 -1.14
CA PHE A 56 -7.10 1.64 -0.39
C PHE A 56 -6.51 2.68 -1.34
N PRO A 57 -6.62 3.96 -0.94
CA PRO A 57 -6.11 5.08 -1.73
C PRO A 57 -4.59 5.11 -1.79
N SER A 58 -4.04 5.02 -2.99
CA SER A 58 -2.58 5.03 -3.18
C SER A 58 -2.03 6.44 -2.98
N THR A 59 -2.92 7.41 -2.77
CA THR A 59 -2.52 8.79 -2.57
C THR A 59 -2.23 9.07 -1.11
N TYR A 60 -2.99 8.43 -0.22
CA TYR A 60 -2.82 8.62 1.21
C TYR A 60 -1.62 7.82 1.73
N VAL A 61 -0.96 7.11 0.82
CA VAL A 61 0.20 6.30 1.18
C VAL A 61 1.44 6.77 0.41
N GLU A 62 2.58 6.14 0.69
CA GLU A 62 3.82 6.47 0.03
C GLU A 62 4.62 5.22 -0.32
N GLU A 63 4.70 4.92 -1.61
CA GLU A 63 5.42 3.74 -2.08
C GLU A 63 6.87 3.77 -1.59
N GLU A 64 7.21 2.84 -0.71
CA GLU A 64 8.56 2.76 -0.17
C GLU A 64 9.49 2.01 -1.13
N GLY A 65 10.80 2.15 -0.90
CA GLY A 65 11.76 1.48 -1.75
C GLY A 65 13.04 2.28 -1.91
N ILE A 66 14.17 1.64 -1.62
CA ILE A 66 15.47 2.30 -1.72
C ILE A 66 15.50 3.24 -2.92
N GLN A 67 16.36 4.25 -2.85
CA GLN A 67 16.50 5.22 -3.93
C GLN A 67 17.90 5.18 -4.53
N SER A 68 18.08 5.87 -5.66
CA SER A 68 19.36 5.90 -6.33
C SER A 68 20.39 6.67 -5.51
N GLY A 69 21.60 6.13 -5.45
CA GLY A 69 22.67 6.78 -4.69
C GLY A 69 24.04 6.33 -5.12
N PRO A 70 25.04 6.52 -4.23
CA PRO A 70 26.42 6.14 -4.51
C PRO A 70 26.61 4.63 -4.54
N SER A 71 25.51 3.90 -4.39
CA SER A 71 25.56 2.44 -4.41
C SER A 71 25.94 1.93 -5.80
N SER A 72 26.81 0.92 -5.83
CA SER A 72 27.25 0.34 -7.10
C SER A 72 26.36 -0.82 -7.50
N GLY A 73 26.24 -1.82 -6.64
CA GLY A 73 25.42 -2.97 -6.93
C GLY A 73 24.75 -3.53 -5.68
N GLY A 1 12.18 -14.90 -8.69
CA GLY A 1 12.37 -13.46 -8.82
C GLY A 1 13.77 -13.09 -9.22
N SER A 2 13.90 -12.21 -10.21
CA SER A 2 15.21 -11.78 -10.69
C SER A 2 15.90 -10.91 -9.66
N SER A 3 17.16 -10.58 -9.92
CA SER A 3 17.94 -9.74 -9.02
C SER A 3 17.17 -8.48 -8.64
N GLY A 4 16.76 -7.72 -9.66
CA GLY A 4 16.02 -6.50 -9.42
C GLY A 4 14.56 -6.74 -9.14
N SER A 5 14.19 -6.82 -7.87
CA SER A 5 12.81 -7.07 -7.47
C SER A 5 12.50 -6.40 -6.13
N SER A 6 11.71 -5.33 -6.19
CA SER A 6 11.34 -4.60 -4.98
C SER A 6 9.88 -4.85 -4.62
N GLY A 7 9.65 -5.67 -3.60
CA GLY A 7 8.30 -5.98 -3.17
C GLY A 7 7.43 -4.75 -3.06
N GLY A 8 6.53 -4.56 -4.02
CA GLY A 8 5.65 -3.40 -4.00
C GLY A 8 4.95 -3.22 -2.67
N THR A 9 5.40 -2.25 -1.88
CA THR A 9 4.82 -1.97 -0.58
C THR A 9 4.77 -0.47 -0.30
N ALA A 10 3.66 -0.02 0.26
CA ALA A 10 3.49 1.39 0.59
C ALA A 10 3.30 1.59 2.09
N VAL A 11 3.30 2.85 2.52
CA VAL A 11 3.12 3.18 3.93
C VAL A 11 2.14 4.32 4.12
N ALA A 12 1.19 4.14 5.04
CA ALA A 12 0.19 5.16 5.31
C ALA A 12 0.82 6.40 5.92
N ARG A 13 0.75 7.51 5.20
CA ARG A 13 1.32 8.77 5.67
C ARG A 13 0.27 9.59 6.42
N TYR A 14 -0.98 9.18 6.29
CA TYR A 14 -2.08 9.89 6.96
C TYR A 14 -3.20 8.92 7.33
N ASN A 15 -3.88 9.21 8.43
CA ASN A 15 -4.98 8.37 8.89
C ASN A 15 -6.19 8.50 8.00
N PHE A 16 -6.77 7.36 7.61
CA PHE A 16 -7.95 7.36 6.74
C PHE A 16 -8.95 6.30 7.19
N ALA A 17 -10.22 6.66 7.21
CA ALA A 17 -11.27 5.75 7.62
C ALA A 17 -12.06 5.24 6.41
N ALA A 18 -12.12 3.92 6.25
CA ALA A 18 -12.83 3.32 5.14
C ALA A 18 -14.34 3.53 5.27
N ARG A 19 -14.94 4.11 4.25
CA ARG A 19 -16.38 4.37 4.25
C ARG A 19 -17.17 3.09 4.01
N ASP A 20 -16.73 2.31 3.03
CA ASP A 20 -17.39 1.06 2.70
C ASP A 20 -16.55 -0.14 3.13
N MET A 21 -17.16 -1.31 3.17
CA MET A 21 -16.47 -2.53 3.56
C MET A 21 -15.31 -2.83 2.61
N ARG A 22 -15.60 -2.84 1.32
CA ARG A 22 -14.59 -3.12 0.32
C ARG A 22 -13.31 -2.32 0.59
N GLU A 23 -13.48 -1.06 0.97
CA GLU A 23 -12.34 -0.19 1.26
C GLU A 23 -11.53 -0.75 2.42
N LEU A 24 -10.32 -0.21 2.60
CA LEU A 24 -9.44 -0.65 3.67
C LEU A 24 -8.93 0.54 4.49
N SER A 25 -9.04 0.42 5.81
CA SER A 25 -8.59 1.48 6.70
C SER A 25 -7.08 1.64 6.66
N LEU A 26 -6.60 2.88 6.67
CA LEU A 26 -5.18 3.17 6.64
C LEU A 26 -4.74 3.95 7.88
N ARG A 27 -3.72 3.44 8.56
CA ARG A 27 -3.22 4.10 9.77
C ARG A 27 -1.74 4.48 9.59
N GLU A 28 -1.38 5.65 10.07
CA GLU A 28 0.00 6.13 9.97
C GLU A 28 0.98 5.05 10.41
N GLY A 29 1.63 4.42 9.42
CA GLY A 29 2.58 3.38 9.72
C GLY A 29 2.16 2.03 9.18
N ASP A 30 0.84 1.77 9.19
CA ASP A 30 0.31 0.51 8.69
C ASP A 30 0.83 0.21 7.29
N VAL A 31 1.71 -0.79 7.20
CA VAL A 31 2.28 -1.17 5.92
C VAL A 31 1.28 -1.96 5.09
N VAL A 32 1.26 -1.68 3.78
CA VAL A 32 0.34 -2.37 2.88
C VAL A 32 1.08 -2.91 1.66
N ARG A 33 0.64 -4.06 1.17
CA ARG A 33 1.26 -4.68 0.00
C ARG A 33 0.35 -4.60 -1.21
N ILE A 34 0.74 -3.77 -2.18
CA ILE A 34 -0.04 -3.59 -3.39
C ILE A 34 -0.08 -4.88 -4.21
N TYR A 35 -1.20 -5.60 -4.13
CA TYR A 35 -1.36 -6.85 -4.86
C TYR A 35 -1.78 -6.58 -6.30
N SER A 36 -2.92 -5.91 -6.47
CA SER A 36 -3.43 -5.60 -7.80
C SER A 36 -3.28 -4.11 -8.09
N ARG A 37 -2.93 -3.79 -9.34
CA ARG A 37 -2.75 -2.41 -9.75
C ARG A 37 -4.04 -1.86 -10.37
N ILE A 38 -4.74 -2.72 -11.09
CA ILE A 38 -5.99 -2.32 -11.75
C ILE A 38 -7.16 -3.17 -11.27
N GLY A 39 -8.36 -2.62 -11.34
CA GLY A 39 -9.54 -3.34 -10.92
C GLY A 39 -10.67 -2.42 -10.51
N GLY A 40 -10.37 -1.47 -9.62
CA GLY A 40 -11.38 -0.54 -9.16
C GLY A 40 -11.49 0.69 -10.06
N ASP A 41 -11.25 1.86 -9.48
CA ASP A 41 -11.33 3.10 -10.23
C ASP A 41 -10.06 3.32 -11.06
N GLN A 42 -9.63 2.27 -11.75
CA GLN A 42 -8.43 2.35 -12.57
C GLN A 42 -7.38 3.24 -11.92
N GLY A 43 -7.35 3.25 -10.59
CA GLY A 43 -6.39 4.05 -9.86
C GLY A 43 -6.05 3.49 -8.50
N TRP A 44 -7.08 3.21 -7.70
CA TRP A 44 -6.89 2.66 -6.37
C TRP A 44 -6.13 1.34 -6.43
N TRP A 45 -5.56 0.93 -5.30
CA TRP A 45 -4.80 -0.31 -5.23
C TRP A 45 -5.36 -1.23 -4.16
N LYS A 46 -5.18 -2.53 -4.34
CA LYS A 46 -5.66 -3.52 -3.38
C LYS A 46 -4.51 -4.18 -2.64
N GLY A 47 -4.52 -4.04 -1.31
CA GLY A 47 -3.46 -4.63 -0.51
C GLY A 47 -4.01 -5.40 0.68
N GLU A 48 -3.21 -5.48 1.74
CA GLU A 48 -3.63 -6.20 2.95
C GLU A 48 -2.71 -5.87 4.12
N THR A 49 -3.29 -5.33 5.18
CA THR A 49 -2.53 -4.96 6.37
C THR A 49 -3.30 -5.27 7.65
N ASN A 50 -2.60 -5.69 8.68
CA ASN A 50 -3.22 -6.02 9.96
C ASN A 50 -4.31 -7.07 9.77
N GLY A 51 -4.16 -7.90 8.75
CA GLY A 51 -5.14 -8.94 8.47
C GLY A 51 -6.43 -8.39 7.93
N ARG A 52 -6.33 -7.38 7.06
CA ARG A 52 -7.51 -6.77 6.47
C ARG A 52 -7.31 -6.55 4.97
N ILE A 53 -8.20 -7.12 4.17
CA ILE A 53 -8.13 -6.98 2.72
C ILE A 53 -9.17 -6.01 2.20
N GLY A 54 -8.76 -5.14 1.27
CA GLY A 54 -9.68 -4.17 0.71
C GLY A 54 -8.98 -3.17 -0.19
N TRP A 55 -9.76 -2.34 -0.87
CA TRP A 55 -9.22 -1.33 -1.77
C TRP A 55 -8.88 -0.05 -1.02
N PHE A 56 -7.67 0.44 -1.20
CA PHE A 56 -7.23 1.67 -0.53
C PHE A 56 -6.54 2.61 -1.51
N PRO A 57 -6.62 3.91 -1.22
CA PRO A 57 -6.02 4.95 -2.08
C PRO A 57 -4.49 4.92 -2.01
N SER A 58 -3.85 5.37 -3.09
CA SER A 58 -2.40 5.39 -3.17
C SER A 58 -1.86 6.75 -2.74
N THR A 59 -2.73 7.75 -2.74
CA THR A 59 -2.34 9.11 -2.35
C THR A 59 -2.14 9.20 -0.84
N TYR A 60 -3.02 8.57 -0.09
CA TYR A 60 -2.94 8.59 1.37
C TYR A 60 -1.70 7.85 1.86
N VAL A 61 -1.11 7.05 0.98
CA VAL A 61 0.09 6.29 1.31
C VAL A 61 1.29 6.77 0.50
N GLU A 62 2.45 6.17 0.75
CA GLU A 62 3.68 6.53 0.06
C GLU A 62 4.43 5.28 -0.39
N GLU A 63 4.61 5.14 -1.69
CA GLU A 63 5.32 3.99 -2.24
C GLU A 63 6.82 4.10 -1.97
N GLU A 64 7.31 3.24 -1.07
CA GLU A 64 8.72 3.24 -0.72
C GLU A 64 9.38 1.91 -1.09
N GLY A 65 10.55 2.00 -1.74
CA GLY A 65 11.25 0.80 -2.15
C GLY A 65 12.65 0.73 -1.58
N ILE A 66 13.47 1.74 -1.89
CA ILE A 66 14.84 1.79 -1.40
C ILE A 66 14.89 1.74 0.12
N GLN A 67 16.07 1.49 0.66
CA GLN A 67 16.26 1.41 2.11
C GLN A 67 17.35 2.37 2.57
N SER A 68 17.27 2.78 3.83
CA SER A 68 18.25 3.70 4.39
C SER A 68 18.35 3.53 5.91
N GLY A 69 19.58 3.50 6.42
CA GLY A 69 19.78 3.34 7.85
C GLY A 69 21.17 2.85 8.18
N PRO A 70 21.32 2.26 9.38
CA PRO A 70 22.60 1.72 9.84
C PRO A 70 23.03 0.48 9.07
N SER A 71 24.31 0.15 9.17
CA SER A 71 24.86 -1.02 8.47
C SER A 71 25.91 -1.72 9.32
N SER A 72 25.73 -3.02 9.54
CA SER A 72 26.66 -3.80 10.33
C SER A 72 27.40 -4.81 9.47
N GLY A 73 28.66 -4.51 9.16
CA GLY A 73 29.45 -5.41 8.33
C GLY A 73 30.93 -5.33 8.66
N GLY A 1 5.50 -3.97 -21.08
CA GLY A 1 4.74 -5.06 -20.47
C GLY A 1 5.51 -5.76 -19.38
N SER A 2 4.92 -5.87 -18.19
CA SER A 2 5.57 -6.51 -17.07
C SER A 2 4.83 -7.80 -16.68
N SER A 3 5.58 -8.87 -16.49
CA SER A 3 5.00 -10.17 -16.13
C SER A 3 5.59 -10.67 -14.81
N GLY A 4 4.73 -11.21 -13.96
CA GLY A 4 5.18 -11.72 -12.67
C GLY A 4 5.13 -10.68 -11.59
N SER A 5 5.57 -11.05 -10.38
CA SER A 5 5.57 -10.13 -9.25
C SER A 5 7.00 -9.72 -8.89
N SER A 6 7.21 -8.42 -8.74
CA SER A 6 8.52 -7.88 -8.40
C SER A 6 8.59 -7.50 -6.92
N GLY A 7 7.55 -6.80 -6.46
CA GLY A 7 7.51 -6.37 -5.06
C GLY A 7 7.16 -4.92 -4.92
N GLY A 8 6.04 -4.63 -4.26
CA GLY A 8 5.62 -3.26 -4.06
C GLY A 8 4.89 -3.07 -2.74
N THR A 9 5.38 -2.15 -1.92
CA THR A 9 4.78 -1.88 -0.63
C THR A 9 4.65 -0.37 -0.39
N ALA A 10 3.58 0.03 0.29
CA ALA A 10 3.35 1.44 0.59
C ALA A 10 3.24 1.67 2.09
N VAL A 11 3.25 2.94 2.49
CA VAL A 11 3.16 3.30 3.89
C VAL A 11 2.15 4.43 4.10
N ALA A 12 1.17 4.18 4.98
CA ALA A 12 0.15 5.18 5.28
C ALA A 12 0.76 6.41 5.95
N ARG A 13 0.91 7.48 5.18
CA ARG A 13 1.48 8.71 5.69
C ARG A 13 0.41 9.57 6.36
N TYR A 14 -0.83 9.09 6.35
CA TYR A 14 -1.94 9.80 6.94
C TYR A 14 -3.08 8.84 7.30
N ASN A 15 -3.83 9.19 8.34
CA ASN A 15 -4.94 8.37 8.78
C ASN A 15 -6.10 8.43 7.79
N PHE A 16 -6.58 7.27 7.37
CA PHE A 16 -7.69 7.19 6.42
C PHE A 16 -8.72 6.18 6.87
N ALA A 17 -9.99 6.59 6.87
CA ALA A 17 -11.08 5.71 7.28
C ALA A 17 -11.77 5.10 6.06
N ALA A 18 -11.79 3.76 6.02
CA ALA A 18 -12.42 3.05 4.92
C ALA A 18 -13.87 3.49 4.73
N ARG A 19 -14.12 4.22 3.65
CA ARG A 19 -15.47 4.71 3.35
C ARG A 19 -16.49 3.58 3.48
N ASP A 20 -16.24 2.48 2.77
CA ASP A 20 -17.13 1.33 2.79
C ASP A 20 -16.39 0.08 3.25
N MET A 21 -17.14 -0.99 3.51
CA MET A 21 -16.56 -2.25 3.95
C MET A 21 -15.53 -2.74 2.95
N ARG A 22 -15.81 -2.57 1.66
CA ARG A 22 -14.90 -3.00 0.61
C ARG A 22 -13.53 -2.34 0.77
N GLU A 23 -13.53 -1.03 0.96
CA GLU A 23 -12.29 -0.28 1.13
C GLU A 23 -11.45 -0.87 2.26
N LEU A 24 -10.32 -0.23 2.54
CA LEU A 24 -9.43 -0.69 3.60
C LEU A 24 -8.92 0.48 4.43
N SER A 25 -9.20 0.44 5.74
CA SER A 25 -8.78 1.51 6.64
C SER A 25 -7.27 1.50 6.81
N LEU A 26 -6.66 2.68 6.69
CA LEU A 26 -5.21 2.82 6.83
C LEU A 26 -4.86 3.63 8.06
N ARG A 27 -3.80 3.22 8.76
CA ARG A 27 -3.36 3.91 9.96
C ARG A 27 -1.91 4.39 9.82
N GLU A 28 -1.64 5.61 10.28
CA GLU A 28 -0.30 6.16 10.21
C GLU A 28 0.75 5.13 10.60
N GLY A 29 1.46 4.61 9.60
CA GLY A 29 2.48 3.62 9.86
C GLY A 29 2.04 2.21 9.50
N ASP A 30 0.96 2.12 8.75
CA ASP A 30 0.41 0.83 8.34
C ASP A 30 0.98 0.42 6.98
N VAL A 31 1.79 -0.64 6.97
CA VAL A 31 2.39 -1.13 5.74
C VAL A 31 1.39 -1.95 4.93
N VAL A 32 1.25 -1.60 3.65
CA VAL A 32 0.33 -2.30 2.77
C VAL A 32 1.06 -2.89 1.56
N ARG A 33 0.71 -4.12 1.21
CA ARG A 33 1.33 -4.80 0.08
C ARG A 33 0.47 -4.65 -1.18
N ILE A 34 0.92 -3.80 -2.09
CA ILE A 34 0.20 -3.56 -3.34
C ILE A 34 0.03 -4.86 -4.13
N TYR A 35 -1.20 -5.34 -4.21
CA TYR A 35 -1.50 -6.58 -4.93
C TYR A 35 -2.04 -6.28 -6.33
N SER A 36 -3.10 -5.46 -6.38
CA SER A 36 -3.73 -5.10 -7.64
C SER A 36 -3.55 -3.62 -7.92
N ARG A 37 -3.36 -3.28 -9.20
CA ARG A 37 -3.18 -1.89 -9.60
C ARG A 37 -4.43 -1.36 -10.30
N ILE A 38 -5.02 -2.19 -11.14
CA ILE A 38 -6.22 -1.80 -11.88
C ILE A 38 -7.44 -2.56 -11.36
N GLY A 39 -8.63 -2.02 -11.66
CA GLY A 39 -9.86 -2.66 -11.22
C GLY A 39 -10.91 -1.65 -10.79
N GLY A 40 -10.48 -0.61 -10.07
CA GLY A 40 -11.42 0.40 -9.62
C GLY A 40 -11.11 1.76 -10.21
N ASP A 41 -10.97 2.76 -9.36
CA ASP A 41 -10.67 4.12 -9.80
C ASP A 41 -9.18 4.30 -10.06
N GLN A 42 -8.85 5.25 -10.93
CA GLN A 42 -7.46 5.52 -11.26
C GLN A 42 -6.66 5.90 -10.02
N GLY A 43 -5.75 5.02 -9.62
CA GLY A 43 -4.93 5.27 -8.45
C GLY A 43 -5.15 4.24 -7.35
N TRP A 44 -6.39 4.14 -6.88
CA TRP A 44 -6.73 3.19 -5.82
C TRP A 44 -6.15 1.82 -6.12
N TRP A 45 -5.69 1.12 -5.08
CA TRP A 45 -5.10 -0.20 -5.23
C TRP A 45 -5.63 -1.15 -4.15
N LYS A 46 -5.36 -2.44 -4.34
CA LYS A 46 -5.80 -3.44 -3.37
C LYS A 46 -4.61 -4.09 -2.67
N GLY A 47 -4.63 -4.05 -1.34
CA GLY A 47 -3.55 -4.63 -0.57
C GLY A 47 -4.03 -5.32 0.69
N GLU A 48 -3.17 -5.38 1.70
CA GLU A 48 -3.51 -6.02 2.96
C GLU A 48 -2.60 -5.54 4.09
N THR A 49 -3.17 -5.35 5.27
CA THR A 49 -2.41 -4.90 6.42
C THR A 49 -3.17 -5.14 7.72
N ASN A 50 -2.43 -5.28 8.82
CA ASN A 50 -3.04 -5.52 10.12
C ASN A 50 -4.13 -6.58 10.03
N GLY A 51 -3.97 -7.52 9.09
CA GLY A 51 -4.95 -8.56 8.91
C GLY A 51 -6.24 -8.06 8.31
N ARG A 52 -6.14 -7.07 7.42
CA ARG A 52 -7.31 -6.50 6.78
C ARG A 52 -7.09 -6.35 5.27
N ILE A 53 -7.98 -6.96 4.49
CA ILE A 53 -7.88 -6.90 3.04
C ILE A 53 -9.00 -6.07 2.45
N GLY A 54 -8.64 -5.20 1.50
CA GLY A 54 -9.63 -4.34 0.87
C GLY A 54 -9.01 -3.32 -0.05
N TRP A 55 -9.83 -2.43 -0.61
CA TRP A 55 -9.35 -1.40 -1.52
C TRP A 55 -8.89 -0.17 -0.73
N PHE A 56 -7.64 0.24 -0.96
CA PHE A 56 -7.08 1.40 -0.29
C PHE A 56 -6.51 2.39 -1.30
N PRO A 57 -6.53 3.68 -0.93
CA PRO A 57 -6.03 4.76 -1.78
C PRO A 57 -4.51 4.72 -1.93
N SER A 58 -4.00 5.33 -2.99
CA SER A 58 -2.57 5.37 -3.24
C SER A 58 -2.00 6.75 -2.93
N THR A 59 -2.89 7.72 -2.75
CA THR A 59 -2.48 9.09 -2.46
C THR A 59 -2.27 9.29 -0.96
N TYR A 60 -3.02 8.54 -0.16
CA TYR A 60 -2.93 8.63 1.30
C TYR A 60 -1.74 7.82 1.81
N VAL A 61 -1.06 7.13 0.90
CA VAL A 61 0.09 6.32 1.27
C VAL A 61 1.33 6.74 0.48
N GLU A 62 2.44 6.07 0.74
CA GLU A 62 3.70 6.37 0.05
C GLU A 62 4.42 5.09 -0.34
N GLU A 63 4.57 4.88 -1.65
CA GLU A 63 5.24 3.70 -2.17
C GLU A 63 6.72 3.69 -1.77
N GLU A 64 7.06 2.89 -0.76
CA GLU A 64 8.42 2.80 -0.29
C GLU A 64 8.94 1.37 -0.40
N GLY A 65 10.26 1.23 -0.40
CA GLY A 65 10.86 -0.10 -0.51
C GLY A 65 11.85 -0.19 -1.65
N ILE A 66 11.38 -0.61 -2.81
CA ILE A 66 12.24 -0.75 -3.98
C ILE A 66 13.08 0.50 -4.19
N GLN A 67 14.19 0.35 -4.91
CA GLN A 67 15.09 1.46 -5.19
C GLN A 67 15.54 1.45 -6.65
N SER A 68 15.55 2.63 -7.26
CA SER A 68 15.95 2.75 -8.66
C SER A 68 17.18 3.64 -8.79
N GLY A 69 18.36 3.04 -8.69
CA GLY A 69 19.59 3.79 -8.80
C GLY A 69 20.15 4.19 -7.44
N PRO A 70 20.80 3.23 -6.76
CA PRO A 70 21.39 3.47 -5.43
C PRO A 70 22.61 4.39 -5.50
N SER A 71 22.47 5.57 -4.92
CA SER A 71 23.56 6.54 -4.91
C SER A 71 24.28 6.56 -6.26
N SER A 72 23.51 6.53 -7.33
CA SER A 72 24.07 6.54 -8.68
C SER A 72 24.75 7.87 -8.98
N GLY A 73 24.01 8.95 -8.80
CA GLY A 73 24.56 10.28 -9.05
C GLY A 73 24.96 10.99 -7.78
N GLY A 1 25.43 -12.11 -7.07
CA GLY A 1 24.17 -12.84 -7.19
C GLY A 1 22.98 -11.92 -7.38
N SER A 2 21.89 -12.22 -6.68
CA SER A 2 20.68 -11.41 -6.78
C SER A 2 20.22 -10.95 -5.40
N SER A 3 20.72 -9.80 -4.97
CA SER A 3 20.36 -9.25 -3.66
C SER A 3 19.63 -7.92 -3.81
N GLY A 4 18.69 -7.67 -2.91
CA GLY A 4 17.94 -6.43 -2.96
C GLY A 4 16.59 -6.60 -3.64
N SER A 5 15.60 -7.06 -2.87
CA SER A 5 14.26 -7.26 -3.41
C SER A 5 13.65 -5.95 -3.87
N SER A 6 13.08 -5.96 -5.08
CA SER A 6 12.46 -4.76 -5.63
C SER A 6 11.47 -4.15 -4.64
N GLY A 7 10.61 -5.00 -4.07
CA GLY A 7 9.63 -4.53 -3.11
C GLY A 7 8.25 -4.43 -3.72
N GLY A 8 7.52 -3.37 -3.36
CA GLY A 8 6.18 -3.18 -3.87
C GLY A 8 5.17 -2.94 -2.77
N THR A 9 5.53 -2.11 -1.81
CA THR A 9 4.64 -1.80 -0.69
C THR A 9 4.59 -0.29 -0.43
N ALA A 10 3.51 0.15 0.18
CA ALA A 10 3.33 1.56 0.50
C ALA A 10 3.26 1.80 2.00
N VAL A 11 3.45 3.04 2.41
CA VAL A 11 3.41 3.39 3.83
C VAL A 11 2.35 4.45 4.10
N ALA A 12 1.40 4.14 4.98
CA ALA A 12 0.34 5.06 5.32
C ALA A 12 0.89 6.34 5.95
N ARG A 13 0.93 7.41 5.17
CA ARG A 13 1.46 8.69 5.65
C ARG A 13 0.40 9.43 6.46
N TYR A 14 -0.86 9.05 6.27
CA TYR A 14 -1.97 9.69 6.98
C TYR A 14 -3.01 8.65 7.39
N ASN A 15 -3.79 8.99 8.42
CA ASN A 15 -4.82 8.09 8.92
C ASN A 15 -6.08 8.19 8.05
N PHE A 16 -6.49 7.06 7.48
CA PHE A 16 -7.68 7.02 6.63
C PHE A 16 -8.66 5.96 7.13
N ALA A 17 -9.95 6.24 6.96
CA ALA A 17 -10.99 5.32 7.39
C ALA A 17 -11.80 4.81 6.20
N ALA A 18 -11.80 3.49 6.02
CA ALA A 18 -12.54 2.86 4.92
C ALA A 18 -14.01 3.23 4.97
N ARG A 19 -14.40 4.22 4.17
CA ARG A 19 -15.79 4.66 4.13
C ARG A 19 -16.74 3.47 4.09
N ASP A 20 -16.37 2.46 3.33
CA ASP A 20 -17.19 1.26 3.20
C ASP A 20 -16.35 0.00 3.40
N MET A 21 -17.02 -1.11 3.66
CA MET A 21 -16.34 -2.38 3.87
C MET A 21 -15.38 -2.68 2.73
N ARG A 22 -15.88 -2.56 1.50
CA ARG A 22 -15.06 -2.82 0.32
C ARG A 22 -13.70 -2.16 0.44
N GLU A 23 -13.68 -0.94 0.95
CA GLU A 23 -12.43 -0.20 1.12
C GLU A 23 -11.60 -0.79 2.25
N LEU A 24 -10.37 -0.30 2.40
CA LEU A 24 -9.48 -0.79 3.44
C LEU A 24 -9.00 0.36 4.33
N SER A 25 -9.04 0.15 5.64
CA SER A 25 -8.61 1.17 6.59
C SER A 25 -7.11 1.31 6.61
N LEU A 26 -6.62 2.51 6.87
CA LEU A 26 -5.18 2.78 6.92
C LEU A 26 -4.83 3.63 8.14
N ARG A 27 -3.82 3.19 8.88
CA ARG A 27 -3.38 3.91 10.06
C ARG A 27 -1.92 4.37 9.92
N GLU A 28 -1.65 5.60 10.33
CA GLU A 28 -0.30 6.14 10.24
C GLU A 28 0.74 5.11 10.65
N GLY A 29 1.47 4.60 9.67
CA GLY A 29 2.49 3.60 9.94
C GLY A 29 2.05 2.20 9.57
N ASP A 30 0.94 2.10 8.85
CA ASP A 30 0.41 0.81 8.42
C ASP A 30 0.97 0.41 7.07
N VAL A 31 1.85 -0.60 7.08
CA VAL A 31 2.46 -1.08 5.85
C VAL A 31 1.50 -1.94 5.04
N VAL A 32 1.25 -1.53 3.80
CA VAL A 32 0.34 -2.26 2.93
C VAL A 32 1.09 -2.90 1.76
N ARG A 33 0.64 -4.09 1.36
CA ARG A 33 1.28 -4.80 0.26
C ARG A 33 0.42 -4.73 -1.00
N ILE A 34 0.85 -3.90 -1.94
CA ILE A 34 0.11 -3.73 -3.19
C ILE A 34 0.03 -5.05 -3.96
N TYR A 35 -1.11 -5.70 -3.89
CA TYR A 35 -1.32 -6.97 -4.57
C TYR A 35 -1.77 -6.74 -6.00
N SER A 36 -2.83 -5.97 -6.18
CA SER A 36 -3.37 -5.67 -7.50
C SER A 36 -3.29 -4.18 -7.80
N ARG A 37 -2.72 -3.85 -8.96
CA ARG A 37 -2.58 -2.45 -9.36
C ARG A 37 -3.71 -2.04 -10.30
N ILE A 38 -3.93 -2.85 -11.34
CA ILE A 38 -4.98 -2.57 -12.31
C ILE A 38 -6.36 -2.92 -11.74
N GLY A 39 -7.15 -1.89 -11.48
CA GLY A 39 -8.49 -2.11 -10.94
C GLY A 39 -9.09 -0.86 -10.33
N GLY A 40 -9.82 -1.02 -9.24
CA GLY A 40 -10.43 0.10 -8.58
C GLY A 40 -10.96 1.13 -9.56
N ASP A 41 -11.13 2.37 -9.09
CA ASP A 41 -11.63 3.45 -9.93
C ASP A 41 -10.51 4.03 -10.80
N GLN A 42 -9.91 3.19 -11.63
CA GLN A 42 -8.83 3.61 -12.50
C GLN A 42 -7.72 4.30 -11.70
N GLY A 43 -7.28 3.64 -10.63
CA GLY A 43 -6.23 4.20 -9.80
C GLY A 43 -6.07 3.45 -8.49
N TRP A 44 -7.14 3.37 -7.72
CA TRP A 44 -7.12 2.67 -6.44
C TRP A 44 -6.43 1.31 -6.57
N TRP A 45 -5.93 0.81 -5.45
CA TRP A 45 -5.24 -0.49 -5.45
C TRP A 45 -5.79 -1.37 -4.33
N LYS A 46 -5.35 -2.63 -4.32
CA LYS A 46 -5.80 -3.59 -3.31
C LYS A 46 -4.60 -4.25 -2.63
N GLY A 47 -4.44 -3.97 -1.34
CA GLY A 47 -3.34 -4.55 -0.59
C GLY A 47 -3.81 -5.31 0.63
N GLU A 48 -2.96 -5.38 1.65
CA GLU A 48 -3.29 -6.08 2.89
C GLU A 48 -2.42 -5.60 4.04
N THR A 49 -3.06 -5.30 5.17
CA THR A 49 -2.35 -4.82 6.35
C THR A 49 -3.18 -5.03 7.61
N ASN A 50 -2.51 -5.35 8.71
CA ASN A 50 -3.19 -5.57 9.98
C ASN A 50 -4.29 -6.62 9.84
N GLY A 51 -4.08 -7.57 8.93
CA GLY A 51 -5.05 -8.62 8.71
C GLY A 51 -6.32 -8.11 8.04
N ARG A 52 -6.17 -7.09 7.19
CA ARG A 52 -7.31 -6.51 6.50
C ARG A 52 -7.00 -6.34 5.01
N ILE A 53 -7.97 -6.69 4.17
CA ILE A 53 -7.81 -6.56 2.72
C ILE A 53 -8.96 -5.78 2.10
N GLY A 54 -8.62 -4.85 1.23
CA GLY A 54 -9.65 -4.04 0.57
C GLY A 54 -9.06 -3.00 -0.35
N TRP A 55 -9.92 -2.10 -0.85
CA TRP A 55 -9.47 -1.04 -1.74
C TRP A 55 -8.99 0.18 -0.96
N PHE A 56 -7.72 0.51 -1.11
CA PHE A 56 -7.14 1.66 -0.41
C PHE A 56 -6.55 2.66 -1.40
N PRO A 57 -6.59 3.94 -1.02
CA PRO A 57 -6.05 5.03 -1.86
C PRO A 57 -4.54 4.99 -1.97
N SER A 58 -4.01 5.41 -3.12
CA SER A 58 -2.57 5.41 -3.34
C SER A 58 -1.98 6.79 -3.03
N THR A 59 -2.86 7.77 -2.83
CA THR A 59 -2.43 9.12 -2.52
C THR A 59 -2.17 9.29 -1.02
N TYR A 60 -3.04 8.71 -0.21
CA TYR A 60 -2.90 8.79 1.24
C TYR A 60 -1.75 7.94 1.73
N VAL A 61 -1.13 7.21 0.81
CA VAL A 61 0.00 6.35 1.14
C VAL A 61 1.26 6.76 0.40
N GLU A 62 2.40 6.25 0.84
CA GLU A 62 3.68 6.58 0.22
C GLU A 62 4.31 5.35 -0.43
N GLU A 63 4.45 5.38 -1.74
CA GLU A 63 5.03 4.27 -2.48
C GLU A 63 6.55 4.28 -2.39
N GLU A 64 7.09 3.49 -1.45
CA GLU A 64 8.53 3.42 -1.25
C GLU A 64 9.25 3.16 -2.58
N GLY A 65 10.54 3.50 -2.62
CA GLY A 65 11.31 3.30 -3.82
C GLY A 65 12.76 3.73 -3.66
N ILE A 66 12.96 4.95 -3.19
CA ILE A 66 14.31 5.48 -2.98
C ILE A 66 15.03 4.73 -1.86
N GLN A 67 16.34 4.91 -1.78
CA GLN A 67 17.14 4.26 -0.76
C GLN A 67 18.29 5.16 -0.30
N SER A 68 18.56 5.15 1.01
CA SER A 68 19.62 5.96 1.57
C SER A 68 20.99 5.41 1.20
N GLY A 69 22.00 6.27 1.19
CA GLY A 69 23.34 5.85 0.86
C GLY A 69 23.60 5.90 -0.64
N PRO A 70 23.64 7.12 -1.20
CA PRO A 70 23.88 7.32 -2.63
C PRO A 70 25.31 6.99 -3.03
N SER A 71 26.26 7.41 -2.20
CA SER A 71 27.68 7.17 -2.47
C SER A 71 28.26 6.18 -1.45
N SER A 72 28.90 5.14 -1.95
CA SER A 72 29.50 4.13 -1.09
C SER A 72 28.64 3.88 0.15
N GLY A 73 27.32 3.85 -0.05
CA GLY A 73 26.41 3.62 1.06
C GLY A 73 26.64 2.29 1.74
N GLY A 1 13.47 -16.60 -15.66
CA GLY A 1 13.87 -16.56 -14.26
C GLY A 1 13.98 -15.15 -13.73
N SER A 2 12.93 -14.36 -13.92
CA SER A 2 12.91 -12.98 -13.46
C SER A 2 11.57 -12.64 -12.81
N SER A 3 11.48 -11.44 -12.25
CA SER A 3 10.25 -10.98 -11.59
C SER A 3 9.89 -9.58 -12.04
N GLY A 4 8.65 -9.18 -11.76
CA GLY A 4 8.20 -7.85 -12.14
C GLY A 4 8.99 -6.75 -11.46
N SER A 5 8.68 -6.49 -10.19
CA SER A 5 9.37 -5.45 -9.44
C SER A 5 9.89 -6.01 -8.11
N SER A 6 10.68 -5.20 -7.41
CA SER A 6 11.25 -5.61 -6.13
C SER A 6 10.38 -5.13 -4.97
N GLY A 7 9.81 -6.08 -4.23
CA GLY A 7 8.96 -5.74 -3.10
C GLY A 7 7.61 -5.20 -3.54
N GLY A 8 7.49 -3.88 -3.55
CA GLY A 8 6.23 -3.26 -3.95
C GLY A 8 5.28 -3.07 -2.79
N THR A 9 5.66 -2.21 -1.85
CA THR A 9 4.83 -1.95 -0.67
C THR A 9 4.74 -0.46 -0.38
N ALA A 10 3.67 -0.05 0.29
CA ALA A 10 3.47 1.35 0.62
C ALA A 10 3.34 1.54 2.14
N VAL A 11 3.32 2.80 2.56
CA VAL A 11 3.20 3.12 3.99
C VAL A 11 2.18 4.23 4.22
N ALA A 12 1.22 3.97 5.09
CA ALA A 12 0.18 4.95 5.40
C ALA A 12 0.80 6.24 5.93
N ARG A 13 0.84 7.26 5.09
CA ARG A 13 1.40 8.55 5.47
C ARG A 13 0.41 9.34 6.32
N TYR A 14 -0.88 9.06 6.13
CA TYR A 14 -1.92 9.75 6.87
C TYR A 14 -2.98 8.77 7.34
N ASN A 15 -3.77 9.18 8.33
CA ASN A 15 -4.83 8.34 8.87
C ASN A 15 -6.10 8.46 8.04
N PHE A 16 -6.53 7.34 7.46
CA PHE A 16 -7.72 7.32 6.63
C PHE A 16 -8.70 6.24 7.12
N ALA A 17 -9.97 6.61 7.21
CA ALA A 17 -11.00 5.67 7.66
C ALA A 17 -11.82 5.16 6.48
N ALA A 18 -11.74 3.85 6.23
CA ALA A 18 -12.48 3.24 5.14
C ALA A 18 -13.95 3.63 5.17
N ARG A 19 -14.35 4.48 4.22
CA ARG A 19 -15.74 4.95 4.15
C ARG A 19 -16.69 3.76 4.09
N ASP A 20 -16.37 2.78 3.26
CA ASP A 20 -17.20 1.59 3.11
C ASP A 20 -16.43 0.33 3.46
N MET A 21 -17.14 -0.78 3.61
CA MET A 21 -16.51 -2.05 3.95
C MET A 21 -15.49 -2.45 2.90
N ARG A 22 -15.92 -2.50 1.64
CA ARG A 22 -15.04 -2.88 0.54
C ARG A 22 -13.67 -2.21 0.69
N GLU A 23 -13.68 -0.93 1.06
CA GLU A 23 -12.44 -0.19 1.24
C GLU A 23 -11.62 -0.75 2.40
N LEU A 24 -10.41 -0.24 2.57
CA LEU A 24 -9.52 -0.69 3.63
C LEU A 24 -9.07 0.47 4.50
N SER A 25 -9.09 0.28 5.81
CA SER A 25 -8.68 1.32 6.75
C SER A 25 -7.16 1.48 6.74
N LEU A 26 -6.71 2.72 6.73
CA LEU A 26 -5.27 3.01 6.72
C LEU A 26 -4.88 3.83 7.95
N ARG A 27 -3.87 3.35 8.68
CA ARG A 27 -3.39 4.03 9.87
C ARG A 27 -1.92 4.43 9.72
N GLU A 28 -1.61 5.66 10.12
CA GLU A 28 -0.24 6.16 10.03
C GLU A 28 0.76 5.09 10.48
N GLY A 29 1.54 4.59 9.53
CA GLY A 29 2.52 3.58 9.83
C GLY A 29 2.20 2.24 9.18
N ASP A 30 0.92 1.89 9.17
CA ASP A 30 0.49 0.63 8.58
C ASP A 30 1.10 0.43 7.20
N VAL A 31 1.84 -0.66 7.03
CA VAL A 31 2.48 -0.97 5.76
C VAL A 31 1.61 -1.87 4.91
N VAL A 32 1.07 -1.31 3.83
CA VAL A 32 0.21 -2.07 2.91
C VAL A 32 1.01 -2.66 1.77
N ARG A 33 0.64 -3.87 1.35
CA ARG A 33 1.34 -4.53 0.25
C ARG A 33 0.52 -4.46 -1.03
N ILE A 34 0.93 -3.57 -1.94
CA ILE A 34 0.24 -3.40 -3.20
C ILE A 34 0.30 -4.68 -4.05
N TYR A 35 -0.80 -5.41 -4.07
CA TYR A 35 -0.87 -6.65 -4.83
C TYR A 35 -1.19 -6.38 -6.30
N SER A 36 -2.33 -5.73 -6.54
CA SER A 36 -2.74 -5.40 -7.89
C SER A 36 -2.95 -3.89 -8.05
N ARG A 37 -2.36 -3.34 -9.12
CA ARG A 37 -2.47 -1.92 -9.39
C ARG A 37 -3.65 -1.63 -10.31
N ILE A 38 -3.76 -2.39 -11.39
CA ILE A 38 -4.84 -2.21 -12.35
C ILE A 38 -6.01 -3.13 -12.03
N GLY A 39 -7.21 -2.55 -11.97
CA GLY A 39 -8.40 -3.33 -11.67
C GLY A 39 -9.67 -2.49 -11.73
N GLY A 40 -9.90 -1.69 -10.69
CA GLY A 40 -11.08 -0.86 -10.65
C GLY A 40 -10.75 0.62 -10.82
N ASP A 41 -11.34 1.45 -9.97
CA ASP A 41 -11.12 2.89 -10.03
C ASP A 41 -9.62 3.20 -10.06
N GLN A 42 -9.23 4.11 -10.94
CA GLN A 42 -7.84 4.51 -11.07
C GLN A 42 -7.24 4.84 -9.71
N GLY A 43 -5.94 4.56 -9.56
CA GLY A 43 -5.26 4.84 -8.31
C GLY A 43 -5.56 3.81 -7.24
N TRP A 44 -6.84 3.59 -6.97
CA TRP A 44 -7.25 2.60 -5.98
C TRP A 44 -6.49 1.30 -6.15
N TRP A 45 -5.73 0.92 -5.12
CA TRP A 45 -4.96 -0.31 -5.17
C TRP A 45 -5.55 -1.36 -4.23
N LYS A 46 -5.07 -2.59 -4.35
CA LYS A 46 -5.55 -3.69 -3.51
C LYS A 46 -4.39 -4.36 -2.78
N GLY A 47 -4.35 -4.19 -1.47
CA GLY A 47 -3.29 -4.79 -0.68
C GLY A 47 -3.82 -5.57 0.51
N GLU A 48 -3.07 -5.55 1.61
CA GLU A 48 -3.47 -6.27 2.81
C GLU A 48 -2.52 -5.98 3.96
N THR A 49 -3.08 -5.63 5.12
CA THR A 49 -2.29 -5.32 6.29
C THR A 49 -3.10 -5.50 7.58
N ASN A 50 -2.48 -6.06 8.60
CA ASN A 50 -3.14 -6.29 9.88
C ASN A 50 -4.33 -7.22 9.71
N GLY A 51 -4.22 -8.16 8.77
CA GLY A 51 -5.29 -9.10 8.53
C GLY A 51 -6.52 -8.43 7.94
N ARG A 52 -6.32 -7.39 7.16
CA ARG A 52 -7.42 -6.67 6.54
C ARG A 52 -7.19 -6.48 5.05
N ILE A 53 -8.16 -6.93 4.24
CA ILE A 53 -8.06 -6.82 2.79
C ILE A 53 -9.20 -5.98 2.23
N GLY A 54 -8.90 -5.16 1.23
CA GLY A 54 -9.90 -4.32 0.62
C GLY A 54 -9.33 -3.39 -0.43
N TRP A 55 -9.97 -2.24 -0.62
CA TRP A 55 -9.52 -1.27 -1.61
C TRP A 55 -9.08 0.03 -0.93
N PHE A 56 -7.81 0.38 -1.08
CA PHE A 56 -7.27 1.59 -0.47
C PHE A 56 -6.59 2.46 -1.53
N PRO A 57 -6.72 3.78 -1.37
CA PRO A 57 -6.12 4.76 -2.31
C PRO A 57 -4.59 4.79 -2.20
N SER A 58 -3.96 5.51 -3.12
CA SER A 58 -2.51 5.62 -3.13
C SER A 58 -2.07 6.99 -2.60
N THR A 59 -2.87 8.01 -2.87
CA THR A 59 -2.56 9.36 -2.41
C THR A 59 -2.44 9.42 -0.89
N TYR A 60 -3.00 8.41 -0.23
CA TYR A 60 -2.97 8.34 1.24
C TYR A 60 -1.78 7.53 1.71
N VAL A 61 -1.17 6.78 0.80
CA VAL A 61 -0.03 5.94 1.13
C VAL A 61 1.19 6.33 0.30
N GLU A 62 2.37 5.96 0.77
CA GLU A 62 3.62 6.27 0.07
C GLU A 62 4.38 4.99 -0.26
N GLU A 63 4.57 4.74 -1.56
CA GLU A 63 5.28 3.57 -2.02
C GLU A 63 6.76 3.65 -1.65
N GLU A 64 7.10 3.15 -0.46
CA GLU A 64 8.47 3.18 0.01
C GLU A 64 9.35 2.24 -0.82
N GLY A 65 10.47 2.77 -1.31
CA GLY A 65 11.38 1.97 -2.11
C GLY A 65 12.83 2.17 -1.73
N ILE A 66 13.63 2.61 -2.69
CA ILE A 66 15.05 2.84 -2.45
C ILE A 66 15.26 3.60 -1.15
N GLN A 67 16.43 3.38 -0.53
CA GLN A 67 16.76 4.04 0.73
C GLN A 67 18.08 4.80 0.62
N SER A 68 18.08 6.04 1.09
CA SER A 68 19.28 6.87 1.04
C SER A 68 20.23 6.54 2.19
N GLY A 69 21.47 6.99 2.08
CA GLY A 69 22.45 6.73 3.12
C GLY A 69 23.75 7.46 2.87
N PRO A 70 24.84 6.99 3.52
CA PRO A 70 26.16 7.59 3.40
C PRO A 70 26.77 7.36 2.02
N SER A 71 26.86 8.44 1.24
CA SER A 71 27.42 8.36 -0.11
C SER A 71 28.94 8.52 -0.08
N SER A 72 29.41 9.49 0.70
CA SER A 72 30.83 9.75 0.82
C SER A 72 31.54 8.62 1.54
N GLY A 73 32.83 8.45 1.27
CA GLY A 73 33.59 7.41 1.91
C GLY A 73 34.23 6.46 0.91
N GLY A 1 3.75 -16.56 -8.05
CA GLY A 1 4.27 -15.69 -7.01
C GLY A 1 5.03 -14.50 -7.58
N SER A 2 6.29 -14.36 -7.15
CA SER A 2 7.13 -13.26 -7.61
C SER A 2 7.03 -13.10 -9.13
N SER A 3 6.27 -12.11 -9.56
CA SER A 3 6.08 -11.85 -10.99
C SER A 3 7.23 -11.02 -11.54
N GLY A 4 8.45 -11.35 -11.12
CA GLY A 4 9.61 -10.62 -11.59
C GLY A 4 9.62 -9.19 -11.13
N SER A 5 9.54 -8.98 -9.82
CA SER A 5 9.53 -7.63 -9.25
C SER A 5 9.73 -7.69 -7.74
N SER A 6 10.39 -6.67 -7.19
CA SER A 6 10.65 -6.59 -5.77
C SER A 6 10.19 -5.26 -5.20
N GLY A 7 10.08 -5.19 -3.88
CA GLY A 7 9.65 -3.97 -3.23
C GLY A 7 8.36 -3.42 -3.81
N GLY A 8 7.24 -3.96 -3.36
CA GLY A 8 5.95 -3.51 -3.85
C GLY A 8 4.98 -3.17 -2.73
N THR A 9 5.47 -2.41 -1.75
CA THR A 9 4.64 -2.00 -0.61
C THR A 9 4.61 -0.49 -0.47
N ALA A 10 3.73 -0.01 0.40
CA ALA A 10 3.61 1.43 0.63
C ALA A 10 3.33 1.73 2.10
N VAL A 11 3.64 2.95 2.52
CA VAL A 11 3.42 3.36 3.91
C VAL A 11 2.35 4.44 4.00
N ALA A 12 1.37 4.22 4.87
CA ALA A 12 0.29 5.17 5.05
C ALA A 12 0.79 6.43 5.77
N ARG A 13 0.98 7.50 5.00
CA ARG A 13 1.45 8.76 5.55
C ARG A 13 0.35 9.45 6.36
N TYR A 14 -0.88 9.02 6.15
CA TYR A 14 -2.02 9.60 6.85
C TYR A 14 -3.07 8.53 7.17
N ASN A 15 -3.90 8.80 8.16
CA ASN A 15 -4.95 7.87 8.56
C ASN A 15 -6.16 7.97 7.65
N PHE A 16 -6.86 6.86 7.47
CA PHE A 16 -8.04 6.83 6.62
C PHE A 16 -9.15 5.97 7.24
N ALA A 17 -10.39 6.27 6.89
CA ALA A 17 -11.53 5.53 7.42
C ALA A 17 -12.35 4.92 6.29
N ALA A 18 -12.24 3.61 6.12
CA ALA A 18 -12.98 2.91 5.08
C ALA A 18 -14.48 3.19 5.17
N ARG A 19 -14.97 4.06 4.30
CA ARG A 19 -16.39 4.42 4.29
C ARG A 19 -17.26 3.18 4.12
N ASP A 20 -16.76 2.22 3.35
CA ASP A 20 -17.50 0.99 3.10
C ASP A 20 -16.59 -0.23 3.27
N MET A 21 -17.19 -1.36 3.64
CA MET A 21 -16.43 -2.60 3.84
C MET A 21 -15.41 -2.79 2.73
N ARG A 22 -15.83 -2.61 1.49
CA ARG A 22 -14.95 -2.77 0.35
C ARG A 22 -13.62 -2.06 0.60
N GLU A 23 -13.69 -0.78 0.94
CA GLU A 23 -12.49 0.02 1.19
C GLU A 23 -11.67 -0.59 2.34
N LEU A 24 -10.41 -0.18 2.44
CA LEU A 24 -9.53 -0.70 3.48
C LEU A 24 -9.03 0.45 4.36
N SER A 25 -9.20 0.30 5.68
CA SER A 25 -8.76 1.31 6.62
C SER A 25 -7.25 1.35 6.73
N LEU A 26 -6.69 2.54 6.79
CA LEU A 26 -5.24 2.72 6.90
C LEU A 26 -4.88 3.52 8.14
N ARG A 27 -3.77 3.14 8.78
CA ARG A 27 -3.31 3.82 9.99
C ARG A 27 -1.90 4.35 9.80
N GLU A 28 -1.66 5.57 10.27
CA GLU A 28 -0.35 6.19 10.15
C GLU A 28 0.75 5.23 10.57
N GLY A 29 1.50 4.71 9.59
CA GLY A 29 2.56 3.78 9.88
C GLY A 29 2.20 2.35 9.54
N ASP A 30 1.11 2.18 8.80
CA ASP A 30 0.65 0.86 8.40
C ASP A 30 1.17 0.49 7.01
N VAL A 31 1.93 -0.60 6.93
CA VAL A 31 2.48 -1.05 5.67
C VAL A 31 1.48 -1.89 4.89
N VAL A 32 1.33 -1.57 3.60
CA VAL A 32 0.39 -2.29 2.75
C VAL A 32 1.11 -2.95 1.58
N ARG A 33 0.73 -4.19 1.29
CA ARG A 33 1.34 -4.94 0.20
C ARG A 33 0.49 -4.86 -1.06
N ILE A 34 0.90 -4.00 -1.99
CA ILE A 34 0.18 -3.82 -3.25
C ILE A 34 0.09 -5.13 -4.02
N TYR A 35 -1.07 -5.79 -3.93
CA TYR A 35 -1.29 -7.04 -4.62
C TYR A 35 -1.64 -6.82 -6.09
N SER A 36 -2.71 -6.06 -6.32
CA SER A 36 -3.17 -5.76 -7.67
C SER A 36 -3.27 -4.26 -7.89
N ARG A 37 -3.08 -3.83 -9.13
CA ARG A 37 -3.15 -2.42 -9.48
C ARG A 37 -4.48 -2.09 -10.16
N ILE A 38 -4.95 -3.01 -11.00
CA ILE A 38 -6.21 -2.82 -11.70
C ILE A 38 -7.40 -3.20 -10.83
N GLY A 39 -8.59 -2.80 -11.26
CA GLY A 39 -9.79 -3.11 -10.51
C GLY A 39 -10.67 -1.90 -10.28
N GLY A 40 -10.67 -1.39 -9.05
CA GLY A 40 -11.47 -0.22 -8.73
C GLY A 40 -11.12 0.98 -9.60
N ASP A 41 -10.06 1.69 -9.21
CA ASP A 41 -9.62 2.87 -9.96
C ASP A 41 -8.15 2.75 -10.33
N GLN A 42 -7.82 3.21 -11.54
CA GLN A 42 -6.44 3.15 -12.03
C GLN A 42 -5.45 3.40 -10.90
N GLY A 43 -5.65 4.51 -10.19
CA GLY A 43 -4.76 4.84 -9.08
C GLY A 43 -4.95 3.93 -7.89
N TRP A 44 -6.20 3.80 -7.44
CA TRP A 44 -6.51 2.94 -6.30
C TRP A 44 -5.91 1.55 -6.47
N TRP A 45 -5.45 0.97 -5.37
CA TRP A 45 -4.85 -0.36 -5.40
C TRP A 45 -5.43 -1.24 -4.31
N LYS A 46 -5.13 -2.54 -4.37
CA LYS A 46 -5.62 -3.49 -3.39
C LYS A 46 -4.46 -4.17 -2.65
N GLY A 47 -4.35 -3.88 -1.36
CA GLY A 47 -3.29 -4.48 -0.56
C GLY A 47 -3.82 -5.21 0.66
N GLU A 48 -2.98 -5.34 1.69
CA GLU A 48 -3.36 -6.02 2.90
C GLU A 48 -2.49 -5.59 4.08
N THR A 49 -3.11 -5.40 5.23
CA THR A 49 -2.40 -4.97 6.43
C THR A 49 -3.29 -5.08 7.67
N ASN A 50 -2.74 -5.64 8.74
CA ASN A 50 -3.47 -5.79 9.98
C ASN A 50 -4.64 -6.76 9.80
N GLY A 51 -4.44 -7.80 9.01
CA GLY A 51 -5.47 -8.78 8.77
C GLY A 51 -6.69 -8.17 8.10
N ARG A 52 -6.47 -7.20 7.22
CA ARG A 52 -7.55 -6.53 6.52
C ARG A 52 -7.22 -6.39 5.03
N ILE A 53 -8.19 -6.74 4.19
CA ILE A 53 -8.01 -6.65 2.74
C ILE A 53 -9.12 -5.83 2.10
N GLY A 54 -8.73 -4.79 1.38
CA GLY A 54 -9.70 -3.93 0.73
C GLY A 54 -9.04 -2.92 -0.20
N TRP A 55 -9.86 -2.02 -0.75
CA TRP A 55 -9.36 -1.00 -1.66
C TRP A 55 -8.93 0.25 -0.90
N PHE A 56 -7.66 0.62 -1.03
CA PHE A 56 -7.12 1.79 -0.35
C PHE A 56 -6.52 2.77 -1.36
N PRO A 57 -6.66 4.07 -1.06
CA PRO A 57 -6.15 5.14 -1.92
C PRO A 57 -4.62 5.19 -1.91
N SER A 58 -4.02 5.34 -3.10
CA SER A 58 -2.57 5.40 -3.22
C SER A 58 -2.06 6.79 -2.84
N THR A 59 -2.98 7.76 -2.74
CA THR A 59 -2.63 9.12 -2.40
C THR A 59 -2.32 9.25 -0.91
N TYR A 60 -2.95 8.41 -0.11
CA TYR A 60 -2.76 8.42 1.34
C TYR A 60 -1.55 7.58 1.73
N VAL A 61 -0.92 6.96 0.74
CA VAL A 61 0.25 6.12 0.98
C VAL A 61 1.40 6.51 0.06
N GLU A 62 2.61 6.09 0.42
CA GLU A 62 3.79 6.39 -0.39
C GLU A 62 4.56 5.11 -0.73
N GLU A 63 4.79 4.91 -2.02
CA GLU A 63 5.51 3.73 -2.49
C GLU A 63 6.96 3.76 -2.01
N GLU A 64 7.35 2.76 -1.22
CA GLU A 64 8.71 2.68 -0.71
C GLU A 64 9.69 2.33 -1.82
N GLY A 65 10.94 2.76 -1.66
CA GLY A 65 11.95 2.48 -2.65
C GLY A 65 13.25 2.00 -2.05
N ILE A 66 13.19 0.87 -1.36
CA ILE A 66 14.37 0.29 -0.73
C ILE A 66 15.63 0.56 -1.55
N GLN A 67 15.46 0.59 -2.87
CA GLN A 67 16.58 0.83 -3.77
C GLN A 67 16.13 1.63 -5.00
N SER A 68 17.02 2.47 -5.51
CA SER A 68 16.70 3.30 -6.67
C SER A 68 17.52 2.85 -7.88
N GLY A 69 18.77 2.46 -7.64
CA GLY A 69 19.63 2.02 -8.71
C GLY A 69 20.19 0.63 -8.48
N PRO A 70 21.31 0.31 -9.14
CA PRO A 70 21.97 -0.99 -9.02
C PRO A 70 22.60 -1.20 -7.64
N SER A 71 23.27 -2.33 -7.47
CA SER A 71 23.91 -2.65 -6.20
C SER A 71 24.99 -3.71 -6.40
N SER A 72 25.90 -3.81 -5.44
CA SER A 72 26.99 -4.78 -5.50
C SER A 72 27.65 -4.95 -4.13
N GLY A 73 28.07 -6.18 -3.84
CA GLY A 73 28.72 -6.45 -2.57
C GLY A 73 27.77 -7.08 -1.56
N GLY A 1 9.76 -15.17 -8.86
CA GLY A 1 10.73 -16.02 -8.19
C GLY A 1 11.67 -15.23 -7.30
N SER A 2 12.83 -14.87 -7.84
CA SER A 2 13.83 -14.11 -7.10
C SER A 2 14.03 -12.72 -7.69
N SER A 3 14.40 -12.69 -8.98
CA SER A 3 14.62 -11.42 -9.67
C SER A 3 13.45 -10.48 -9.46
N GLY A 4 13.67 -9.19 -9.76
CA GLY A 4 12.62 -8.21 -9.60
C GLY A 4 12.18 -8.05 -8.16
N SER A 5 10.94 -7.64 -7.96
CA SER A 5 10.39 -7.45 -6.62
C SER A 5 11.30 -6.55 -5.80
N SER A 6 11.75 -5.45 -6.41
CA SER A 6 12.63 -4.51 -5.73
C SER A 6 11.88 -3.76 -4.63
N GLY A 7 10.70 -3.26 -4.97
CA GLY A 7 9.91 -2.53 -4.00
C GLY A 7 8.47 -2.35 -4.44
N GLY A 8 7.54 -2.91 -3.68
CA GLY A 8 6.13 -2.80 -4.01
C GLY A 8 5.25 -2.70 -2.79
N THR A 9 5.63 -1.83 -1.86
CA THR A 9 4.86 -1.65 -0.63
C THR A 9 4.70 -0.16 -0.31
N ALA A 10 3.53 0.20 0.21
CA ALA A 10 3.25 1.59 0.57
C ALA A 10 2.85 1.71 2.04
N VAL A 11 3.21 2.83 2.65
CA VAL A 11 2.88 3.07 4.06
C VAL A 11 1.89 4.22 4.20
N ALA A 12 0.94 4.08 5.12
CA ALA A 12 -0.06 5.11 5.37
C ALA A 12 0.58 6.35 5.96
N ARG A 13 0.67 7.41 5.16
CA ARG A 13 1.26 8.67 5.61
C ARG A 13 0.24 9.49 6.41
N TYR A 14 -1.04 9.23 6.16
CA TYR A 14 -2.10 9.95 6.84
C TYR A 14 -3.23 9.00 7.24
N ASN A 15 -3.83 9.26 8.39
CA ASN A 15 -4.93 8.43 8.89
C ASN A 15 -6.14 8.53 7.97
N PHE A 16 -6.55 7.39 7.42
CA PHE A 16 -7.70 7.35 6.52
C PHE A 16 -8.67 6.25 6.94
N ALA A 17 -9.91 6.64 7.23
CA ALA A 17 -10.94 5.69 7.64
C ALA A 17 -11.78 5.25 6.45
N ALA A 18 -11.67 3.98 6.08
CA ALA A 18 -12.44 3.44 4.97
C ALA A 18 -13.91 3.78 5.09
N ARG A 19 -14.48 4.34 4.01
CA ARG A 19 -15.89 4.72 4.01
C ARG A 19 -16.78 3.48 3.91
N ASP A 20 -16.43 2.59 2.98
CA ASP A 20 -17.21 1.36 2.77
C ASP A 20 -16.39 0.13 3.15
N MET A 21 -17.08 -0.97 3.40
CA MET A 21 -16.41 -2.21 3.77
C MET A 21 -15.34 -2.58 2.75
N ARG A 22 -15.70 -2.50 1.47
CA ARG A 22 -14.77 -2.83 0.39
C ARG A 22 -13.43 -2.13 0.60
N GLU A 23 -13.49 -0.84 0.93
CA GLU A 23 -12.28 -0.06 1.15
C GLU A 23 -11.49 -0.60 2.33
N LEU A 24 -10.24 -0.17 2.45
CA LEU A 24 -9.36 -0.61 3.53
C LEU A 24 -8.89 0.58 4.37
N SER A 25 -9.09 0.48 5.68
CA SER A 25 -8.68 1.55 6.59
C SER A 25 -7.16 1.64 6.66
N LEU A 26 -6.64 2.86 6.59
CA LEU A 26 -5.20 3.08 6.65
C LEU A 26 -4.81 3.84 7.92
N ARG A 27 -3.81 3.34 8.63
CA ARG A 27 -3.35 3.97 9.86
C ARG A 27 -1.88 4.38 9.75
N GLU A 28 -1.58 5.60 10.17
CA GLU A 28 -0.21 6.10 10.11
C GLU A 28 0.79 5.01 10.53
N GLY A 29 1.46 4.45 9.54
CA GLY A 29 2.44 3.40 9.80
C GLY A 29 2.09 2.09 9.14
N ASP A 30 0.81 1.72 9.20
CA ASP A 30 0.34 0.47 8.59
C ASP A 30 0.91 0.31 7.19
N VAL A 31 1.66 -0.76 6.98
CA VAL A 31 2.27 -1.04 5.67
C VAL A 31 1.36 -1.93 4.84
N VAL A 32 1.05 -1.49 3.62
CA VAL A 32 0.20 -2.26 2.72
C VAL A 32 1.00 -2.77 1.53
N ARG A 33 0.67 -3.99 1.09
CA ARG A 33 1.35 -4.60 -0.05
C ARG A 33 0.45 -4.63 -1.27
N ILE A 34 0.69 -3.71 -2.20
CA ILE A 34 -0.10 -3.63 -3.42
C ILE A 34 -0.10 -4.97 -4.16
N TYR A 35 -1.24 -5.65 -4.13
CA TYR A 35 -1.36 -6.94 -4.80
C TYR A 35 -1.81 -6.77 -6.25
N SER A 36 -2.85 -5.96 -6.45
CA SER A 36 -3.38 -5.71 -7.78
C SER A 36 -3.40 -4.21 -8.08
N ARG A 37 -2.82 -3.84 -9.22
CA ARG A 37 -2.77 -2.44 -9.63
C ARG A 37 -4.11 -2.00 -10.23
N ILE A 38 -4.59 -2.75 -11.21
CA ILE A 38 -5.85 -2.45 -11.87
C ILE A 38 -6.95 -3.40 -11.44
N GLY A 39 -8.13 -2.87 -11.13
CA GLY A 39 -9.24 -3.69 -10.70
C GLY A 39 -10.55 -2.93 -10.69
N GLY A 40 -10.79 -2.21 -9.59
CA GLY A 40 -12.02 -1.44 -9.47
C GLY A 40 -11.90 -0.04 -10.05
N ASP A 41 -12.32 0.95 -9.27
CA ASP A 41 -12.24 2.34 -9.72
C ASP A 41 -10.83 2.71 -10.13
N GLN A 42 -10.66 3.91 -10.68
CA GLN A 42 -9.36 4.38 -11.13
C GLN A 42 -8.62 5.07 -9.99
N GLY A 43 -7.35 4.72 -9.82
CA GLY A 43 -6.55 5.32 -8.76
C GLY A 43 -6.73 4.62 -7.43
N TRP A 44 -6.95 3.31 -7.48
CA TRP A 44 -7.14 2.52 -6.26
C TRP A 44 -6.45 1.16 -6.39
N TRP A 45 -5.79 0.74 -5.31
CA TRP A 45 -5.08 -0.53 -5.29
C TRP A 45 -5.66 -1.47 -4.24
N LYS A 46 -5.18 -2.70 -4.21
CA LYS A 46 -5.65 -3.69 -3.25
C LYS A 46 -4.48 -4.44 -2.63
N GLY A 47 -4.27 -4.24 -1.33
CA GLY A 47 -3.19 -4.91 -0.63
C GLY A 47 -3.65 -5.57 0.65
N GLU A 48 -2.78 -5.59 1.66
CA GLU A 48 -3.10 -6.20 2.93
C GLU A 48 -2.20 -5.65 4.04
N THR A 49 -2.83 -5.25 5.14
CA THR A 49 -2.09 -4.69 6.28
C THR A 49 -2.84 -4.92 7.59
N ASN A 50 -2.15 -5.48 8.57
CA ASN A 50 -2.74 -5.75 9.87
C ASN A 50 -3.90 -6.75 9.74
N GLY A 51 -3.75 -7.70 8.82
CA GLY A 51 -4.79 -8.69 8.62
C GLY A 51 -6.05 -8.10 8.02
N ARG A 52 -5.89 -7.08 7.18
CA ARG A 52 -7.03 -6.43 6.54
C ARG A 52 -6.79 -6.28 5.04
N ILE A 53 -7.71 -6.82 4.25
CA ILE A 53 -7.62 -6.74 2.79
C ILE A 53 -8.75 -5.91 2.21
N GLY A 54 -8.41 -5.10 1.22
CA GLY A 54 -9.41 -4.25 0.58
C GLY A 54 -8.79 -3.17 -0.28
N TRP A 55 -9.63 -2.31 -0.85
CA TRP A 55 -9.17 -1.23 -1.70
C TRP A 55 -8.78 -0.01 -0.87
N PHE A 56 -7.52 0.41 -0.99
CA PHE A 56 -7.04 1.56 -0.23
C PHE A 56 -6.50 2.63 -1.18
N PRO A 57 -6.61 3.90 -0.76
CA PRO A 57 -6.14 5.04 -1.55
C PRO A 57 -4.62 5.10 -1.66
N SER A 58 -4.12 5.25 -2.88
CA SER A 58 -2.68 5.31 -3.11
C SER A 58 -2.16 6.73 -2.91
N THR A 59 -3.07 7.66 -2.63
CA THR A 59 -2.71 9.05 -2.42
C THR A 59 -2.49 9.34 -0.94
N TYR A 60 -2.92 8.42 -0.09
CA TYR A 60 -2.79 8.57 1.35
C TYR A 60 -1.59 7.77 1.88
N VAL A 61 -0.99 6.98 0.99
CA VAL A 61 0.16 6.16 1.36
C VAL A 61 1.40 6.57 0.57
N GLU A 62 2.56 6.10 1.02
CA GLU A 62 3.81 6.42 0.35
C GLU A 62 4.53 5.14 -0.09
N GLU A 63 4.83 5.06 -1.39
CA GLU A 63 5.50 3.89 -1.93
C GLU A 63 7.00 3.95 -1.65
N GLU A 64 7.42 3.27 -0.59
CA GLU A 64 8.82 3.24 -0.21
C GLU A 64 9.72 3.04 -1.43
N GLY A 65 11.00 3.36 -1.27
CA GLY A 65 11.94 3.21 -2.37
C GLY A 65 13.25 3.91 -2.11
N ILE A 66 13.97 3.46 -1.09
CA ILE A 66 15.26 4.04 -0.73
C ILE A 66 16.38 3.51 -1.61
N GLN A 67 17.19 4.41 -2.14
CA GLN A 67 18.30 4.02 -3.00
C GLN A 67 19.33 3.20 -2.23
N SER A 68 20.17 2.47 -2.96
CA SER A 68 21.19 1.64 -2.33
C SER A 68 22.58 2.10 -2.75
N GLY A 69 22.88 2.02 -4.04
CA GLY A 69 24.18 2.42 -4.54
C GLY A 69 24.12 2.87 -6.00
N PRO A 70 23.73 4.14 -6.22
CA PRO A 70 23.63 4.71 -7.57
C PRO A 70 25.00 4.91 -8.21
N SER A 71 25.18 4.32 -9.38
CA SER A 71 26.44 4.43 -10.11
C SER A 71 26.20 4.75 -11.58
N SER A 72 27.25 5.20 -12.26
CA SER A 72 27.15 5.54 -13.68
C SER A 72 26.74 4.34 -14.51
N GLY A 73 25.52 4.38 -15.03
CA GLY A 73 25.01 3.28 -15.83
C GLY A 73 23.51 3.15 -15.76
N GLY A 1 14.40 -22.97 -0.35
CA GLY A 1 13.16 -22.41 -0.86
C GLY A 1 13.37 -21.53 -2.07
N SER A 2 12.85 -20.31 -2.02
CA SER A 2 12.98 -19.37 -3.13
C SER A 2 13.55 -18.04 -2.65
N SER A 3 14.26 -17.35 -3.54
CA SER A 3 14.85 -16.07 -3.20
C SER A 3 13.80 -15.10 -2.68
N GLY A 4 13.82 -14.87 -1.38
CA GLY A 4 12.86 -13.95 -0.78
C GLY A 4 13.37 -12.52 -0.71
N SER A 5 12.70 -11.62 -1.43
CA SER A 5 13.09 -10.22 -1.45
C SER A 5 11.87 -9.32 -1.47
N SER A 6 11.70 -8.55 -0.40
CA SER A 6 10.57 -7.63 -0.29
C SER A 6 10.42 -6.79 -1.55
N GLY A 7 9.33 -6.04 -1.63
CA GLY A 7 9.08 -5.21 -2.80
C GLY A 7 7.61 -4.87 -2.98
N GLY A 8 7.34 -3.78 -3.68
CA GLY A 8 5.97 -3.38 -3.91
C GLY A 8 5.18 -3.24 -2.62
N THR A 9 5.25 -2.07 -2.00
CA THR A 9 4.55 -1.81 -0.75
C THR A 9 4.40 -0.32 -0.50
N ALA A 10 3.31 0.06 0.16
CA ALA A 10 3.05 1.47 0.48
C ALA A 10 2.74 1.65 1.96
N VAL A 11 3.30 2.70 2.55
CA VAL A 11 3.07 2.99 3.96
C VAL A 11 2.04 4.10 4.14
N ALA A 12 1.10 3.88 5.05
CA ALA A 12 0.05 4.85 5.33
C ALA A 12 0.63 6.13 5.92
N ARG A 13 0.78 7.16 5.09
CA ARG A 13 1.33 8.44 5.54
C ARG A 13 0.26 9.25 6.27
N TYR A 14 -0.99 8.84 6.14
CA TYR A 14 -2.09 9.54 6.77
C TYR A 14 -3.14 8.55 7.28
N ASN A 15 -3.89 8.95 8.30
CA ASN A 15 -4.92 8.10 8.87
C ASN A 15 -6.22 8.21 8.07
N PHE A 16 -6.58 7.13 7.39
CA PHE A 16 -7.80 7.11 6.58
C PHE A 16 -8.76 6.04 7.08
N ALA A 17 -10.04 6.38 7.15
CA ALA A 17 -11.06 5.45 7.60
C ALA A 17 -11.85 4.88 6.43
N ALA A 18 -11.80 3.57 6.27
CA ALA A 18 -12.53 2.90 5.19
C ALA A 18 -14.01 3.21 5.25
N ARG A 19 -14.45 4.19 4.45
CA ARG A 19 -15.85 4.57 4.42
C ARG A 19 -16.76 3.35 4.40
N ASP A 20 -16.49 2.44 3.47
CA ASP A 20 -17.28 1.22 3.33
C ASP A 20 -16.42 -0.02 3.57
N MET A 21 -17.05 -1.18 3.59
CA MET A 21 -16.34 -2.44 3.81
C MET A 21 -15.29 -2.66 2.71
N ARG A 22 -15.69 -2.43 1.47
CA ARG A 22 -14.78 -2.61 0.34
C ARG A 22 -13.45 -1.91 0.59
N GLU A 23 -13.52 -0.66 1.03
CA GLU A 23 -12.33 0.12 1.31
C GLU A 23 -11.51 -0.51 2.43
N LEU A 24 -10.27 -0.05 2.58
CA LEU A 24 -9.38 -0.58 3.60
C LEU A 24 -8.93 0.53 4.56
N SER A 25 -9.09 0.29 5.86
CA SER A 25 -8.71 1.27 6.86
C SER A 25 -7.19 1.43 6.91
N LEU A 26 -6.72 2.66 6.74
CA LEU A 26 -5.29 2.95 6.76
C LEU A 26 -4.92 3.79 7.98
N ARG A 27 -3.88 3.37 8.69
CA ARG A 27 -3.44 4.07 9.88
C ARG A 27 -1.98 4.50 9.74
N GLU A 28 -1.66 5.69 10.20
CA GLU A 28 -0.30 6.21 10.13
C GLU A 28 0.71 5.17 10.59
N GLY A 29 1.37 4.54 9.62
CA GLY A 29 2.35 3.52 9.95
C GLY A 29 2.05 2.19 9.28
N ASP A 30 0.77 1.86 9.17
CA ASP A 30 0.36 0.61 8.54
C ASP A 30 0.97 0.46 7.16
N VAL A 31 1.65 -0.65 6.93
CA VAL A 31 2.29 -0.91 5.65
C VAL A 31 1.44 -1.83 4.79
N VAL A 32 0.87 -1.29 3.73
CA VAL A 32 0.03 -2.06 2.82
C VAL A 32 0.85 -2.69 1.70
N ARG A 33 0.60 -3.96 1.41
CA ARG A 33 1.31 -4.67 0.36
C ARG A 33 0.51 -4.65 -0.94
N ILE A 34 0.92 -3.80 -1.88
CA ILE A 34 0.24 -3.69 -3.16
C ILE A 34 0.27 -5.03 -3.90
N TYR A 35 -0.91 -5.59 -4.13
CA TYR A 35 -1.03 -6.86 -4.84
C TYR A 35 -1.38 -6.65 -6.31
N SER A 36 -2.49 -5.94 -6.54
CA SER A 36 -2.94 -5.66 -7.90
C SER A 36 -3.08 -4.16 -8.13
N ARG A 37 -2.62 -3.70 -9.29
CA ARG A 37 -2.68 -2.29 -9.63
C ARG A 37 -4.00 -1.96 -10.33
N ILE A 38 -4.48 -2.89 -11.15
CA ILE A 38 -5.74 -2.70 -11.86
C ILE A 38 -6.92 -3.26 -11.07
N GLY A 39 -7.86 -2.38 -10.74
CA GLY A 39 -9.03 -2.80 -9.99
C GLY A 39 -9.43 -1.80 -8.93
N GLY A 40 -10.72 -1.73 -8.64
CA GLY A 40 -11.22 -0.79 -7.64
C GLY A 40 -11.70 0.51 -8.24
N ASP A 41 -10.85 1.53 -8.18
CA ASP A 41 -11.20 2.84 -8.72
C ASP A 41 -10.00 3.46 -9.42
N GLN A 42 -10.23 4.59 -10.09
CA GLN A 42 -9.16 5.29 -10.81
C GLN A 42 -8.11 5.81 -9.85
N GLY A 43 -6.99 5.08 -9.75
CA GLY A 43 -5.92 5.48 -8.86
C GLY A 43 -5.97 4.77 -7.52
N TRP A 44 -6.49 3.55 -7.53
CA TRP A 44 -6.59 2.76 -6.30
C TRP A 44 -5.99 1.37 -6.49
N TRP A 45 -5.36 0.86 -5.43
CA TRP A 45 -4.74 -0.45 -5.49
C TRP A 45 -5.31 -1.37 -4.41
N LYS A 46 -5.03 -2.66 -4.53
CA LYS A 46 -5.52 -3.64 -3.56
C LYS A 46 -4.36 -4.32 -2.84
N GLY A 47 -4.31 -4.15 -1.53
CA GLY A 47 -3.24 -4.76 -0.75
C GLY A 47 -3.74 -5.38 0.54
N GLU A 48 -2.96 -5.26 1.61
CA GLU A 48 -3.34 -5.81 2.90
C GLU A 48 -2.35 -5.39 3.99
N THR A 49 -2.87 -5.09 5.17
CA THR A 49 -2.03 -4.67 6.29
C THR A 49 -2.62 -5.13 7.62
N ASN A 50 -1.84 -5.89 8.37
CA ASN A 50 -2.27 -6.40 9.67
C ASN A 50 -3.46 -7.35 9.50
N GLY A 51 -3.52 -8.02 8.36
CA GLY A 51 -4.60 -8.95 8.09
C GLY A 51 -5.83 -8.26 7.52
N ARG A 52 -5.75 -6.94 7.38
CA ARG A 52 -6.87 -6.17 6.84
C ARG A 52 -6.73 -5.99 5.33
N ILE A 53 -7.73 -6.45 4.59
CA ILE A 53 -7.72 -6.34 3.14
C ILE A 53 -8.79 -5.36 2.66
N GLY A 54 -8.61 -4.85 1.44
CA GLY A 54 -9.56 -3.92 0.88
C GLY A 54 -8.93 -2.93 -0.07
N TRP A 55 -9.74 -2.08 -0.69
CA TRP A 55 -9.25 -1.09 -1.63
C TRP A 55 -8.89 0.21 -0.92
N PHE A 56 -7.65 0.66 -1.11
CA PHE A 56 -7.18 1.89 -0.50
C PHE A 56 -6.53 2.82 -1.53
N PRO A 57 -6.74 4.13 -1.34
CA PRO A 57 -6.19 5.14 -2.25
C PRO A 57 -4.67 5.26 -2.13
N SER A 58 -3.99 5.24 -3.28
CA SER A 58 -2.54 5.33 -3.31
C SER A 58 -2.08 6.70 -2.82
N THR A 59 -2.99 7.68 -2.84
CA THR A 59 -2.67 9.03 -2.39
C THR A 59 -2.44 9.07 -0.88
N TYR A 60 -3.13 8.19 -0.17
CA TYR A 60 -3.00 8.12 1.29
C TYR A 60 -1.95 7.09 1.70
N VAL A 61 -0.91 6.95 0.87
CA VAL A 61 0.15 6.00 1.15
C VAL A 61 1.41 6.36 0.38
N GLU A 62 2.55 5.87 0.86
CA GLU A 62 3.84 6.14 0.22
C GLU A 62 4.52 4.84 -0.18
N GLU A 63 4.77 4.68 -1.48
CA GLU A 63 5.42 3.48 -1.99
C GLU A 63 6.89 3.44 -1.58
N GLU A 64 7.23 2.55 -0.66
CA GLU A 64 8.59 2.42 -0.19
C GLU A 64 9.57 2.33 -1.35
N GLY A 65 10.78 2.87 -1.16
CA GLY A 65 11.78 2.84 -2.20
C GLY A 65 13.08 3.46 -1.77
N ILE A 66 13.36 4.66 -2.27
CA ILE A 66 14.60 5.37 -1.93
C ILE A 66 14.92 5.21 -0.44
N GLN A 67 16.19 5.37 -0.10
CA GLN A 67 16.64 5.25 1.28
C GLN A 67 17.20 6.57 1.79
N SER A 68 16.32 7.43 2.28
CA SER A 68 16.74 8.74 2.79
C SER A 68 18.00 8.61 3.65
N GLY A 69 19.01 9.41 3.31
CA GLY A 69 20.24 9.38 4.06
C GLY A 69 21.37 8.72 3.28
N PRO A 70 22.39 8.24 4.00
CA PRO A 70 23.55 7.58 3.39
C PRO A 70 23.19 6.22 2.80
N SER A 71 23.83 5.89 1.66
CA SER A 71 23.57 4.62 1.00
C SER A 71 24.61 3.58 1.40
N SER A 72 24.26 2.31 1.24
CA SER A 72 25.15 1.22 1.59
C SER A 72 25.22 0.19 0.46
N GLY A 73 26.03 -0.85 0.67
CA GLY A 73 26.17 -1.89 -0.33
C GLY A 73 27.51 -1.85 -1.04
N GLY A 1 4.41 -13.96 -3.35
CA GLY A 1 3.54 -12.80 -3.52
C GLY A 1 2.50 -13.02 -4.60
N SER A 2 2.10 -11.93 -5.26
CA SER A 2 1.10 -12.01 -6.32
C SER A 2 1.76 -12.26 -7.66
N SER A 3 1.12 -13.09 -8.48
CA SER A 3 1.65 -13.43 -9.80
C SER A 3 3.17 -13.63 -9.75
N GLY A 4 3.63 -14.32 -8.70
CA GLY A 4 5.05 -14.57 -8.56
C GLY A 4 5.88 -13.31 -8.74
N SER A 5 5.78 -12.39 -7.79
CA SER A 5 6.52 -11.14 -7.86
C SER A 5 6.75 -10.57 -6.46
N SER A 6 8.01 -10.29 -6.14
CA SER A 6 8.36 -9.73 -4.84
C SER A 6 8.66 -8.24 -4.94
N GLY A 7 8.36 -7.51 -3.88
CA GLY A 7 8.60 -6.08 -3.87
C GLY A 7 7.35 -5.27 -4.15
N GLY A 8 6.89 -4.53 -3.14
CA GLY A 8 5.69 -3.73 -3.30
C GLY A 8 5.04 -3.38 -1.98
N THR A 9 5.72 -2.57 -1.17
CA THR A 9 5.21 -2.16 0.13
C THR A 9 5.06 -0.65 0.21
N ALA A 10 3.93 -0.19 0.72
CA ALA A 10 3.66 1.23 0.87
C ALA A 10 3.52 1.61 2.34
N VAL A 11 3.81 2.88 2.64
CA VAL A 11 3.71 3.37 4.01
C VAL A 11 2.63 4.44 4.12
N ALA A 12 1.56 4.13 4.85
CA ALA A 12 0.46 5.06 5.04
C ALA A 12 0.94 6.34 5.71
N ARG A 13 0.93 7.43 4.97
CA ARG A 13 1.37 8.73 5.48
C ARG A 13 0.24 9.40 6.27
N TYR A 14 -0.98 8.95 6.05
CA TYR A 14 -2.14 9.51 6.73
C TYR A 14 -3.14 8.41 7.10
N ASN A 15 -4.04 8.73 8.02
CA ASN A 15 -5.05 7.78 8.46
C ASN A 15 -6.29 7.86 7.57
N PHE A 16 -6.93 6.70 7.37
CA PHE A 16 -8.13 6.64 6.54
C PHE A 16 -9.14 5.65 7.11
N ALA A 17 -10.34 6.12 7.36
CA ALA A 17 -11.41 5.28 7.91
C ALA A 17 -12.27 4.69 6.80
N ALA A 18 -12.00 3.43 6.45
CA ALA A 18 -12.76 2.76 5.41
C ALA A 18 -14.23 3.14 5.46
N ARG A 19 -14.61 4.10 4.61
CA ARG A 19 -16.00 4.56 4.56
C ARG A 19 -16.95 3.40 4.34
N ASP A 20 -16.58 2.48 3.46
CA ASP A 20 -17.40 1.31 3.18
C ASP A 20 -16.70 0.02 3.58
N MET A 21 -17.38 -1.10 3.42
CA MET A 21 -16.81 -2.40 3.78
C MET A 21 -15.66 -2.77 2.84
N ARG A 22 -15.93 -2.68 1.54
CA ARG A 22 -14.91 -3.01 0.54
C ARG A 22 -13.63 -2.22 0.80
N GLU A 23 -13.76 -0.92 1.03
CA GLU A 23 -12.61 -0.07 1.29
C GLU A 23 -11.72 -0.67 2.37
N LEU A 24 -10.47 -0.23 2.42
CA LEU A 24 -9.52 -0.72 3.40
C LEU A 24 -9.01 0.42 4.29
N SER A 25 -9.22 0.29 5.60
CA SER A 25 -8.78 1.30 6.54
C SER A 25 -7.27 1.31 6.68
N LEU A 26 -6.68 2.50 6.68
CA LEU A 26 -5.23 2.64 6.80
C LEU A 26 -4.87 3.50 8.01
N ARG A 27 -3.99 2.98 8.85
CA ARG A 27 -3.56 3.70 10.05
C ARG A 27 -2.14 4.24 9.88
N GLU A 28 -1.94 5.50 10.25
CA GLU A 28 -0.63 6.13 10.14
C GLU A 28 0.48 5.15 10.51
N GLY A 29 1.27 4.76 9.51
CA GLY A 29 2.36 3.84 9.74
C GLY A 29 1.95 2.40 9.50
N ASP A 30 0.96 2.20 8.64
CA ASP A 30 0.48 0.86 8.33
C ASP A 30 1.07 0.37 7.01
N VAL A 31 1.93 -0.63 7.09
CA VAL A 31 2.57 -1.19 5.90
C VAL A 31 1.57 -1.99 5.07
N VAL A 32 1.35 -1.54 3.83
CA VAL A 32 0.42 -2.21 2.94
C VAL A 32 1.15 -2.82 1.74
N ARG A 33 0.85 -4.07 1.44
CA ARG A 33 1.48 -4.77 0.33
C ARG A 33 0.60 -4.69 -0.92
N ILE A 34 1.05 -3.91 -1.89
CA ILE A 34 0.30 -3.74 -3.15
C ILE A 34 0.23 -5.06 -3.91
N TYR A 35 -0.96 -5.64 -3.95
CA TYR A 35 -1.17 -6.91 -4.66
C TYR A 35 -1.60 -6.66 -6.10
N SER A 36 -2.68 -5.91 -6.27
CA SER A 36 -3.20 -5.61 -7.60
C SER A 36 -3.20 -4.10 -7.85
N ARG A 37 -2.96 -3.71 -9.10
CA ARG A 37 -2.94 -2.31 -9.48
C ARG A 37 -4.18 -1.93 -10.28
N ILE A 38 -4.53 -2.76 -11.25
CA ILE A 38 -5.70 -2.52 -12.08
C ILE A 38 -6.97 -2.97 -11.38
N GLY A 39 -7.89 -2.03 -11.18
CA GLY A 39 -9.15 -2.35 -10.52
C GLY A 39 -9.62 -1.25 -9.61
N GLY A 40 -10.92 -1.01 -9.58
CA GLY A 40 -11.48 0.02 -8.74
C GLY A 40 -11.20 1.42 -9.26
N ASP A 41 -11.34 2.41 -8.39
CA ASP A 41 -11.09 3.80 -8.78
C ASP A 41 -9.69 3.96 -9.37
N GLN A 42 -9.53 4.97 -10.22
CA GLN A 42 -8.24 5.23 -10.85
C GLN A 42 -7.14 5.41 -9.81
N GLY A 43 -5.99 4.80 -10.07
CA GLY A 43 -4.88 4.90 -9.14
C GLY A 43 -5.02 3.97 -7.96
N TRP A 44 -6.22 3.95 -7.37
CA TRP A 44 -6.48 3.09 -6.21
C TRP A 44 -5.93 1.69 -6.43
N TRP A 45 -5.50 1.05 -5.35
CA TRP A 45 -4.94 -0.30 -5.43
C TRP A 45 -5.52 -1.18 -4.33
N LYS A 46 -5.23 -2.48 -4.42
CA LYS A 46 -5.71 -3.43 -3.42
C LYS A 46 -4.56 -4.05 -2.65
N GLY A 47 -4.46 -3.71 -1.38
CA GLY A 47 -3.38 -4.24 -0.55
C GLY A 47 -3.90 -4.91 0.71
N GLU A 48 -3.02 -5.08 1.69
CA GLU A 48 -3.40 -5.71 2.96
C GLU A 48 -2.48 -5.25 4.09
N THR A 49 -3.05 -5.09 5.27
CA THR A 49 -2.29 -4.65 6.44
C THR A 49 -3.11 -4.81 7.72
N ASN A 50 -2.49 -5.43 8.72
CA ASN A 50 -3.16 -5.65 10.00
C ASN A 50 -4.37 -6.56 9.84
N GLY A 51 -4.28 -7.48 8.89
CA GLY A 51 -5.38 -8.41 8.64
C GLY A 51 -6.58 -7.73 8.03
N ARG A 52 -6.33 -6.75 7.17
CA ARG A 52 -7.41 -6.01 6.51
C ARG A 52 -7.15 -5.91 5.01
N ILE A 53 -8.10 -6.41 4.22
CA ILE A 53 -7.99 -6.39 2.77
C ILE A 53 -9.12 -5.59 2.14
N GLY A 54 -8.80 -4.82 1.11
CA GLY A 54 -9.80 -4.02 0.43
C GLY A 54 -9.19 -2.96 -0.47
N TRP A 55 -10.01 -2.02 -0.91
CA TRP A 55 -9.55 -0.95 -1.79
C TRP A 55 -9.09 0.26 -0.98
N PHE A 56 -7.88 0.73 -1.26
CA PHE A 56 -7.32 1.88 -0.57
C PHE A 56 -6.68 2.85 -1.54
N PRO A 57 -6.81 4.16 -1.24
CA PRO A 57 -6.24 5.22 -2.08
C PRO A 57 -4.72 5.25 -2.04
N SER A 58 -4.09 5.35 -3.21
CA SER A 58 -2.64 5.39 -3.30
C SER A 58 -2.10 6.74 -2.85
N THR A 59 -2.91 7.78 -3.04
CA THR A 59 -2.52 9.13 -2.66
C THR A 59 -2.34 9.24 -1.15
N TYR A 60 -2.87 8.27 -0.41
CA TYR A 60 -2.77 8.26 1.03
C TYR A 60 -1.51 7.53 1.49
N VAL A 61 -0.96 6.71 0.61
CA VAL A 61 0.25 5.95 0.92
C VAL A 61 1.38 6.32 -0.03
N GLU A 62 2.60 5.90 0.31
CA GLU A 62 3.77 6.18 -0.51
C GLU A 62 4.53 4.91 -0.84
N GLU A 63 4.95 4.79 -2.10
CA GLU A 63 5.69 3.62 -2.55
C GLU A 63 7.19 3.78 -2.30
N GLU A 64 7.65 3.31 -1.14
CA GLU A 64 9.06 3.41 -0.77
C GLU A 64 9.95 2.99 -1.93
N GLY A 65 11.25 3.21 -1.79
CA GLY A 65 12.19 2.85 -2.84
C GLY A 65 12.89 1.54 -2.55
N ILE A 66 12.61 0.53 -3.37
CA ILE A 66 13.23 -0.78 -3.20
C ILE A 66 14.69 -0.65 -2.78
N GLN A 67 15.39 0.28 -3.40
CA GLN A 67 16.80 0.51 -3.09
C GLN A 67 17.05 0.41 -1.59
N SER A 68 18.05 -0.39 -1.21
CA SER A 68 18.38 -0.57 0.20
C SER A 68 19.72 -1.31 0.34
N GLY A 69 20.19 -1.43 1.58
CA GLY A 69 21.44 -2.12 1.83
C GLY A 69 21.95 -1.87 3.23
N PRO A 70 22.98 -2.65 3.63
CA PRO A 70 23.59 -2.53 4.96
C PRO A 70 24.38 -1.24 5.12
N SER A 71 25.04 -0.82 4.06
CA SER A 71 25.84 0.40 4.08
C SER A 71 26.65 0.49 5.36
N SER A 72 27.22 -0.64 5.78
CA SER A 72 28.02 -0.69 7.00
C SER A 72 29.19 0.29 6.92
N GLY A 73 29.04 1.44 7.58
CA GLY A 73 30.09 2.43 7.57
C GLY A 73 29.65 3.74 6.92
N GLY A 1 15.87 -16.07 -16.09
CA GLY A 1 14.74 -16.54 -15.31
C GLY A 1 14.21 -15.49 -14.36
N SER A 2 15.07 -15.01 -13.47
CA SER A 2 14.67 -14.00 -12.50
C SER A 2 13.24 -14.21 -12.04
N SER A 3 12.90 -15.47 -11.75
CA SER A 3 11.56 -15.81 -11.30
C SER A 3 11.28 -15.23 -9.91
N GLY A 4 10.22 -14.45 -9.81
CA GLY A 4 9.86 -13.85 -8.54
C GLY A 4 10.25 -12.38 -8.47
N SER A 5 10.88 -12.00 -7.37
CA SER A 5 11.30 -10.61 -7.17
C SER A 5 10.12 -9.66 -7.32
N SER A 6 8.98 -10.05 -6.78
CA SER A 6 7.77 -9.23 -6.85
C SER A 6 7.14 -9.06 -5.47
N GLY A 7 6.69 -7.84 -5.18
CA GLY A 7 6.07 -7.57 -3.90
C GLY A 7 6.06 -6.09 -3.55
N GLY A 8 5.10 -5.36 -4.11
CA GLY A 8 5.01 -3.94 -3.84
C GLY A 8 4.51 -3.64 -2.44
N THR A 9 5.09 -2.62 -1.83
CA THR A 9 4.70 -2.22 -0.47
C THR A 9 4.66 -0.71 -0.33
N ALA A 10 3.79 -0.23 0.55
CA ALA A 10 3.65 1.21 0.78
C ALA A 10 3.49 1.51 2.27
N VAL A 11 3.49 2.79 2.62
CA VAL A 11 3.34 3.21 4.00
C VAL A 11 2.31 4.32 4.13
N ALA A 12 1.31 4.10 4.98
CA ALA A 12 0.25 5.08 5.19
C ALA A 12 0.82 6.40 5.71
N ARG A 13 0.61 7.47 4.95
CA ARG A 13 1.11 8.78 5.33
C ARG A 13 0.04 9.58 6.08
N TYR A 14 -1.19 9.07 6.06
CA TYR A 14 -2.30 9.73 6.74
C TYR A 14 -3.38 8.72 7.12
N ASN A 15 -3.98 8.92 8.28
CA ASN A 15 -5.02 8.03 8.76
C ASN A 15 -6.25 8.09 7.86
N PHE A 16 -6.71 6.93 7.41
CA PHE A 16 -7.88 6.86 6.54
C PHE A 16 -8.86 5.80 7.04
N ALA A 17 -10.05 6.26 7.44
CA ALA A 17 -11.08 5.36 7.94
C ALA A 17 -12.04 4.94 6.82
N ALA A 18 -11.93 3.68 6.41
CA ALA A 18 -12.78 3.16 5.35
C ALA A 18 -14.26 3.22 5.75
N ARG A 19 -15.06 3.83 4.89
CA ARG A 19 -16.50 3.96 5.16
C ARG A 19 -17.24 2.68 4.78
N ASP A 20 -16.91 2.14 3.62
CA ASP A 20 -17.54 0.92 3.14
C ASP A 20 -16.63 -0.29 3.35
N MET A 21 -17.21 -1.48 3.35
CA MET A 21 -16.45 -2.71 3.55
C MET A 21 -15.38 -2.86 2.47
N ARG A 22 -15.79 -2.67 1.21
CA ARG A 22 -14.87 -2.80 0.10
C ARG A 22 -13.55 -2.07 0.38
N GLU A 23 -13.65 -0.79 0.73
CA GLU A 23 -12.48 0.02 1.03
C GLU A 23 -11.65 -0.63 2.14
N LEU A 24 -10.49 -0.03 2.41
CA LEU A 24 -9.60 -0.55 3.45
C LEU A 24 -9.06 0.58 4.31
N SER A 25 -9.22 0.46 5.62
CA SER A 25 -8.74 1.47 6.56
C SER A 25 -7.22 1.48 6.62
N LEU A 26 -6.65 2.67 6.62
CA LEU A 26 -5.20 2.82 6.68
C LEU A 26 -4.78 3.63 7.91
N ARG A 27 -3.69 3.21 8.54
CA ARG A 27 -3.19 3.89 9.72
C ARG A 27 -1.75 4.37 9.50
N GLU A 28 -1.49 5.61 9.92
CA GLU A 28 -0.15 6.19 9.77
C GLU A 28 0.93 5.18 10.17
N GLY A 29 1.70 4.74 9.19
CA GLY A 29 2.76 3.79 9.46
C GLY A 29 2.43 2.40 8.97
N ASP A 30 1.16 2.02 9.06
CA ASP A 30 0.71 0.70 8.62
C ASP A 30 1.28 0.38 7.23
N VAL A 31 1.95 -0.76 7.13
CA VAL A 31 2.53 -1.19 5.87
C VAL A 31 1.53 -1.98 5.03
N VAL A 32 1.33 -1.56 3.79
CA VAL A 32 0.41 -2.23 2.89
C VAL A 32 1.14 -2.82 1.69
N ARG A 33 0.95 -4.11 1.46
CA ARG A 33 1.58 -4.79 0.33
C ARG A 33 0.71 -4.72 -0.91
N ILE A 34 1.11 -3.87 -1.86
CA ILE A 34 0.36 -3.71 -3.10
C ILE A 34 0.25 -5.03 -3.85
N TYR A 35 -0.91 -5.66 -3.78
CA TYR A 35 -1.15 -6.93 -4.45
C TYR A 35 -1.39 -6.72 -5.94
N SER A 36 -2.41 -5.92 -6.26
CA SER A 36 -2.74 -5.63 -7.65
C SER A 36 -2.79 -4.13 -7.90
N ARG A 37 -2.26 -3.72 -9.05
CA ARG A 37 -2.23 -2.30 -9.42
C ARG A 37 -3.35 -1.97 -10.38
N ILE A 38 -3.59 -2.86 -11.35
CA ILE A 38 -4.64 -2.66 -12.34
C ILE A 38 -6.02 -2.86 -11.72
N GLY A 39 -6.85 -1.82 -11.79
CA GLY A 39 -8.19 -1.92 -11.24
C GLY A 39 -8.57 -0.66 -10.46
N GLY A 40 -9.87 -0.39 -10.41
CA GLY A 40 -10.35 0.79 -9.69
C GLY A 40 -9.88 2.08 -10.33
N ASP A 41 -10.20 3.20 -9.68
CA ASP A 41 -9.81 4.51 -10.19
C ASP A 41 -8.30 4.61 -10.34
N GLN A 42 -7.85 5.59 -11.12
CA GLN A 42 -6.42 5.79 -11.35
C GLN A 42 -5.69 6.03 -10.03
N GLY A 43 -4.76 5.14 -9.72
CA GLY A 43 -4.00 5.27 -8.48
C GLY A 43 -4.39 4.24 -7.45
N TRP A 44 -5.69 4.10 -7.21
CA TRP A 44 -6.21 3.15 -6.24
C TRP A 44 -5.60 1.76 -6.47
N TRP A 45 -5.28 1.07 -5.38
CA TRP A 45 -4.71 -0.27 -5.47
C TRP A 45 -5.32 -1.19 -4.43
N LYS A 46 -5.00 -2.48 -4.53
CA LYS A 46 -5.52 -3.47 -3.59
C LYS A 46 -4.39 -4.09 -2.77
N GLY A 47 -4.48 -3.94 -1.45
CA GLY A 47 -3.47 -4.49 -0.58
C GLY A 47 -4.05 -5.21 0.62
N GLU A 48 -3.33 -5.21 1.74
CA GLU A 48 -3.78 -5.86 2.95
C GLU A 48 -2.85 -5.55 4.13
N THR A 49 -3.44 -5.41 5.31
CA THR A 49 -2.66 -5.10 6.51
C THR A 49 -3.53 -5.18 7.76
N ASN A 50 -2.99 -5.81 8.80
CA ASN A 50 -3.72 -5.95 10.06
C ASN A 50 -4.93 -6.87 9.89
N GLY A 51 -4.82 -7.82 8.96
CA GLY A 51 -5.91 -8.75 8.72
C GLY A 51 -7.09 -8.09 8.05
N ARG A 52 -6.81 -7.09 7.23
CA ARG A 52 -7.87 -6.36 6.52
C ARG A 52 -7.53 -6.24 5.03
N ILE A 53 -8.51 -6.56 4.18
CA ILE A 53 -8.33 -6.48 2.74
C ILE A 53 -9.42 -5.66 2.08
N GLY A 54 -9.05 -4.91 1.05
CA GLY A 54 -10.02 -4.08 0.35
C GLY A 54 -9.36 -3.06 -0.56
N TRP A 55 -10.07 -1.99 -0.85
CA TRP A 55 -9.55 -0.93 -1.71
C TRP A 55 -9.07 0.27 -0.90
N PHE A 56 -7.81 0.64 -1.09
CA PHE A 56 -7.23 1.77 -0.37
C PHE A 56 -6.60 2.77 -1.33
N PRO A 57 -6.72 4.07 -1.00
CA PRO A 57 -6.17 5.15 -1.82
C PRO A 57 -4.65 5.18 -1.80
N SER A 58 -4.04 5.30 -2.97
CA SER A 58 -2.59 5.34 -3.10
C SER A 58 -2.06 6.73 -2.76
N THR A 59 -2.92 7.73 -2.86
CA THR A 59 -2.54 9.11 -2.57
C THR A 59 -2.38 9.33 -1.07
N TYR A 60 -2.81 8.35 -0.28
CA TYR A 60 -2.71 8.44 1.17
C TYR A 60 -1.52 7.64 1.69
N VAL A 61 -0.89 6.87 0.79
CA VAL A 61 0.27 6.06 1.15
C VAL A 61 1.41 6.29 0.18
N GLU A 62 2.63 6.01 0.65
CA GLU A 62 3.82 6.18 -0.18
C GLU A 62 4.50 4.84 -0.43
N GLU A 63 5.14 4.71 -1.60
CA GLU A 63 5.84 3.48 -1.96
C GLU A 63 7.34 3.64 -1.74
N GLU A 64 7.85 3.03 -0.67
CA GLU A 64 9.27 3.09 -0.35
C GLU A 64 9.97 1.81 -0.77
N GLY A 65 11.25 1.93 -1.14
CA GLY A 65 12.02 0.77 -1.54
C GLY A 65 12.91 0.23 -0.44
N ILE A 66 14.18 0.62 -0.47
CA ILE A 66 15.14 0.18 0.53
C ILE A 66 14.83 0.79 1.89
N GLN A 67 15.42 0.23 2.94
CA GLN A 67 15.22 0.73 4.30
C GLN A 67 15.96 2.04 4.52
N SER A 68 17.23 2.06 4.13
CA SER A 68 18.06 3.26 4.30
C SER A 68 17.51 4.41 3.45
N GLY A 69 16.76 5.29 4.10
CA GLY A 69 16.19 6.43 3.39
C GLY A 69 17.16 7.58 3.27
N PRO A 70 16.82 8.57 2.43
CA PRO A 70 17.67 9.75 2.19
C PRO A 70 17.71 10.66 3.41
N SER A 71 18.41 11.78 3.27
CA SER A 71 18.54 12.74 4.36
C SER A 71 17.19 13.40 4.66
N SER A 72 16.87 13.49 5.95
CA SER A 72 15.61 14.09 6.38
C SER A 72 15.31 15.35 5.58
N GLY A 73 14.32 15.26 4.69
CA GLY A 73 13.95 16.41 3.88
C GLY A 73 12.59 16.24 3.24
N GLY A 1 9.52 -8.91 -16.68
CA GLY A 1 9.70 -9.04 -18.11
C GLY A 1 10.15 -7.75 -18.75
N SER A 2 9.20 -6.86 -19.04
CA SER A 2 9.50 -5.58 -19.66
C SER A 2 9.51 -4.46 -18.63
N SER A 3 10.71 -4.08 -18.19
CA SER A 3 10.86 -3.02 -17.19
C SER A 3 10.05 -3.34 -15.93
N GLY A 4 10.09 -4.60 -15.52
CA GLY A 4 9.36 -5.01 -14.33
C GLY A 4 9.81 -4.27 -13.09
N SER A 5 8.85 -3.82 -12.28
CA SER A 5 9.15 -3.09 -11.06
C SER A 5 8.87 -3.95 -9.83
N SER A 6 9.93 -4.52 -9.25
CA SER A 6 9.80 -5.37 -8.08
C SER A 6 9.37 -4.55 -6.87
N GLY A 7 9.10 -5.23 -5.76
CA GLY A 7 8.69 -4.55 -4.55
C GLY A 7 7.33 -3.91 -4.68
N GLY A 8 6.36 -4.41 -3.92
CA GLY A 8 5.01 -3.87 -3.97
C GLY A 8 4.45 -3.59 -2.59
N THR A 9 5.03 -2.61 -1.91
CA THR A 9 4.57 -2.24 -0.57
C THR A 9 4.55 -0.73 -0.39
N ALA A 10 3.67 -0.25 0.48
CA ALA A 10 3.56 1.18 0.74
C ALA A 10 3.34 1.44 2.23
N VAL A 11 3.39 2.72 2.60
CA VAL A 11 3.20 3.11 4.00
C VAL A 11 2.20 4.25 4.12
N ALA A 12 1.19 4.06 4.97
CA ALA A 12 0.16 5.07 5.18
C ALA A 12 0.74 6.32 5.83
N ARG A 13 0.72 7.42 5.08
CA ARG A 13 1.24 8.69 5.57
C ARG A 13 0.17 9.47 6.33
N TYR A 14 -1.09 9.13 6.07
CA TYR A 14 -2.21 9.80 6.72
C TYR A 14 -3.32 8.81 7.06
N ASN A 15 -3.93 8.99 8.23
CA ASN A 15 -5.01 8.11 8.67
C ASN A 15 -6.22 8.24 7.75
N PHE A 16 -6.81 7.10 7.41
CA PHE A 16 -7.98 7.07 6.53
C PHE A 16 -9.02 6.08 7.04
N ALA A 17 -10.26 6.54 7.17
CA ALA A 17 -11.35 5.70 7.64
C ALA A 17 -12.18 5.16 6.48
N ALA A 18 -12.17 3.84 6.31
CA ALA A 18 -12.93 3.21 5.24
C ALA A 18 -14.42 3.53 5.34
N ARG A 19 -14.97 4.10 4.28
CA ARG A 19 -16.38 4.45 4.25
C ARG A 19 -17.24 3.24 3.92
N ASP A 20 -16.62 2.22 3.33
CA ASP A 20 -17.33 1.01 2.97
C ASP A 20 -16.49 -0.23 3.29
N MET A 21 -17.14 -1.40 3.31
CA MET A 21 -16.45 -2.64 3.60
C MET A 21 -15.39 -2.94 2.55
N ARG A 22 -15.69 -2.60 1.30
CA ARG A 22 -14.76 -2.83 0.20
C ARG A 22 -13.47 -2.05 0.41
N GLU A 23 -13.59 -0.86 1.01
CA GLU A 23 -12.43 -0.01 1.26
C GLU A 23 -11.58 -0.58 2.40
N LEU A 24 -10.34 -0.11 2.50
CA LEU A 24 -9.43 -0.57 3.54
C LEU A 24 -8.91 0.61 4.36
N SER A 25 -9.03 0.51 5.67
CA SER A 25 -8.55 1.56 6.57
C SER A 25 -7.03 1.64 6.57
N LEU A 26 -6.51 2.85 6.74
CA LEU A 26 -5.06 3.07 6.76
C LEU A 26 -4.65 3.85 8.00
N ARG A 27 -3.59 3.39 8.66
CA ARG A 27 -3.10 4.04 9.87
C ARG A 27 -1.64 4.46 9.69
N GLU A 28 -1.32 5.67 10.14
CA GLU A 28 0.04 6.19 10.03
C GLU A 28 1.06 5.13 10.41
N GLY A 29 1.72 4.56 9.39
CA GLY A 29 2.71 3.54 9.64
C GLY A 29 2.34 2.21 9.02
N ASP A 30 1.06 1.86 9.09
CA ASP A 30 0.57 0.60 8.53
C ASP A 30 1.14 0.38 7.14
N VAL A 31 1.91 -0.71 6.99
CA VAL A 31 2.52 -1.04 5.71
C VAL A 31 1.62 -1.97 4.91
N VAL A 32 1.14 -1.48 3.77
CA VAL A 32 0.26 -2.27 2.91
C VAL A 32 1.04 -2.88 1.75
N ARG A 33 0.71 -4.12 1.39
CA ARG A 33 1.38 -4.81 0.31
C ARG A 33 0.56 -4.73 -0.98
N ILE A 34 0.98 -3.86 -1.89
CA ILE A 34 0.28 -3.68 -3.16
C ILE A 34 0.20 -4.99 -3.92
N TYR A 35 -1.02 -5.45 -4.18
CA TYR A 35 -1.24 -6.70 -4.90
C TYR A 35 -1.75 -6.42 -6.31
N SER A 36 -2.77 -5.57 -6.41
CA SER A 36 -3.35 -5.23 -7.70
C SER A 36 -3.09 -3.76 -8.04
N ARG A 37 -2.70 -3.51 -9.29
CA ARG A 37 -2.42 -2.16 -9.74
C ARG A 37 -3.61 -1.58 -10.50
N ILE A 38 -4.26 -2.41 -11.31
CA ILE A 38 -5.41 -1.99 -12.09
C ILE A 38 -6.63 -2.84 -11.78
N GLY A 39 -7.80 -2.38 -12.22
CA GLY A 39 -9.03 -3.11 -11.97
C GLY A 39 -10.12 -2.23 -11.39
N GLY A 40 -9.76 -1.41 -10.40
CA GLY A 40 -10.73 -0.54 -9.77
C GLY A 40 -10.71 0.85 -10.36
N ASP A 41 -10.92 1.86 -9.51
CA ASP A 41 -10.93 3.25 -9.95
C ASP A 41 -9.52 3.70 -10.34
N GLN A 42 -9.43 4.91 -10.91
CA GLN A 42 -8.15 5.45 -11.33
C GLN A 42 -7.37 5.99 -10.14
N GLY A 43 -6.39 5.22 -9.68
CA GLY A 43 -5.59 5.65 -8.55
C GLY A 43 -5.91 4.87 -7.29
N TRP A 44 -6.23 3.59 -7.44
CA TRP A 44 -6.56 2.75 -6.31
C TRP A 44 -5.91 1.37 -6.44
N TRP A 45 -5.39 0.86 -5.33
CA TRP A 45 -4.72 -0.44 -5.32
C TRP A 45 -5.30 -1.34 -4.23
N LYS A 46 -5.05 -2.64 -4.34
CA LYS A 46 -5.53 -3.60 -3.36
C LYS A 46 -4.37 -4.26 -2.62
N GLY A 47 -4.31 -4.05 -1.31
CA GLY A 47 -3.25 -4.63 -0.52
C GLY A 47 -3.78 -5.43 0.66
N GLU A 48 -2.94 -5.59 1.68
CA GLU A 48 -3.34 -6.35 2.88
C GLU A 48 -2.46 -5.96 4.06
N THR A 49 -3.08 -5.40 5.10
CA THR A 49 -2.36 -4.99 6.30
C THR A 49 -3.22 -5.20 7.55
N ASN A 50 -2.55 -5.44 8.67
CA ASN A 50 -3.24 -5.66 9.93
C ASN A 50 -4.40 -6.64 9.76
N GLY A 51 -4.21 -7.62 8.88
CA GLY A 51 -5.25 -8.61 8.64
C GLY A 51 -6.48 -8.01 7.99
N ARG A 52 -6.28 -7.04 7.11
CA ARG A 52 -7.38 -6.38 6.43
C ARG A 52 -7.08 -6.22 4.94
N ILE A 53 -8.04 -6.63 4.11
CA ILE A 53 -7.88 -6.52 2.67
C ILE A 53 -9.01 -5.71 2.04
N GLY A 54 -8.67 -4.90 1.04
CA GLY A 54 -9.66 -4.08 0.38
C GLY A 54 -9.04 -2.99 -0.48
N TRP A 55 -9.87 -2.10 -1.01
CA TRP A 55 -9.39 -1.02 -1.86
C TRP A 55 -9.02 0.19 -1.02
N PHE A 56 -7.76 0.60 -1.12
CA PHE A 56 -7.28 1.76 -0.37
C PHE A 56 -6.69 2.81 -1.30
N PRO A 57 -6.88 4.09 -0.94
CA PRO A 57 -6.38 5.22 -1.74
C PRO A 57 -4.86 5.33 -1.69
N SER A 58 -4.23 5.23 -2.85
CA SER A 58 -2.77 5.31 -2.95
C SER A 58 -2.29 6.70 -2.54
N THR A 59 -3.09 7.71 -2.84
CA THR A 59 -2.75 9.09 -2.52
C THR A 59 -2.56 9.27 -1.01
N TYR A 60 -3.04 8.29 -0.24
CA TYR A 60 -2.93 8.34 1.22
C TYR A 60 -1.68 7.60 1.69
N VAL A 61 -1.15 6.73 0.83
CA VAL A 61 0.04 5.95 1.15
C VAL A 61 1.19 6.29 0.20
N GLU A 62 2.35 5.68 0.45
CA GLU A 62 3.52 5.92 -0.38
C GLU A 62 4.33 4.64 -0.55
N GLU A 63 4.75 4.37 -1.79
CA GLU A 63 5.53 3.18 -2.08
C GLU A 63 6.98 3.35 -1.63
N GLU A 64 7.28 2.88 -0.42
CA GLU A 64 8.62 2.98 0.13
C GLU A 64 9.67 2.69 -0.93
N GLY A 65 10.82 3.35 -0.82
CA GLY A 65 11.88 3.14 -1.78
C GLY A 65 13.26 3.20 -1.14
N ILE A 66 13.93 2.06 -1.07
CA ILE A 66 15.26 2.00 -0.48
C ILE A 66 15.36 2.90 0.75
N GLN A 67 14.24 3.11 1.42
CA GLN A 67 14.20 3.95 2.60
C GLN A 67 14.45 5.42 2.24
N SER A 68 13.79 5.87 1.18
CA SER A 68 13.94 7.25 0.72
C SER A 68 13.25 8.22 1.68
N GLY A 69 13.57 9.50 1.55
CA GLY A 69 12.97 10.51 2.41
C GLY A 69 13.22 11.92 1.91
N PRO A 70 13.12 12.89 2.83
CA PRO A 70 13.34 14.31 2.50
C PRO A 70 14.81 14.61 2.19
N SER A 71 15.71 13.80 2.74
CA SER A 71 17.13 13.99 2.53
C SER A 71 17.48 13.85 1.05
N SER A 72 17.97 14.94 0.46
CA SER A 72 18.33 14.94 -0.95
C SER A 72 19.11 13.68 -1.31
N GLY A 73 19.21 13.41 -2.61
CA GLY A 73 19.92 12.23 -3.07
C GLY A 73 19.30 11.60 -4.30
N GLY A 1 15.92 0.17 -17.77
CA GLY A 1 16.45 -1.02 -18.41
C GLY A 1 16.59 -2.19 -17.45
N SER A 2 17.70 -2.91 -17.55
CA SER A 2 17.94 -4.05 -16.68
C SER A 2 17.43 -3.80 -15.28
N SER A 3 16.84 -4.82 -14.66
CA SER A 3 16.30 -4.69 -13.32
C SER A 3 16.80 -5.83 -12.43
N GLY A 4 16.54 -5.71 -11.14
CA GLY A 4 16.98 -6.74 -10.19
C GLY A 4 15.89 -7.11 -9.20
N SER A 5 16.24 -7.12 -7.93
CA SER A 5 15.29 -7.48 -6.88
C SER A 5 14.39 -6.29 -6.54
N SER A 6 13.15 -6.33 -7.05
CA SER A 6 12.19 -5.26 -6.79
C SER A 6 11.14 -5.69 -5.79
N GLY A 7 10.39 -4.73 -5.27
CA GLY A 7 9.35 -5.02 -4.30
C GLY A 7 8.00 -4.49 -4.71
N GLY A 8 7.38 -3.71 -3.82
CA GLY A 8 6.08 -3.14 -4.11
C GLY A 8 5.24 -2.95 -2.87
N THR A 9 5.80 -2.29 -1.87
CA THR A 9 5.10 -2.04 -0.62
C THR A 9 4.94 -0.55 -0.35
N ALA A 10 3.82 -0.18 0.26
CA ALA A 10 3.55 1.22 0.57
C ALA A 10 3.08 1.38 2.02
N VAL A 11 3.32 2.56 2.58
CA VAL A 11 2.92 2.84 3.95
C VAL A 11 1.96 4.03 4.02
N ALA A 12 0.89 3.88 4.78
CA ALA A 12 -0.10 4.94 4.93
C ALA A 12 0.49 6.14 5.68
N ARG A 13 0.64 7.25 4.97
CA ARG A 13 1.19 8.46 5.55
C ARG A 13 0.09 9.27 6.25
N TYR A 14 -1.15 8.87 6.05
CA TYR A 14 -2.29 9.56 6.66
C TYR A 14 -3.39 8.57 7.01
N ASN A 15 -4.08 8.84 8.12
CA ASN A 15 -5.17 7.98 8.58
C ASN A 15 -6.36 8.05 7.62
N PHE A 16 -7.12 6.96 7.56
CA PHE A 16 -8.29 6.90 6.69
C PHE A 16 -9.31 5.91 7.22
N ALA A 17 -10.54 6.39 7.44
CA ALA A 17 -11.61 5.54 7.94
C ALA A 17 -12.42 4.94 6.80
N ALA A 18 -12.08 3.71 6.42
CA ALA A 18 -12.78 3.03 5.34
C ALA A 18 -14.29 3.27 5.42
N ARG A 19 -14.83 3.93 4.39
CA ARG A 19 -16.25 4.23 4.36
C ARG A 19 -17.08 2.95 4.39
N ASP A 20 -16.60 1.91 3.71
CA ASP A 20 -17.29 0.63 3.67
C ASP A 20 -16.31 -0.52 3.73
N MET A 21 -16.82 -1.74 3.80
CA MET A 21 -15.98 -2.93 3.86
C MET A 21 -15.03 -2.99 2.67
N ARG A 22 -15.57 -2.73 1.48
CA ARG A 22 -14.76 -2.76 0.26
C ARG A 22 -13.49 -1.95 0.43
N GLU A 23 -13.62 -0.78 1.07
CA GLU A 23 -12.47 0.09 1.29
C GLU A 23 -11.53 -0.51 2.34
N LEU A 24 -10.48 0.23 2.67
CA LEU A 24 -9.51 -0.22 3.66
C LEU A 24 -8.99 0.95 4.49
N SER A 25 -9.14 0.85 5.80
CA SER A 25 -8.69 1.90 6.71
C SER A 25 -7.17 1.92 6.82
N LEU A 26 -6.58 3.10 6.73
CA LEU A 26 -5.14 3.25 6.82
C LEU A 26 -4.74 3.95 8.12
N ARG A 27 -3.62 3.52 8.69
CA ARG A 27 -3.13 4.11 9.93
C ARG A 27 -1.72 4.65 9.76
N GLU A 28 -1.43 5.79 10.38
CA GLU A 28 -0.12 6.41 10.29
C GLU A 28 0.97 5.43 10.70
N GLY A 29 1.45 4.65 9.74
CA GLY A 29 2.49 3.68 10.02
C GLY A 29 2.21 2.33 9.38
N ASP A 30 0.94 2.04 9.16
CA ASP A 30 0.54 0.77 8.55
C ASP A 30 1.26 0.55 7.22
N VAL A 31 1.64 -0.70 6.97
CA VAL A 31 2.34 -1.04 5.74
C VAL A 31 1.49 -1.96 4.86
N VAL A 32 1.03 -1.44 3.73
CA VAL A 32 0.21 -2.21 2.81
C VAL A 32 1.07 -2.85 1.71
N ARG A 33 0.63 -4.01 1.22
CA ARG A 33 1.36 -4.72 0.18
C ARG A 33 0.58 -4.68 -1.13
N ILE A 34 1.07 -3.89 -2.08
CA ILE A 34 0.42 -3.76 -3.39
C ILE A 34 0.35 -5.12 -4.09
N TYR A 35 -0.82 -5.74 -4.06
CA TYR A 35 -1.02 -7.04 -4.69
C TYR A 35 -1.23 -6.87 -6.20
N SER A 36 -2.25 -6.08 -6.56
CA SER A 36 -2.56 -5.85 -7.96
C SER A 36 -2.54 -4.36 -8.29
N ARG A 37 -1.79 -3.99 -9.33
CA ARG A 37 -1.68 -2.60 -9.74
C ARG A 37 -2.78 -2.24 -10.73
N ILE A 38 -3.15 -3.21 -11.56
CA ILE A 38 -4.19 -2.99 -12.57
C ILE A 38 -5.57 -3.29 -12.00
N GLY A 39 -5.99 -2.51 -11.01
CA GLY A 39 -7.29 -2.71 -10.40
C GLY A 39 -7.72 -1.54 -9.53
N GLY A 40 -8.84 -0.91 -9.90
CA GLY A 40 -9.33 0.23 -9.14
C GLY A 40 -9.68 1.39 -10.04
N ASP A 41 -9.92 2.55 -9.42
CA ASP A 41 -10.27 3.76 -10.17
C ASP A 41 -9.03 4.38 -10.81
N GLN A 42 -8.53 3.73 -11.86
CA GLN A 42 -7.34 4.23 -12.56
C GLN A 42 -6.37 4.89 -11.59
N GLY A 43 -6.13 4.23 -10.46
CA GLY A 43 -5.22 4.78 -9.46
C GLY A 43 -5.19 3.95 -8.19
N TRP A 44 -6.37 3.58 -7.70
CA TRP A 44 -6.47 2.79 -6.48
C TRP A 44 -5.75 1.46 -6.64
N TRP A 45 -5.41 0.84 -5.51
CA TRP A 45 -4.72 -0.44 -5.52
C TRP A 45 -5.32 -1.39 -4.50
N LYS A 46 -4.92 -2.66 -4.56
CA LYS A 46 -5.41 -3.66 -3.64
C LYS A 46 -4.27 -4.33 -2.88
N GLY A 47 -4.30 -4.23 -1.56
CA GLY A 47 -3.25 -4.82 -0.74
C GLY A 47 -3.78 -5.43 0.54
N GLU A 48 -2.98 -5.38 1.59
CA GLU A 48 -3.38 -5.93 2.89
C GLU A 48 -2.47 -5.41 4.00
N THR A 49 -3.08 -5.07 5.13
CA THR A 49 -2.32 -4.57 6.28
C THR A 49 -3.13 -4.66 7.56
N ASN A 50 -2.50 -5.14 8.62
CA ASN A 50 -3.17 -5.29 9.91
C ASN A 50 -4.36 -6.24 9.80
N GLY A 51 -4.23 -7.26 8.96
CA GLY A 51 -5.30 -8.22 8.78
C GLY A 51 -6.53 -7.60 8.15
N ARG A 52 -6.31 -6.67 7.22
CA ARG A 52 -7.43 -6.01 6.55
C ARG A 52 -7.15 -5.90 5.05
N ILE A 53 -8.07 -6.44 4.25
CA ILE A 53 -7.93 -6.41 2.80
C ILE A 53 -9.04 -5.57 2.16
N GLY A 54 -8.69 -4.82 1.12
CA GLY A 54 -9.66 -3.99 0.44
C GLY A 54 -9.00 -2.93 -0.42
N TRP A 55 -9.82 -2.07 -1.01
CA TRP A 55 -9.31 -1.00 -1.88
C TRP A 55 -8.92 0.22 -1.05
N PHE A 56 -7.65 0.61 -1.13
CA PHE A 56 -7.16 1.76 -0.39
C PHE A 56 -6.61 2.82 -1.34
N PRO A 57 -6.78 4.10 -0.97
CA PRO A 57 -6.32 5.23 -1.77
C PRO A 57 -4.79 5.34 -1.79
N SER A 58 -4.22 5.24 -2.98
CA SER A 58 -2.77 5.33 -3.14
C SER A 58 -2.27 6.72 -2.78
N THR A 59 -3.20 7.65 -2.56
CA THR A 59 -2.85 9.02 -2.22
C THR A 59 -2.60 9.17 -0.73
N TYR A 60 -2.96 8.13 0.04
CA TYR A 60 -2.78 8.14 1.48
C TYR A 60 -1.56 7.32 1.88
N VAL A 61 -0.94 6.67 0.91
CA VAL A 61 0.24 5.85 1.16
C VAL A 61 1.43 6.32 0.32
N GLU A 62 2.63 5.94 0.73
CA GLU A 62 3.84 6.33 0.03
C GLU A 62 4.61 5.09 -0.44
N GLU A 63 4.78 4.97 -1.76
CA GLU A 63 5.51 3.84 -2.32
C GLU A 63 6.94 3.80 -1.82
N GLU A 64 7.14 3.24 -0.63
CA GLU A 64 8.46 3.14 -0.03
C GLU A 64 9.48 2.62 -1.05
N GLY A 65 10.72 3.07 -0.92
CA GLY A 65 11.77 2.64 -1.83
C GLY A 65 13.04 3.43 -1.66
N ILE A 66 12.91 4.76 -1.65
CA ILE A 66 14.08 5.63 -1.50
C ILE A 66 14.79 5.38 -0.18
N GLN A 67 14.11 4.70 0.74
CA GLN A 67 14.69 4.39 2.04
C GLN A 67 15.69 3.24 1.93
N SER A 68 16.90 3.47 2.43
CA SER A 68 17.94 2.45 2.39
C SER A 68 18.03 1.72 3.72
N GLY A 69 18.85 0.67 3.75
CA GLY A 69 19.01 -0.11 4.97
C GLY A 69 19.09 -1.60 4.71
N PRO A 70 19.88 -2.31 5.52
CA PRO A 70 20.06 -3.76 5.38
C PRO A 70 18.81 -4.53 5.78
N SER A 71 18.51 -5.59 5.02
CA SER A 71 17.34 -6.41 5.29
C SER A 71 17.29 -6.84 6.75
N SER A 72 16.54 -6.10 7.56
CA SER A 72 16.42 -6.40 8.98
C SER A 72 15.55 -7.64 9.20
N GLY A 73 15.64 -8.21 10.40
CA GLY A 73 14.87 -9.39 10.71
C GLY A 73 13.53 -9.06 11.32
N GLY A 1 4.93 -16.14 -2.05
CA GLY A 1 6.36 -16.36 -2.22
C GLY A 1 6.85 -15.88 -3.58
N SER A 2 6.52 -14.65 -3.92
CA SER A 2 6.93 -14.07 -5.20
C SER A 2 8.37 -14.44 -5.52
N SER A 3 8.72 -14.37 -6.80
CA SER A 3 10.07 -14.72 -7.25
C SER A 3 10.59 -13.68 -8.23
N GLY A 4 11.86 -13.31 -8.08
CA GLY A 4 12.47 -12.33 -8.96
C GLY A 4 11.73 -11.00 -8.94
N SER A 5 11.47 -10.49 -7.75
CA SER A 5 10.76 -9.22 -7.60
C SER A 5 11.01 -8.62 -6.22
N SER A 6 10.89 -7.30 -6.13
CA SER A 6 11.11 -6.59 -4.88
C SER A 6 10.76 -5.12 -5.01
N GLY A 7 10.26 -4.54 -3.92
CA GLY A 7 9.88 -3.12 -3.94
C GLY A 7 8.47 -2.91 -4.46
N GLY A 8 7.48 -3.19 -3.61
CA GLY A 8 6.10 -3.00 -4.01
C GLY A 8 5.17 -2.87 -2.81
N THR A 9 5.54 -2.00 -1.88
CA THR A 9 4.73 -1.77 -0.69
C THR A 9 4.65 -0.29 -0.35
N ALA A 10 3.53 0.12 0.24
CA ALA A 10 3.34 1.51 0.63
C ALA A 10 3.14 1.64 2.14
N VAL A 11 3.32 2.86 2.64
CA VAL A 11 3.17 3.12 4.07
C VAL A 11 2.15 4.23 4.31
N ALA A 12 1.21 3.97 5.22
CA ALA A 12 0.18 4.95 5.54
C ALA A 12 0.79 6.25 6.03
N ARG A 13 0.81 7.25 5.16
CA ARG A 13 1.37 8.55 5.51
C ARG A 13 0.38 9.39 6.30
N TYR A 14 -0.91 9.14 6.06
CA TYR A 14 -1.97 9.87 6.75
C TYR A 14 -3.12 8.94 7.12
N ASN A 15 -3.73 9.21 8.27
CA ASN A 15 -4.84 8.39 8.76
C ASN A 15 -6.04 8.48 7.81
N PHE A 16 -6.52 7.32 7.38
CA PHE A 16 -7.66 7.26 6.46
C PHE A 16 -8.64 6.18 6.89
N ALA A 17 -9.85 6.60 7.27
CA ALA A 17 -10.89 5.67 7.69
C ALA A 17 -11.67 5.14 6.50
N ALA A 18 -11.70 3.82 6.36
CA ALA A 18 -12.41 3.17 5.26
C ALA A 18 -13.91 3.48 5.33
N ARG A 19 -14.41 4.19 4.33
CA ARG A 19 -15.82 4.55 4.28
C ARG A 19 -16.70 3.30 4.09
N ASP A 20 -16.32 2.47 3.12
CA ASP A 20 -17.07 1.25 2.85
C ASP A 20 -16.25 0.01 3.22
N MET A 21 -16.94 -1.11 3.40
CA MET A 21 -16.28 -2.36 3.76
C MET A 21 -15.22 -2.73 2.73
N ARG A 22 -15.62 -2.75 1.46
CA ARG A 22 -14.71 -3.09 0.38
C ARG A 22 -13.38 -2.35 0.53
N GLU A 23 -13.45 -1.12 1.03
CA GLU A 23 -12.25 -0.30 1.22
C GLU A 23 -11.38 -0.87 2.34
N LEU A 24 -10.24 -0.23 2.58
CA LEU A 24 -9.32 -0.67 3.62
C LEU A 24 -8.83 0.51 4.45
N SER A 25 -9.01 0.42 5.76
CA SER A 25 -8.58 1.49 6.66
C SER A 25 -7.06 1.60 6.70
N LEU A 26 -6.56 2.83 6.74
CA LEU A 26 -5.12 3.07 6.78
C LEU A 26 -4.74 3.89 8.00
N ARG A 27 -3.75 3.42 8.74
CA ARG A 27 -3.28 4.11 9.94
C ARG A 27 -1.80 4.48 9.81
N GLU A 28 -1.48 5.70 10.21
CA GLU A 28 -0.10 6.18 10.15
C GLU A 28 0.88 5.08 10.55
N GLY A 29 1.68 4.64 9.59
CA GLY A 29 2.65 3.59 9.86
C GLY A 29 2.27 2.27 9.22
N ASP A 30 0.98 1.93 9.28
CA ASP A 30 0.50 0.69 8.71
C ASP A 30 1.08 0.46 7.32
N VAL A 31 1.61 -0.73 7.08
CA VAL A 31 2.19 -1.07 5.79
C VAL A 31 1.23 -1.90 4.95
N VAL A 32 0.95 -1.43 3.74
CA VAL A 32 0.04 -2.13 2.85
C VAL A 32 0.81 -2.76 1.69
N ARG A 33 0.45 -4.00 1.35
CA ARG A 33 1.11 -4.72 0.27
C ARG A 33 0.32 -4.55 -1.04
N ILE A 34 0.81 -3.67 -1.90
CA ILE A 34 0.16 -3.43 -3.19
C ILE A 34 0.08 -4.71 -4.02
N TYR A 35 -1.08 -5.35 -3.99
CA TYR A 35 -1.28 -6.58 -4.74
C TYR A 35 -1.61 -6.28 -6.20
N SER A 36 -2.57 -5.39 -6.42
CA SER A 36 -2.98 -5.02 -7.77
C SER A 36 -2.68 -3.54 -8.03
N ARG A 37 -2.46 -3.21 -9.31
CA ARG A 37 -2.16 -1.84 -9.70
C ARG A 37 -3.26 -1.28 -10.59
N ILE A 38 -3.88 -2.15 -11.38
CA ILE A 38 -4.95 -1.74 -12.28
C ILE A 38 -6.28 -2.35 -11.85
N GLY A 39 -7.14 -1.52 -11.25
CA GLY A 39 -8.44 -1.98 -10.81
C GLY A 39 -9.15 -0.98 -9.92
N GLY A 40 -9.91 -1.47 -8.95
CA GLY A 40 -10.63 -0.59 -8.06
C GLY A 40 -11.10 0.68 -8.74
N ASP A 41 -11.17 1.77 -7.99
CA ASP A 41 -11.61 3.05 -8.52
C ASP A 41 -10.46 3.77 -9.23
N GLN A 42 -10.72 4.97 -9.71
CA GLN A 42 -9.71 5.76 -10.39
C GLN A 42 -8.59 6.16 -9.44
N GLY A 43 -7.48 5.43 -9.50
CA GLY A 43 -6.35 5.71 -8.64
C GLY A 43 -6.39 4.93 -7.34
N TRP A 44 -6.94 3.72 -7.40
CA TRP A 44 -7.05 2.88 -6.22
C TRP A 44 -6.35 1.54 -6.44
N TRP A 45 -5.83 0.95 -5.36
CA TRP A 45 -5.14 -0.32 -5.44
C TRP A 45 -5.70 -1.32 -4.42
N LYS A 46 -5.31 -2.57 -4.56
CA LYS A 46 -5.76 -3.62 -3.65
C LYS A 46 -4.61 -4.15 -2.80
N GLY A 47 -4.73 -4.00 -1.48
CA GLY A 47 -3.69 -4.48 -0.60
C GLY A 47 -4.25 -5.19 0.62
N GLU A 48 -3.50 -5.15 1.73
CA GLU A 48 -3.94 -5.80 2.96
C GLU A 48 -3.00 -5.45 4.12
N THR A 49 -3.57 -5.29 5.30
CA THR A 49 -2.78 -4.95 6.48
C THR A 49 -3.61 -5.11 7.75
N ASN A 50 -3.03 -5.77 8.75
CA ASN A 50 -3.72 -6.00 10.02
C ASN A 50 -4.86 -7.00 9.85
N GLY A 51 -4.63 -8.01 9.03
CA GLY A 51 -5.65 -9.03 8.80
C GLY A 51 -6.88 -8.46 8.12
N ARG A 52 -6.68 -7.45 7.28
CA ARG A 52 -7.78 -6.82 6.56
C ARG A 52 -7.45 -6.66 5.08
N ILE A 53 -8.29 -7.25 4.24
CA ILE A 53 -8.08 -7.18 2.80
C ILE A 53 -9.16 -6.34 2.13
N GLY A 54 -8.75 -5.39 1.30
CA GLY A 54 -9.70 -4.52 0.61
C GLY A 54 -9.02 -3.58 -0.37
N TRP A 55 -9.74 -2.53 -0.76
CA TRP A 55 -9.20 -1.55 -1.70
C TRP A 55 -8.74 -0.30 -0.96
N PHE A 56 -7.53 0.15 -1.27
CA PHE A 56 -6.98 1.35 -0.64
C PHE A 56 -6.38 2.29 -1.69
N PRO A 57 -6.42 3.60 -1.39
CA PRO A 57 -5.89 4.63 -2.29
C PRO A 57 -4.37 4.59 -2.37
N SER A 58 -3.79 5.54 -3.11
CA SER A 58 -2.34 5.61 -3.28
C SER A 58 -1.82 6.98 -2.85
N THR A 59 -2.70 7.98 -2.86
CA THR A 59 -2.32 9.33 -2.48
C THR A 59 -2.22 9.46 -0.97
N TYR A 60 -2.98 8.64 -0.25
CA TYR A 60 -2.98 8.67 1.21
C TYR A 60 -1.80 7.88 1.76
N VAL A 61 -1.19 7.06 0.91
CA VAL A 61 -0.04 6.26 1.32
C VAL A 61 1.20 6.61 0.50
N GLU A 62 2.36 6.17 0.97
CA GLU A 62 3.62 6.43 0.27
C GLU A 62 4.24 5.14 -0.24
N GLU A 63 4.43 5.05 -1.55
CA GLU A 63 5.01 3.86 -2.16
C GLU A 63 6.51 3.77 -1.83
N GLU A 64 6.86 2.87 -0.92
CA GLU A 64 8.24 2.68 -0.53
C GLU A 64 9.08 2.16 -1.69
N GLY A 65 10.17 2.86 -1.99
CA GLY A 65 11.04 2.45 -3.09
C GLY A 65 10.97 3.42 -4.25
N ILE A 66 11.29 4.68 -4.00
CA ILE A 66 11.29 5.70 -5.04
C ILE A 66 12.52 5.60 -5.93
N GLN A 67 12.33 5.79 -7.23
CA GLN A 67 13.42 5.73 -8.19
C GLN A 67 13.79 7.12 -8.70
N SER A 68 15.07 7.35 -8.91
CA SER A 68 15.55 8.64 -9.40
C SER A 68 16.15 8.51 -10.80
N GLY A 69 15.48 9.10 -11.78
CA GLY A 69 15.97 9.04 -13.14
C GLY A 69 16.64 7.72 -13.46
N PRO A 70 17.98 7.70 -13.37
CA PRO A 70 18.78 6.50 -13.64
C PRO A 70 18.58 5.43 -12.57
N SER A 71 18.48 4.18 -13.02
CA SER A 71 18.29 3.05 -12.10
C SER A 71 19.63 2.50 -11.63
N SER A 72 19.91 2.65 -10.34
CA SER A 72 21.16 2.17 -9.77
C SER A 72 20.91 1.03 -8.80
N GLY A 73 21.37 -0.16 -9.15
CA GLY A 73 21.19 -1.33 -8.30
C GLY A 73 21.35 -1.00 -6.83
N GLY A 1 7.37 -18.59 2.09
CA GLY A 1 8.11 -19.83 2.13
C GLY A 1 8.95 -20.06 0.90
N SER A 2 9.85 -19.11 0.62
CA SER A 2 10.72 -19.20 -0.55
C SER A 2 9.92 -19.04 -1.84
N SER A 3 9.00 -18.08 -1.84
CA SER A 3 8.16 -17.82 -3.01
C SER A 3 9.01 -17.31 -4.18
N GLY A 4 9.89 -16.37 -3.89
CA GLY A 4 10.74 -15.81 -4.92
C GLY A 4 11.11 -14.36 -4.66
N SER A 5 10.53 -13.46 -5.46
CA SER A 5 10.81 -12.04 -5.31
C SER A 5 9.51 -11.24 -5.17
N SER A 6 9.21 -10.82 -3.94
CA SER A 6 8.00 -10.06 -3.68
C SER A 6 8.30 -8.56 -3.57
N GLY A 7 7.48 -7.75 -4.23
CA GLY A 7 7.68 -6.31 -4.19
C GLY A 7 6.37 -5.55 -4.19
N GLY A 8 6.47 -4.22 -4.27
CA GLY A 8 5.28 -3.40 -4.27
C GLY A 8 4.66 -3.24 -2.90
N THR A 9 5.05 -2.18 -2.19
CA THR A 9 4.53 -1.93 -0.85
C THR A 9 4.44 -0.44 -0.57
N ALA A 10 3.37 -0.04 0.12
CA ALA A 10 3.16 1.36 0.45
C ALA A 10 2.84 1.53 1.93
N VAL A 11 3.20 2.69 2.48
CA VAL A 11 2.95 2.98 3.89
C VAL A 11 1.98 4.14 4.05
N ALA A 12 1.01 3.98 4.94
CA ALA A 12 0.02 5.02 5.19
C ALA A 12 0.66 6.24 5.86
N ARG A 13 0.72 7.34 5.12
CA ARG A 13 1.31 8.57 5.64
C ARG A 13 0.26 9.43 6.31
N TYR A 14 -1.00 8.96 6.29
CA TYR A 14 -2.10 9.70 6.90
C TYR A 14 -3.20 8.75 7.34
N ASN A 15 -3.84 9.07 8.47
CA ASN A 15 -4.91 8.24 9.01
C ASN A 15 -6.14 8.30 8.11
N PHE A 16 -6.50 7.17 7.53
CA PHE A 16 -7.66 7.09 6.66
C PHE A 16 -8.67 6.06 7.17
N ALA A 17 -9.93 6.48 7.27
CA ALA A 17 -10.99 5.60 7.74
C ALA A 17 -11.81 5.06 6.58
N ALA A 18 -11.93 3.74 6.51
CA ALA A 18 -12.70 3.09 5.45
C ALA A 18 -14.17 3.46 5.53
N ARG A 19 -14.67 4.11 4.48
CA ARG A 19 -16.07 4.52 4.44
C ARG A 19 -16.98 3.34 4.14
N ASP A 20 -16.45 2.37 3.40
CA ASP A 20 -17.21 1.17 3.05
C ASP A 20 -16.38 -0.09 3.29
N MET A 21 -17.07 -1.23 3.40
CA MET A 21 -16.40 -2.50 3.62
C MET A 21 -15.34 -2.74 2.56
N ARG A 22 -15.73 -2.63 1.29
CA ARG A 22 -14.81 -2.84 0.18
C ARG A 22 -13.51 -2.06 0.40
N GLU A 23 -13.63 -0.89 1.02
CA GLU A 23 -12.47 -0.05 1.28
C GLU A 23 -11.59 -0.66 2.37
N LEU A 24 -10.40 -0.10 2.55
CA LEU A 24 -9.47 -0.58 3.56
C LEU A 24 -8.94 0.58 4.41
N SER A 25 -9.02 0.42 5.73
CA SER A 25 -8.55 1.44 6.65
C SER A 25 -7.03 1.51 6.66
N LEU A 26 -6.50 2.71 6.90
CA LEU A 26 -5.06 2.92 6.93
C LEU A 26 -4.67 3.78 8.13
N ARG A 27 -3.65 3.33 8.87
CA ARG A 27 -3.18 4.07 10.03
C ARG A 27 -1.74 4.51 9.84
N GLU A 28 -1.41 5.68 10.40
CA GLU A 28 -0.05 6.22 10.29
C GLU A 28 0.99 5.16 10.65
N GLY A 29 1.73 4.70 9.65
CA GLY A 29 2.75 3.69 9.89
C GLY A 29 2.39 2.35 9.27
N ASP A 30 1.10 2.06 9.22
CA ASP A 30 0.63 0.80 8.66
C ASP A 30 1.22 0.56 7.27
N VAL A 31 1.71 -0.65 7.05
CA VAL A 31 2.32 -1.01 5.77
C VAL A 31 1.39 -1.92 4.96
N VAL A 32 0.92 -1.41 3.82
CA VAL A 32 0.03 -2.18 2.95
C VAL A 32 0.78 -2.73 1.75
N ARG A 33 0.69 -4.04 1.56
CA ARG A 33 1.35 -4.70 0.45
C ARG A 33 0.55 -4.56 -0.84
N ILE A 34 1.21 -4.12 -1.90
CA ILE A 34 0.55 -3.93 -3.18
C ILE A 34 0.44 -5.25 -3.95
N TYR A 35 -0.78 -5.74 -4.08
CA TYR A 35 -1.03 -7.00 -4.77
C TYR A 35 -1.39 -6.75 -6.24
N SER A 36 -2.40 -5.91 -6.45
CA SER A 36 -2.85 -5.58 -7.79
C SER A 36 -2.82 -4.07 -8.03
N ARG A 37 -2.51 -3.69 -9.27
CA ARG A 37 -2.44 -2.27 -9.62
C ARG A 37 -3.70 -1.85 -10.39
N ILE A 38 -4.11 -2.67 -11.34
CA ILE A 38 -5.29 -2.39 -12.14
C ILE A 38 -6.50 -3.16 -11.64
N GLY A 39 -7.68 -2.79 -12.12
CA GLY A 39 -8.90 -3.47 -11.72
C GLY A 39 -10.09 -2.54 -11.68
N GLY A 40 -9.99 -1.48 -10.88
CA GLY A 40 -11.08 -0.53 -10.77
C GLY A 40 -10.72 0.84 -11.32
N ASP A 41 -10.27 1.74 -10.46
CA ASP A 41 -9.89 3.08 -10.87
C ASP A 41 -8.45 3.11 -11.36
N GLN A 42 -8.07 4.20 -12.02
CA GLN A 42 -6.72 4.36 -12.53
C GLN A 42 -5.79 4.93 -11.47
N GLY A 43 -6.03 4.55 -10.22
CA GLY A 43 -5.21 5.03 -9.12
C GLY A 43 -5.31 4.16 -7.89
N TRP A 44 -6.51 3.69 -7.59
CA TRP A 44 -6.73 2.84 -6.43
C TRP A 44 -6.00 1.50 -6.59
N TRP A 45 -5.65 0.88 -5.46
CA TRP A 45 -4.95 -0.40 -5.49
C TRP A 45 -5.60 -1.39 -4.53
N LYS A 46 -5.00 -2.57 -4.41
CA LYS A 46 -5.52 -3.60 -3.52
C LYS A 46 -4.39 -4.27 -2.75
N GLY A 47 -4.35 -4.03 -1.45
CA GLY A 47 -3.30 -4.63 -0.62
C GLY A 47 -3.88 -5.32 0.60
N GLU A 48 -3.01 -5.59 1.59
CA GLU A 48 -3.43 -6.25 2.82
C GLU A 48 -2.52 -5.87 3.97
N THR A 49 -3.11 -5.37 5.05
CA THR A 49 -2.35 -4.96 6.22
C THR A 49 -3.17 -5.15 7.50
N ASN A 50 -2.52 -5.63 8.55
CA ASN A 50 -3.18 -5.85 9.83
C ASN A 50 -4.33 -6.85 9.68
N GLY A 51 -4.19 -7.75 8.72
CA GLY A 51 -5.23 -8.75 8.48
C GLY A 51 -6.48 -8.16 7.87
N ARG A 52 -6.30 -7.13 7.04
CA ARG A 52 -7.43 -6.48 6.39
C ARG A 52 -7.16 -6.30 4.90
N ILE A 53 -8.08 -6.77 4.07
CA ILE A 53 -7.95 -6.67 2.62
C ILE A 53 -9.05 -5.80 2.04
N GLY A 54 -8.67 -4.94 1.09
CA GLY A 54 -9.65 -4.06 0.47
C GLY A 54 -9.00 -3.00 -0.40
N TRP A 55 -9.81 -2.09 -0.93
CA TRP A 55 -9.30 -1.03 -1.79
C TRP A 55 -8.87 0.18 -0.96
N PHE A 56 -7.69 0.70 -1.25
CA PHE A 56 -7.15 1.85 -0.53
C PHE A 56 -6.55 2.87 -1.49
N PRO A 57 -6.71 4.16 -1.17
CA PRO A 57 -6.19 5.26 -1.99
C PRO A 57 -4.67 5.33 -1.95
N SER A 58 -4.04 5.25 -3.13
CA SER A 58 -2.60 5.30 -3.22
C SER A 58 -2.08 6.71 -2.93
N THR A 59 -3.01 7.65 -2.79
CA THR A 59 -2.66 9.04 -2.51
C THR A 59 -2.38 9.24 -1.02
N TYR A 60 -3.08 8.47 -0.18
CA TYR A 60 -2.90 8.57 1.26
C TYR A 60 -1.74 7.72 1.73
N VAL A 61 -1.05 7.09 0.78
CA VAL A 61 0.09 6.24 1.10
C VAL A 61 1.31 6.63 0.28
N GLU A 62 2.48 6.13 0.69
CA GLU A 62 3.73 6.43 -0.01
C GLU A 62 4.37 5.16 -0.53
N GLU A 63 4.54 5.08 -1.85
CA GLU A 63 5.16 3.92 -2.47
C GLU A 63 6.66 3.88 -2.20
N GLU A 64 7.12 2.73 -1.72
CA GLU A 64 8.54 2.55 -1.41
C GLU A 64 9.25 1.77 -2.51
N GLY A 65 8.82 1.98 -3.75
CA GLY A 65 9.42 1.29 -4.87
C GLY A 65 10.59 2.05 -5.46
N ILE A 66 11.80 1.55 -5.23
CA ILE A 66 13.00 2.18 -5.74
C ILE A 66 12.99 3.69 -5.47
N GLN A 67 12.28 4.08 -4.41
CA GLN A 67 12.20 5.49 -4.04
C GLN A 67 13.30 5.87 -3.06
N SER A 68 13.71 7.14 -3.10
CA SER A 68 14.76 7.63 -2.22
C SER A 68 14.18 8.35 -1.01
N GLY A 69 15.04 8.73 -0.08
CA GLY A 69 14.59 9.44 1.11
C GLY A 69 14.76 8.60 2.37
N PRO A 70 14.00 8.94 3.42
CA PRO A 70 14.05 8.23 4.70
C PRO A 70 13.47 6.83 4.61
N SER A 71 14.08 5.89 5.33
CA SER A 71 13.62 4.51 5.33
C SER A 71 14.23 3.74 6.50
N SER A 72 13.44 2.83 7.07
CA SER A 72 13.89 2.03 8.21
C SER A 72 14.43 0.68 7.74
N GLY A 73 13.56 -0.11 7.13
CA GLY A 73 13.97 -1.42 6.64
C GLY A 73 13.09 -2.53 7.17
N GLY A 1 20.22 -4.29 -17.39
CA GLY A 1 20.32 -5.17 -16.24
C GLY A 1 19.55 -6.46 -16.42
N SER A 2 18.95 -6.95 -15.35
CA SER A 2 18.18 -8.18 -15.40
C SER A 2 17.03 -8.16 -14.39
N SER A 3 15.91 -8.78 -14.75
CA SER A 3 14.75 -8.82 -13.87
C SER A 3 15.14 -9.28 -12.47
N GLY A 4 14.51 -8.68 -11.46
CA GLY A 4 14.80 -9.03 -10.08
C GLY A 4 13.71 -9.89 -9.46
N SER A 5 12.66 -9.25 -8.97
CA SER A 5 11.55 -9.96 -8.34
C SER A 5 10.35 -9.04 -8.15
N SER A 6 9.15 -9.60 -8.33
CA SER A 6 7.93 -8.83 -8.19
C SER A 6 7.86 -8.16 -6.82
N GLY A 7 7.66 -6.85 -6.80
CA GLY A 7 7.58 -6.12 -5.56
C GLY A 7 6.62 -4.95 -5.62
N GLY A 8 6.03 -4.60 -4.48
CA GLY A 8 5.09 -3.50 -4.44
C GLY A 8 4.51 -3.28 -3.05
N THR A 9 5.09 -2.33 -2.32
CA THR A 9 4.63 -2.02 -0.97
C THR A 9 4.62 -0.52 -0.72
N ALA A 10 3.69 -0.07 0.11
CA ALA A 10 3.58 1.34 0.44
C ALA A 10 3.34 1.54 1.94
N VAL A 11 3.47 2.79 2.39
CA VAL A 11 3.26 3.11 3.80
C VAL A 11 2.22 4.22 3.96
N ALA A 12 1.21 3.95 4.79
CA ALA A 12 0.16 4.93 5.03
C ALA A 12 0.71 6.21 5.63
N ARG A 13 0.59 7.30 4.89
CA ARG A 13 1.10 8.59 5.35
C ARG A 13 0.00 9.37 6.09
N TYR A 14 -1.24 8.92 5.93
CA TYR A 14 -2.37 9.56 6.59
C TYR A 14 -3.47 8.55 6.92
N ASN A 15 -4.07 8.70 8.08
CA ASN A 15 -5.13 7.80 8.51
C ASN A 15 -6.38 7.97 7.64
N PHE A 16 -6.99 6.84 7.28
CA PHE A 16 -8.19 6.87 6.44
C PHE A 16 -9.15 5.76 6.84
N ALA A 17 -10.35 6.16 7.28
CA ALA A 17 -11.36 5.20 7.70
C ALA A 17 -12.20 4.73 6.51
N ALA A 18 -11.86 3.56 5.98
CA ALA A 18 -12.58 3.01 4.84
C ALA A 18 -14.07 3.35 4.91
N ARG A 19 -14.49 4.25 4.03
CA ARG A 19 -15.89 4.67 3.99
C ARG A 19 -16.82 3.46 3.99
N ASP A 20 -16.57 2.52 3.10
CA ASP A 20 -17.38 1.31 3.00
C ASP A 20 -16.54 0.07 3.29
N MET A 21 -17.22 -1.07 3.40
CA MET A 21 -16.54 -2.34 3.68
C MET A 21 -15.50 -2.64 2.61
N ARG A 22 -15.87 -2.45 1.34
CA ARG A 22 -14.98 -2.70 0.23
C ARG A 22 -13.62 -2.05 0.47
N GLU A 23 -13.63 -0.75 0.74
CA GLU A 23 -12.39 0.00 0.99
C GLU A 23 -11.60 -0.64 2.12
N LEU A 24 -10.49 0.00 2.49
CA LEU A 24 -9.63 -0.50 3.56
C LEU A 24 -9.14 0.63 4.44
N SER A 25 -9.22 0.44 5.75
CA SER A 25 -8.78 1.44 6.71
C SER A 25 -7.26 1.56 6.73
N LEU A 26 -6.76 2.78 6.62
CA LEU A 26 -5.32 3.02 6.61
C LEU A 26 -4.89 3.74 7.90
N ARG A 27 -3.80 3.25 8.50
CA ARG A 27 -3.29 3.84 9.73
C ARG A 27 -1.84 4.29 9.55
N GLU A 28 -1.50 5.42 10.15
CA GLU A 28 -0.15 5.97 10.06
C GLU A 28 0.89 4.90 10.43
N GLY A 29 1.61 4.41 9.43
CA GLY A 29 2.62 3.41 9.67
C GLY A 29 2.24 2.06 9.08
N ASP A 30 0.95 1.80 8.97
CA ASP A 30 0.46 0.54 8.43
C ASP A 30 1.03 0.31 7.03
N VAL A 31 1.92 -0.67 6.92
CA VAL A 31 2.54 -1.01 5.64
C VAL A 31 1.65 -1.93 4.82
N VAL A 32 1.18 -1.42 3.67
CA VAL A 32 0.31 -2.20 2.80
C VAL A 32 1.10 -2.76 1.61
N ARG A 33 0.77 -3.98 1.21
CA ARG A 33 1.44 -4.63 0.09
C ARG A 33 0.57 -4.58 -1.16
N ILE A 34 0.88 -3.67 -2.07
CA ILE A 34 0.13 -3.52 -3.31
C ILE A 34 0.09 -4.83 -4.08
N TYR A 35 -1.02 -5.55 -3.97
CA TYR A 35 -1.18 -6.82 -4.66
C TYR A 35 -1.56 -6.61 -6.12
N SER A 36 -2.49 -5.69 -6.37
CA SER A 36 -2.93 -5.38 -7.72
C SER A 36 -2.81 -3.89 -8.01
N ARG A 37 -1.81 -3.54 -8.82
CA ARG A 37 -1.57 -2.15 -9.19
C ARG A 37 -2.74 -1.58 -9.99
N ILE A 38 -3.32 -2.42 -10.85
CA ILE A 38 -4.45 -2.02 -11.68
C ILE A 38 -5.55 -3.06 -11.67
N GLY A 39 -6.79 -2.60 -11.64
CA GLY A 39 -7.92 -3.51 -11.63
C GLY A 39 -8.96 -3.14 -10.59
N GLY A 40 -9.07 -1.84 -10.30
CA GLY A 40 -10.03 -1.37 -9.32
C GLY A 40 -10.71 -0.09 -9.74
N ASP A 41 -10.45 0.99 -9.01
CA ASP A 41 -11.03 2.29 -9.32
C ASP A 41 -10.10 3.11 -10.20
N GLN A 42 -10.53 4.33 -10.52
CA GLN A 42 -9.73 5.21 -11.37
C GLN A 42 -8.25 5.09 -11.04
N GLY A 43 -7.92 5.20 -9.75
CA GLY A 43 -6.53 5.09 -9.34
C GLY A 43 -6.39 4.66 -7.89
N TRP A 44 -6.62 3.37 -7.64
CA TRP A 44 -6.53 2.83 -6.29
C TRP A 44 -5.62 1.60 -6.26
N TRP A 45 -5.50 0.99 -5.09
CA TRP A 45 -4.67 -0.19 -4.93
C TRP A 45 -5.33 -1.20 -4.00
N LYS A 46 -4.89 -2.46 -4.08
CA LYS A 46 -5.44 -3.51 -3.24
C LYS A 46 -4.32 -4.26 -2.53
N GLY A 47 -4.27 -4.11 -1.21
CA GLY A 47 -3.25 -4.79 -0.43
C GLY A 47 -3.81 -5.43 0.82
N GLU A 48 -2.94 -5.67 1.80
CA GLU A 48 -3.35 -6.29 3.06
C GLU A 48 -2.51 -5.78 4.23
N THR A 49 -3.18 -5.50 5.34
CA THR A 49 -2.49 -4.99 6.53
C THR A 49 -3.35 -5.17 7.77
N ASN A 50 -2.74 -5.71 8.83
CA ASN A 50 -3.45 -5.94 10.09
C ASN A 50 -4.58 -6.94 9.89
N GLY A 51 -4.43 -7.83 8.92
CA GLY A 51 -5.45 -8.83 8.65
C GLY A 51 -6.69 -8.25 8.00
N ARG A 52 -6.49 -7.24 7.16
CA ARG A 52 -7.60 -6.58 6.49
C ARG A 52 -7.29 -6.39 5.00
N ILE A 53 -8.14 -6.97 4.15
CA ILE A 53 -7.97 -6.87 2.71
C ILE A 53 -9.08 -6.05 2.08
N GLY A 54 -8.71 -5.05 1.30
CA GLY A 54 -9.69 -4.21 0.64
C GLY A 54 -9.06 -3.12 -0.20
N TRP A 55 -9.88 -2.18 -0.67
CA TRP A 55 -9.38 -1.08 -1.50
C TRP A 55 -8.94 0.10 -0.64
N PHE A 56 -7.74 0.59 -0.90
CA PHE A 56 -7.19 1.71 -0.14
C PHE A 56 -6.63 2.78 -1.09
N PRO A 57 -6.80 4.05 -0.70
CA PRO A 57 -6.32 5.18 -1.49
C PRO A 57 -4.79 5.28 -1.51
N SER A 58 -4.21 5.19 -2.70
CA SER A 58 -2.76 5.27 -2.84
C SER A 58 -2.25 6.66 -2.50
N THR A 59 -3.08 7.66 -2.75
CA THR A 59 -2.73 9.05 -2.47
C THR A 59 -2.53 9.28 -0.99
N TYR A 60 -2.98 8.33 -0.17
CA TYR A 60 -2.86 8.42 1.27
C TYR A 60 -1.61 7.71 1.76
N VAL A 61 -1.02 6.88 0.90
CA VAL A 61 0.19 6.14 1.24
C VAL A 61 1.36 6.56 0.36
N GLU A 62 2.51 5.94 0.59
CA GLU A 62 3.70 6.25 -0.19
C GLU A 62 4.53 4.99 -0.45
N GLU A 63 4.90 4.77 -1.71
CA GLU A 63 5.68 3.61 -2.09
C GLU A 63 7.11 3.72 -1.59
N GLU A 64 7.47 2.90 -0.60
CA GLU A 64 8.81 2.92 -0.03
C GLU A 64 9.84 2.44 -1.04
N GLY A 65 11.10 2.76 -0.80
CA GLY A 65 12.16 2.36 -1.70
C GLY A 65 13.53 2.81 -1.23
N ILE A 66 13.98 2.26 -0.11
CA ILE A 66 15.29 2.62 0.44
C ILE A 66 16.40 2.32 -0.55
N GLN A 67 17.61 2.75 -0.21
CA GLN A 67 18.78 2.53 -1.08
C GLN A 67 19.26 1.08 -0.97
N SER A 68 19.52 0.47 -2.13
CA SER A 68 19.99 -0.91 -2.17
C SER A 68 21.37 -1.00 -2.79
N GLY A 69 22.08 -2.08 -2.51
CA GLY A 69 23.41 -2.28 -3.05
C GLY A 69 24.48 -2.33 -1.97
N PRO A 70 25.10 -1.17 -1.69
CA PRO A 70 26.15 -1.07 -0.68
C PRO A 70 25.60 -1.22 0.74
N SER A 71 24.28 -1.14 0.87
CA SER A 71 23.63 -1.27 2.17
C SER A 71 24.29 -2.38 3.00
N SER A 72 24.49 -2.10 4.28
CA SER A 72 25.12 -3.08 5.17
C SER A 72 24.15 -3.50 6.27
N GLY A 73 23.96 -4.80 6.42
CA GLY A 73 23.05 -5.32 7.43
C GLY A 73 22.68 -6.76 7.20
N GLY A 1 11.84 -18.65 -10.58
CA GLY A 1 11.10 -19.56 -9.73
C GLY A 1 11.48 -19.43 -8.26
N SER A 2 11.60 -18.20 -7.79
CA SER A 2 11.97 -17.95 -6.40
C SER A 2 10.89 -17.15 -5.69
N SER A 3 10.66 -17.49 -4.42
CA SER A 3 9.64 -16.81 -3.63
C SER A 3 10.21 -16.40 -2.27
N GLY A 4 9.80 -15.22 -1.80
CA GLY A 4 10.27 -14.72 -0.52
C GLY A 4 9.71 -13.36 -0.19
N SER A 5 9.93 -12.40 -1.07
CA SER A 5 9.45 -11.04 -0.86
C SER A 5 9.51 -10.22 -2.15
N SER A 6 8.68 -9.19 -2.22
CA SER A 6 8.63 -8.34 -3.41
C SER A 6 8.72 -6.87 -3.02
N GLY A 7 9.07 -6.02 -3.98
CA GLY A 7 9.18 -4.60 -3.72
C GLY A 7 7.92 -3.84 -4.10
N GLY A 8 6.79 -4.27 -3.54
CA GLY A 8 5.53 -3.61 -3.83
C GLY A 8 4.75 -3.28 -2.57
N THR A 9 5.41 -2.62 -1.62
CA THR A 9 4.78 -2.24 -0.36
C THR A 9 4.83 -0.73 -0.16
N ALA A 10 3.79 -0.19 0.48
CA ALA A 10 3.72 1.23 0.74
C ALA A 10 3.50 1.51 2.22
N VAL A 11 3.51 2.79 2.59
CA VAL A 11 3.31 3.18 3.98
C VAL A 11 2.27 4.30 4.08
N ALA A 12 1.28 4.10 4.95
CA ALA A 12 0.22 5.09 5.15
C ALA A 12 0.78 6.36 5.78
N ARG A 13 0.71 7.47 5.05
CA ARG A 13 1.21 8.75 5.54
C ARG A 13 0.10 9.52 6.23
N TYR A 14 -1.10 8.97 6.22
CA TYR A 14 -2.25 9.61 6.85
C TYR A 14 -3.28 8.59 7.28
N ASN A 15 -3.95 8.86 8.40
CA ASN A 15 -4.97 7.95 8.93
C ASN A 15 -6.25 8.04 8.10
N PHE A 16 -6.60 6.94 7.45
CA PHE A 16 -7.81 6.90 6.63
C PHE A 16 -8.81 5.89 7.20
N ALA A 17 -10.05 6.34 7.36
CA ALA A 17 -11.11 5.49 7.88
C ALA A 17 -12.06 5.05 6.78
N ALA A 18 -11.97 3.78 6.40
CA ALA A 18 -12.82 3.23 5.35
C ALA A 18 -14.30 3.43 5.69
N ARG A 19 -15.08 3.81 4.68
CA ARG A 19 -16.51 4.05 4.87
C ARG A 19 -17.30 2.75 4.72
N ASP A 20 -16.90 1.94 3.75
CA ASP A 20 -17.58 0.67 3.49
C ASP A 20 -16.59 -0.49 3.60
N MET A 21 -17.12 -1.71 3.60
CA MET A 21 -16.30 -2.91 3.69
C MET A 21 -15.34 -3.00 2.51
N ARG A 22 -15.85 -2.73 1.31
CA ARG A 22 -15.04 -2.78 0.10
C ARG A 22 -13.74 -2.01 0.29
N GLU A 23 -13.83 -0.86 0.95
CA GLU A 23 -12.66 -0.02 1.19
C GLU A 23 -11.74 -0.67 2.22
N LEU A 24 -10.59 -0.03 2.44
CA LEU A 24 -9.62 -0.53 3.41
C LEU A 24 -9.08 0.60 4.28
N SER A 25 -9.18 0.43 5.60
CA SER A 25 -8.70 1.44 6.54
C SER A 25 -7.17 1.51 6.52
N LEU A 26 -6.65 2.67 6.90
CA LEU A 26 -5.20 2.86 6.93
C LEU A 26 -4.80 3.68 8.15
N ARG A 27 -3.69 3.29 8.78
CA ARG A 27 -3.19 3.98 9.96
C ARG A 27 -1.77 4.48 9.74
N GLU A 28 -1.49 5.68 10.22
CA GLU A 28 -0.16 6.28 10.07
C GLU A 28 0.93 5.27 10.44
N GLY A 29 1.60 4.74 9.42
CA GLY A 29 2.65 3.78 9.65
C GLY A 29 2.33 2.42 9.07
N ASP A 30 1.07 2.04 9.12
CA ASP A 30 0.63 0.75 8.59
C ASP A 30 1.19 0.51 7.19
N VAL A 31 1.93 -0.58 7.03
CA VAL A 31 2.53 -0.92 5.75
C VAL A 31 1.64 -1.85 4.96
N VAL A 32 1.18 -1.39 3.79
CA VAL A 32 0.32 -2.19 2.93
C VAL A 32 1.11 -2.80 1.77
N ARG A 33 0.74 -4.02 1.40
CA ARG A 33 1.40 -4.70 0.30
C ARG A 33 0.56 -4.66 -0.97
N ILE A 34 0.95 -3.80 -1.90
CA ILE A 34 0.24 -3.66 -3.16
C ILE A 34 0.22 -4.97 -3.95
N TYR A 35 -0.97 -5.52 -4.14
CA TYR A 35 -1.11 -6.78 -4.88
C TYR A 35 -1.51 -6.52 -6.32
N SER A 36 -2.60 -5.79 -6.51
CA SER A 36 -3.09 -5.48 -7.85
C SER A 36 -3.02 -3.98 -8.11
N ARG A 37 -2.73 -3.62 -9.36
CA ARG A 37 -2.62 -2.22 -9.76
C ARG A 37 -3.91 -1.73 -10.40
N ILE A 38 -4.47 -2.57 -11.28
CA ILE A 38 -5.71 -2.23 -11.98
C ILE A 38 -6.88 -3.04 -11.45
N GLY A 39 -8.10 -2.59 -11.75
CA GLY A 39 -9.28 -3.29 -11.30
C GLY A 39 -10.31 -2.37 -10.69
N GLY A 40 -9.85 -1.31 -10.03
CA GLY A 40 -10.75 -0.36 -9.42
C GLY A 40 -10.77 0.97 -10.14
N ASP A 41 -11.10 2.04 -9.40
CA ASP A 41 -11.15 3.38 -9.98
C ASP A 41 -9.78 3.81 -10.46
N GLN A 42 -9.72 4.98 -11.10
CA GLN A 42 -8.46 5.50 -11.62
C GLN A 42 -7.61 6.08 -10.49
N GLY A 43 -6.71 5.26 -9.96
CA GLY A 43 -5.85 5.71 -8.89
C GLY A 43 -6.10 4.97 -7.58
N TRP A 44 -6.37 3.67 -7.69
CA TRP A 44 -6.63 2.85 -6.51
C TRP A 44 -5.96 1.48 -6.64
N TRP A 45 -5.49 0.95 -5.51
CA TRP A 45 -4.83 -0.34 -5.49
C TRP A 45 -5.43 -1.25 -4.42
N LYS A 46 -5.05 -2.52 -4.45
CA LYS A 46 -5.55 -3.49 -3.48
C LYS A 46 -4.40 -4.15 -2.72
N GLY A 47 -4.46 -4.11 -1.40
CA GLY A 47 -3.42 -4.71 -0.59
C GLY A 47 -3.97 -5.36 0.67
N GLU A 48 -3.13 -5.48 1.69
CA GLU A 48 -3.54 -6.10 2.94
C GLU A 48 -2.63 -5.66 4.08
N THR A 49 -3.22 -5.36 5.23
CA THR A 49 -2.46 -4.93 6.40
C THR A 49 -3.28 -5.08 7.68
N ASN A 50 -2.64 -5.57 8.73
CA ASN A 50 -3.32 -5.76 10.02
C ASN A 50 -4.49 -6.72 9.87
N GLY A 51 -4.36 -7.68 8.96
CA GLY A 51 -5.40 -8.65 8.75
C GLY A 51 -6.65 -8.04 8.14
N ARG A 52 -6.46 -7.04 7.28
CA ARG A 52 -7.57 -6.37 6.63
C ARG A 52 -7.30 -6.19 5.14
N ILE A 53 -8.17 -6.77 4.31
CA ILE A 53 -8.03 -6.67 2.86
C ILE A 53 -9.12 -5.78 2.26
N GLY A 54 -8.74 -4.98 1.27
CA GLY A 54 -9.70 -4.11 0.63
C GLY A 54 -9.03 -3.08 -0.27
N TRP A 55 -9.82 -2.12 -0.75
CA TRP A 55 -9.30 -1.07 -1.61
C TRP A 55 -8.86 0.14 -0.80
N PHE A 56 -7.89 0.88 -1.32
CA PHE A 56 -7.38 2.07 -0.64
C PHE A 56 -6.65 2.99 -1.62
N PRO A 57 -6.77 4.30 -1.41
CA PRO A 57 -6.13 5.31 -2.25
C PRO A 57 -4.60 5.32 -2.08
N SER A 58 -3.89 5.10 -3.19
CA SER A 58 -2.44 5.08 -3.16
C SER A 58 -1.89 6.43 -2.70
N THR A 59 -2.68 7.48 -2.88
CA THR A 59 -2.28 8.82 -2.49
C THR A 59 -2.09 8.92 -0.98
N TYR A 60 -2.97 8.27 -0.24
CA TYR A 60 -2.91 8.28 1.22
C TYR A 60 -1.65 7.58 1.72
N VAL A 61 -1.03 6.80 0.84
CA VAL A 61 0.18 6.06 1.19
C VAL A 61 1.35 6.47 0.29
N GLU A 62 2.51 5.88 0.53
CA GLU A 62 3.69 6.16 -0.26
C GLU A 62 4.44 4.89 -0.62
N GLU A 63 4.75 4.73 -1.91
CA GLU A 63 5.46 3.54 -2.38
C GLU A 63 6.93 3.61 -1.98
N GLU A 64 7.40 2.54 -1.33
CA GLU A 64 8.79 2.47 -0.89
C GLU A 64 9.64 1.70 -1.90
N GLY A 65 10.94 1.97 -1.90
CA GLY A 65 11.84 1.29 -2.82
C GLY A 65 13.25 1.20 -2.27
N ILE A 66 13.52 0.14 -1.50
CA ILE A 66 14.83 -0.07 -0.91
C ILE A 66 15.94 0.31 -1.89
N GLN A 67 15.75 -0.08 -3.16
CA GLN A 67 16.73 0.22 -4.19
C GLN A 67 16.04 0.55 -5.51
N SER A 68 16.51 1.61 -6.17
CA SER A 68 15.93 2.05 -7.43
C SER A 68 16.98 2.00 -8.54
N GLY A 69 16.68 1.27 -9.61
CA GLY A 69 17.60 1.18 -10.72
C GLY A 69 18.11 -0.24 -10.93
N PRO A 70 19.17 -0.61 -10.18
CA PRO A 70 19.77 -1.95 -10.27
C PRO A 70 18.86 -3.03 -9.70
N SER A 71 18.84 -4.19 -10.35
CA SER A 71 18.02 -5.31 -9.90
C SER A 71 18.79 -6.21 -8.96
N SER A 72 18.49 -6.12 -7.67
CA SER A 72 19.16 -6.94 -6.66
C SER A 72 18.21 -7.99 -6.09
N GLY A 73 18.72 -9.19 -5.90
CA GLY A 73 17.91 -10.27 -5.36
C GLY A 73 17.76 -11.43 -6.32
N GLY A 1 8.85 -13.88 12.25
CA GLY A 1 7.64 -13.45 11.57
C GLY A 1 7.50 -14.08 10.21
N SER A 2 7.55 -13.26 9.16
CA SER A 2 7.42 -13.73 7.79
C SER A 2 8.70 -13.50 7.01
N SER A 3 9.22 -12.28 7.09
CA SER A 3 10.44 -11.91 6.38
C SER A 3 10.44 -12.50 4.97
N GLY A 4 9.31 -12.40 4.30
CA GLY A 4 9.20 -12.92 2.95
C GLY A 4 9.82 -12.01 1.92
N SER A 5 9.40 -12.16 0.66
CA SER A 5 9.92 -11.34 -0.42
C SER A 5 9.26 -9.96 -0.44
N SER A 6 9.81 -9.04 0.38
CA SER A 6 9.28 -7.70 0.46
C SER A 6 9.35 -6.99 -0.89
N GLY A 7 8.19 -6.68 -1.46
CA GLY A 7 8.15 -6.01 -2.74
C GLY A 7 6.86 -5.23 -2.95
N GLY A 8 6.93 -4.19 -3.78
CA GLY A 8 5.76 -3.38 -4.04
C GLY A 8 4.93 -3.13 -2.81
N THR A 9 5.51 -2.43 -1.83
CA THR A 9 4.83 -2.13 -0.59
C THR A 9 4.81 -0.62 -0.33
N ALA A 10 3.73 -0.15 0.30
CA ALA A 10 3.59 1.27 0.62
C ALA A 10 3.25 1.47 2.08
N VAL A 11 3.48 2.69 2.57
CA VAL A 11 3.20 3.01 3.96
C VAL A 11 2.19 4.16 4.07
N ALA A 12 1.24 4.01 4.99
CA ALA A 12 0.21 5.02 5.20
C ALA A 12 0.80 6.28 5.81
N ARG A 13 0.81 7.37 5.03
CA ARG A 13 1.35 8.64 5.51
C ARG A 13 0.28 9.45 6.24
N TYR A 14 -0.96 8.97 6.18
CA TYR A 14 -2.07 9.65 6.83
C TYR A 14 -3.18 8.67 7.18
N ASN A 15 -3.85 8.92 8.29
CA ASN A 15 -4.94 8.05 8.75
C ASN A 15 -6.15 8.18 7.83
N PHE A 16 -6.79 7.06 7.52
CA PHE A 16 -7.96 7.05 6.66
C PHE A 16 -9.05 6.15 7.22
N ALA A 17 -10.28 6.64 7.24
CA ALA A 17 -11.41 5.87 7.75
C ALA A 17 -12.23 5.28 6.61
N ALA A 18 -12.00 4.00 6.33
CA ALA A 18 -12.72 3.31 5.27
C ALA A 18 -14.21 3.61 5.34
N ARG A 19 -14.75 4.15 4.25
CA ARG A 19 -16.17 4.49 4.18
C ARG A 19 -17.02 3.23 4.25
N ASP A 20 -16.60 2.19 3.56
CA ASP A 20 -17.32 0.93 3.55
C ASP A 20 -16.37 -0.25 3.67
N MET A 21 -16.92 -1.45 3.81
CA MET A 21 -16.12 -2.66 3.92
C MET A 21 -15.23 -2.85 2.70
N ARG A 22 -15.83 -2.70 1.52
CA ARG A 22 -15.09 -2.86 0.28
C ARG A 22 -13.72 -2.18 0.36
N GLU A 23 -13.70 -0.98 0.92
CA GLU A 23 -12.46 -0.23 1.06
C GLU A 23 -11.62 -0.77 2.21
N LEU A 24 -10.46 -0.16 2.43
CA LEU A 24 -9.57 -0.58 3.51
C LEU A 24 -8.99 0.62 4.24
N SER A 25 -9.21 0.66 5.55
CA SER A 25 -8.72 1.77 6.37
C SER A 25 -7.20 1.74 6.46
N LEU A 26 -6.60 2.92 6.59
CA LEU A 26 -5.15 3.04 6.68
C LEU A 26 -4.74 3.79 7.94
N ARG A 27 -3.74 3.27 8.64
CA ARG A 27 -3.24 3.89 9.87
C ARG A 27 -1.79 4.32 9.71
N GLU A 28 -1.47 5.49 10.24
CA GLU A 28 -0.11 6.02 10.16
C GLU A 28 0.91 4.94 10.51
N GLY A 29 1.71 4.54 9.51
CA GLY A 29 2.72 3.52 9.73
C GLY A 29 2.34 2.20 9.09
N ASP A 30 1.05 1.88 9.11
CA ASP A 30 0.57 0.63 8.53
C ASP A 30 1.17 0.41 7.15
N VAL A 31 1.93 -0.68 7.01
CA VAL A 31 2.57 -1.01 5.74
C VAL A 31 1.68 -1.93 4.91
N VAL A 32 1.13 -1.39 3.82
CA VAL A 32 0.27 -2.16 2.93
C VAL A 32 1.06 -2.77 1.79
N ARG A 33 0.72 -4.00 1.43
CA ARG A 33 1.40 -4.69 0.34
C ARG A 33 0.56 -4.67 -0.93
N ILE A 34 0.94 -3.82 -1.87
CA ILE A 34 0.22 -3.69 -3.13
C ILE A 34 0.25 -5.00 -3.92
N TYR A 35 -0.87 -5.71 -3.93
CA TYR A 35 -0.97 -6.97 -4.64
C TYR A 35 -1.28 -6.75 -6.12
N SER A 36 -2.37 -6.05 -6.39
CA SER A 36 -2.78 -5.77 -7.76
C SER A 36 -2.92 -4.27 -7.99
N ARG A 37 -2.59 -3.82 -9.20
CA ARG A 37 -2.68 -2.40 -9.54
C ARG A 37 -3.86 -2.14 -10.46
N ILE A 38 -4.10 -3.06 -11.39
CA ILE A 38 -5.21 -2.93 -12.33
C ILE A 38 -6.45 -3.66 -11.82
N GLY A 39 -7.62 -3.05 -12.06
CA GLY A 39 -8.86 -3.66 -11.62
C GLY A 39 -9.76 -2.66 -10.91
N GLY A 40 -9.18 -1.80 -10.11
CA GLY A 40 -9.95 -0.81 -9.38
C GLY A 40 -10.06 0.51 -10.14
N ASP A 41 -10.57 1.53 -9.46
CA ASP A 41 -10.74 2.84 -10.08
C ASP A 41 -9.38 3.44 -10.45
N GLN A 42 -9.42 4.53 -11.21
CA GLN A 42 -8.19 5.20 -11.65
C GLN A 42 -7.54 5.94 -10.49
N GLY A 43 -6.66 5.25 -9.76
CA GLY A 43 -5.98 5.86 -8.63
C GLY A 43 -6.17 5.08 -7.34
N TRP A 44 -6.43 3.78 -7.48
CA TRP A 44 -6.64 2.91 -6.31
C TRP A 44 -5.98 1.56 -6.52
N TRP A 45 -5.52 0.96 -5.43
CA TRP A 45 -4.86 -0.34 -5.49
C TRP A 45 -5.49 -1.32 -4.50
N LYS A 46 -5.00 -2.56 -4.50
CA LYS A 46 -5.52 -3.58 -3.60
C LYS A 46 -4.38 -4.30 -2.88
N GLY A 47 -4.23 -4.00 -1.59
CA GLY A 47 -3.18 -4.63 -0.80
C GLY A 47 -3.72 -5.32 0.43
N GLU A 48 -2.96 -5.23 1.53
CA GLU A 48 -3.36 -5.85 2.79
C GLU A 48 -2.45 -5.40 3.93
N THR A 49 -3.04 -5.19 5.10
CA THR A 49 -2.29 -4.76 6.27
C THR A 49 -3.02 -5.11 7.55
N ASN A 50 -2.30 -5.69 8.51
CA ASN A 50 -2.89 -6.06 9.79
C ASN A 50 -4.01 -7.09 9.59
N GLY A 51 -3.81 -7.99 8.64
CA GLY A 51 -4.81 -9.01 8.37
C GLY A 51 -6.11 -8.42 7.83
N ARG A 52 -5.98 -7.40 7.00
CA ARG A 52 -7.14 -6.74 6.41
C ARG A 52 -6.94 -6.51 4.91
N ILE A 53 -7.88 -6.98 4.12
CA ILE A 53 -7.81 -6.83 2.67
C ILE A 53 -8.96 -5.95 2.14
N GLY A 54 -8.63 -5.04 1.24
CA GLY A 54 -9.64 -4.17 0.67
C GLY A 54 -9.04 -3.07 -0.19
N TRP A 55 -9.90 -2.23 -0.74
CA TRP A 55 -9.44 -1.13 -1.58
C TRP A 55 -9.08 0.10 -0.75
N PHE A 56 -7.90 0.64 -1.00
CA PHE A 56 -7.43 1.82 -0.26
C PHE A 56 -6.84 2.85 -1.21
N PRO A 57 -6.92 4.13 -0.81
CA PRO A 57 -6.40 5.24 -1.61
C PRO A 57 -4.88 5.25 -1.68
N SER A 58 -4.34 5.19 -2.89
CA SER A 58 -2.89 5.19 -3.07
C SER A 58 -2.32 6.59 -2.88
N THR A 59 -3.20 7.56 -2.65
CA THR A 59 -2.78 8.94 -2.45
C THR A 59 -2.55 9.24 -0.98
N TYR A 60 -2.87 8.28 -0.13
CA TYR A 60 -2.70 8.43 1.31
C TYR A 60 -1.49 7.65 1.80
N VAL A 61 -0.90 6.86 0.91
CA VAL A 61 0.27 6.06 1.25
C VAL A 61 1.48 6.46 0.42
N GLU A 62 2.65 5.95 0.79
CA GLU A 62 3.88 6.27 0.07
C GLU A 62 4.57 4.99 -0.40
N GLU A 63 4.82 4.90 -1.71
CA GLU A 63 5.48 3.74 -2.28
C GLU A 63 6.94 3.67 -1.85
N GLU A 64 7.22 2.85 -0.84
CA GLU A 64 8.59 2.70 -0.34
C GLU A 64 9.25 1.47 -0.95
N GLY A 65 10.57 1.54 -1.11
CA GLY A 65 11.31 0.43 -1.68
C GLY A 65 12.67 0.25 -1.03
N ILE A 66 13.68 0.92 -1.57
CA ILE A 66 15.04 0.83 -1.05
C ILE A 66 15.32 1.96 -0.06
N GLN A 67 15.74 1.59 1.14
CA GLN A 67 16.05 2.58 2.18
C GLN A 67 17.48 2.41 2.68
N SER A 68 18.17 3.53 2.88
CA SER A 68 19.55 3.50 3.36
C SER A 68 19.61 3.76 4.86
N GLY A 69 20.16 2.79 5.58
CA GLY A 69 20.27 2.92 7.03
C GLY A 69 21.51 3.67 7.45
N PRO A 70 21.42 4.44 8.55
CA PRO A 70 22.53 5.22 9.07
C PRO A 70 23.63 4.34 9.66
N SER A 71 24.77 4.29 8.98
CA SER A 71 25.90 3.48 9.43
C SER A 71 26.84 4.30 10.30
N SER A 72 27.59 3.62 11.17
CA SER A 72 28.52 4.29 12.07
C SER A 72 29.95 3.83 11.79
N GLY A 73 30.88 4.78 11.74
CA GLY A 73 32.26 4.44 11.49
C GLY A 73 33.20 5.04 12.52
#